data_1V5Q
#
_entry.id   1V5Q
#
_entity_poly.entity_id   1
_entity_poly.type   'polypeptide(L)'
_entity_poly.pdbx_seq_one_letter_code
;GSSGSSGAGQVVHTETTEVVLTADPVTGFGIQLQGSVFATETLSSPPLISYIEADSPAERCGVLQIGDRVMAINGIPTED
STFEEANQLLRDSSITSKVTLEIEFDVAESVIPSSGSGPSSG
;
_entity_poly.pdbx_strand_id   A
#
# COMPACT_ATOMS: atom_id res chain seq x y z
N GLY A 1 10.16 16.06 18.27
CA GLY A 1 9.67 16.21 16.91
C GLY A 1 10.82 16.32 15.92
N SER A 2 11.44 17.49 15.90
CA SER A 2 12.55 17.72 15.01
C SER A 2 13.87 17.40 15.70
N SER A 3 14.75 16.73 14.98
CA SER A 3 16.05 16.35 15.52
C SER A 3 17.16 16.92 14.64
N GLY A 4 17.52 18.16 14.94
CA GLY A 4 18.58 18.82 14.18
C GLY A 4 18.11 20.19 13.69
N SER A 5 19.07 21.04 13.37
CA SER A 5 18.77 22.37 12.88
C SER A 5 17.67 22.30 11.83
N SER A 6 16.47 22.72 12.24
CA SER A 6 15.33 22.71 11.34
C SER A 6 15.31 23.99 10.51
N GLY A 7 14.51 23.96 9.46
CA GLY A 7 14.39 25.11 8.57
C GLY A 7 14.16 24.66 7.13
N ALA A 8 15.13 24.96 6.28
CA ALA A 8 15.05 24.59 4.88
C ALA A 8 15.25 23.09 4.73
N GLY A 9 14.14 22.37 4.89
CA GLY A 9 14.19 20.92 4.78
C GLY A 9 13.00 20.40 3.96
N GLN A 10 13.23 20.31 2.66
CA GLN A 10 12.19 19.84 1.76
C GLN A 10 12.07 18.31 1.84
N VAL A 11 10.88 17.83 1.53
CA VAL A 11 10.63 16.39 1.57
C VAL A 11 10.19 15.92 0.18
N VAL A 12 10.29 14.62 -0.03
CA VAL A 12 9.92 14.03 -1.30
C VAL A 12 8.39 13.85 -1.35
N HIS A 13 7.89 13.66 -2.56
CA HIS A 13 6.46 13.48 -2.75
C HIS A 13 6.13 11.98 -2.81
N THR A 14 4.85 11.69 -2.69
CA THR A 14 4.39 10.31 -2.73
C THR A 14 3.27 10.14 -3.76
N GLU A 15 3.29 8.99 -4.42
CA GLU A 15 2.28 8.70 -5.43
C GLU A 15 1.44 7.51 -5.00
N THR A 16 0.45 7.19 -5.83
CA THR A 16 -0.44 6.07 -5.55
C THR A 16 -0.56 5.17 -6.78
N THR A 17 -0.60 3.87 -6.52
CA THR A 17 -0.71 2.89 -7.59
C THR A 17 -1.89 1.96 -7.33
N GLU A 18 -2.59 1.62 -8.41
CA GLU A 18 -3.73 0.74 -8.31
C GLU A 18 -3.33 -0.70 -8.65
N VAL A 19 -3.58 -1.58 -7.70
CA VAL A 19 -3.25 -2.98 -7.88
C VAL A 19 -4.49 -3.74 -8.38
N VAL A 20 -4.35 -4.34 -9.55
CA VAL A 20 -5.44 -5.09 -10.15
C VAL A 20 -5.13 -6.59 -10.04
N LEU A 21 -5.83 -7.24 -9.11
CA LEU A 21 -5.64 -8.66 -8.90
C LEU A 21 -6.89 -9.41 -9.40
N THR A 22 -6.65 -10.46 -10.17
CA THR A 22 -7.74 -11.26 -10.70
C THR A 22 -7.93 -12.53 -9.85
N ALA A 23 -9.05 -12.55 -9.15
CA ALA A 23 -9.36 -13.68 -8.29
C ALA A 23 -9.09 -14.98 -9.05
N ASP A 24 -7.94 -15.57 -8.78
CA ASP A 24 -7.56 -16.81 -9.44
C ASP A 24 -8.64 -17.88 -9.17
N PRO A 25 -8.58 -18.96 -9.99
CA PRO A 25 -9.53 -20.04 -9.86
C PRO A 25 -9.21 -20.91 -8.63
N VAL A 26 -8.20 -20.48 -7.90
CA VAL A 26 -7.78 -21.21 -6.71
C VAL A 26 -7.38 -20.20 -5.63
N THR A 27 -6.37 -19.41 -5.95
CA THR A 27 -5.88 -18.41 -5.02
C THR A 27 -6.36 -17.02 -5.43
N GLY A 28 -7.65 -16.80 -5.29
CA GLY A 28 -8.26 -15.53 -5.64
C GLY A 28 -7.21 -14.40 -5.59
N PHE A 29 -7.09 -13.80 -4.42
CA PHE A 29 -6.14 -12.72 -4.23
C PHE A 29 -5.03 -13.13 -3.26
N GLY A 30 -5.38 -14.04 -2.36
CA GLY A 30 -4.42 -14.52 -1.38
C GLY A 30 -3.63 -13.35 -0.77
N ILE A 31 -4.34 -12.50 -0.05
CA ILE A 31 -3.73 -11.35 0.58
C ILE A 31 -4.07 -11.36 2.07
N GLN A 32 -3.09 -10.96 2.87
CA GLN A 32 -3.27 -10.90 4.31
C GLN A 32 -2.99 -9.49 4.84
N LEU A 33 -3.81 -9.08 5.79
CA LEU A 33 -3.65 -7.75 6.39
C LEU A 33 -3.34 -7.90 7.87
N GLN A 34 -2.76 -6.85 8.43
CA GLN A 34 -2.41 -6.85 9.84
C GLN A 34 -3.24 -5.81 10.60
N GLY A 35 -3.77 -6.24 11.73
CA GLY A 35 -4.57 -5.36 12.55
C GLY A 35 -4.98 -6.04 13.86
N SER A 36 -6.28 -5.99 14.15
CA SER A 36 -6.80 -6.60 15.35
C SER A 36 -8.27 -6.99 15.15
N VAL A 37 -8.87 -7.48 16.22
CA VAL A 37 -10.26 -7.89 16.17
C VAL A 37 -11.12 -6.83 16.85
N PHE A 38 -10.64 -6.36 18.00
CA PHE A 38 -11.35 -5.36 18.75
C PHE A 38 -10.71 -3.98 18.59
N ALA A 39 -11.53 -2.95 18.71
CA ALA A 39 -11.05 -1.59 18.58
C ALA A 39 -12.10 -0.62 19.11
N THR A 40 -11.87 0.65 18.86
CA THR A 40 -12.80 1.69 19.31
C THR A 40 -13.60 2.24 18.13
N GLU A 41 -12.89 2.45 17.02
CA GLU A 41 -13.51 2.97 15.82
C GLU A 41 -12.77 2.47 14.58
N THR A 42 -11.46 2.67 14.59
CA THR A 42 -10.64 2.24 13.47
C THR A 42 -9.78 1.04 13.87
N LEU A 43 -8.50 1.12 13.53
CA LEU A 43 -7.57 0.05 13.85
C LEU A 43 -6.32 0.65 14.47
N SER A 44 -6.40 1.93 14.76
CA SER A 44 -5.27 2.63 15.37
C SER A 44 -4.00 2.38 14.55
N SER A 45 -4.21 2.06 13.28
CA SER A 45 -3.09 1.79 12.38
C SER A 45 -3.62 1.38 11.01
N PRO A 46 -2.79 1.68 9.97
CA PRO A 46 -3.16 1.35 8.61
C PRO A 46 -3.00 -0.15 8.34
N PRO A 47 -3.89 -0.68 7.45
CA PRO A 47 -3.85 -2.09 7.12
C PRO A 47 -2.69 -2.40 6.17
N LEU A 48 -1.66 -3.03 6.74
CA LEU A 48 -0.48 -3.38 5.96
C LEU A 48 -0.59 -4.85 5.53
N ILE A 49 -0.03 -5.13 4.36
CA ILE A 49 -0.04 -6.47 3.82
C ILE A 49 0.75 -7.40 4.75
N SER A 50 0.02 -8.13 5.57
CA SER A 50 0.64 -9.05 6.51
C SER A 50 1.43 -10.11 5.74
N TYR A 51 0.73 -10.80 4.85
CA TYR A 51 1.35 -11.84 4.05
C TYR A 51 0.73 -11.91 2.66
N ILE A 52 1.51 -12.42 1.71
CA ILE A 52 1.04 -12.54 0.34
C ILE A 52 1.24 -13.97 -0.13
N GLU A 53 0.12 -14.66 -0.31
CA GLU A 53 0.16 -16.05 -0.76
C GLU A 53 1.07 -16.18 -2.00
N ALA A 54 1.61 -17.37 -2.15
CA ALA A 54 2.49 -17.65 -3.27
C ALA A 54 1.68 -18.22 -4.43
N ASP A 55 2.23 -18.10 -5.63
CA ASP A 55 1.56 -18.59 -6.82
C ASP A 55 0.21 -17.89 -6.99
N SER A 56 0.07 -16.79 -6.26
CA SER A 56 -1.16 -16.01 -6.32
C SER A 56 -0.97 -14.80 -7.22
N PRO A 57 -2.10 -14.11 -7.51
CA PRO A 57 -2.06 -12.92 -8.36
C PRO A 57 -1.49 -11.73 -7.61
N ALA A 58 -1.66 -11.75 -6.29
CA ALA A 58 -1.16 -10.68 -5.45
C ALA A 58 0.36 -10.72 -5.43
N GLU A 59 0.90 -11.91 -5.66
CA GLU A 59 2.34 -12.09 -5.67
C GLU A 59 2.87 -12.03 -7.10
N ARG A 60 2.12 -12.66 -8.00
CA ARG A 60 2.51 -12.68 -9.41
C ARG A 60 2.99 -11.31 -9.85
N CYS A 61 2.22 -10.30 -9.49
CA CYS A 61 2.56 -8.92 -9.84
C CYS A 61 3.88 -8.56 -9.16
N GLY A 62 4.01 -9.00 -7.92
CA GLY A 62 5.21 -8.74 -7.15
C GLY A 62 5.30 -7.26 -6.77
N VAL A 63 4.25 -6.54 -7.10
CA VAL A 63 4.20 -5.11 -6.80
C VAL A 63 3.69 -4.92 -5.37
N LEU A 64 3.16 -6.00 -4.81
CA LEU A 64 2.64 -5.96 -3.46
C LEU A 64 3.69 -6.51 -2.50
N GLN A 65 4.32 -5.60 -1.77
CA GLN A 65 5.34 -5.98 -0.82
C GLN A 65 4.71 -6.31 0.54
N ILE A 66 5.46 -7.06 1.34
CA ILE A 66 4.98 -7.45 2.65
C ILE A 66 5.04 -6.26 3.60
N GLY A 67 3.87 -5.81 4.03
CA GLY A 67 3.78 -4.67 4.93
C GLY A 67 3.62 -3.37 4.15
N ASP A 68 2.89 -3.46 3.04
CA ASP A 68 2.65 -2.30 2.21
C ASP A 68 1.85 -1.27 2.99
N ARG A 69 1.50 -0.19 2.31
CA ARG A 69 0.72 0.88 2.93
C ARG A 69 -0.52 1.19 2.09
N VAL A 70 -1.55 0.39 2.31
CA VAL A 70 -2.79 0.56 1.58
C VAL A 70 -3.52 1.80 2.12
N MET A 71 -3.70 2.77 1.25
CA MET A 71 -4.38 4.00 1.61
C MET A 71 -5.89 3.89 1.39
N ALA A 72 -6.28 2.83 0.70
CA ALA A 72 -7.68 2.59 0.41
C ALA A 72 -7.82 1.25 -0.32
N ILE A 73 -9.04 0.74 -0.31
CA ILE A 73 -9.34 -0.53 -0.95
C ILE A 73 -10.55 -0.36 -1.88
N ASN A 74 -10.26 -0.19 -3.16
CA ASN A 74 -11.32 -0.02 -4.15
C ASN A 74 -12.01 1.33 -3.92
N GLY A 75 -11.25 2.25 -3.34
CA GLY A 75 -11.77 3.58 -3.07
C GLY A 75 -12.12 3.74 -1.58
N ILE A 76 -12.34 2.60 -0.93
CA ILE A 76 -12.68 2.60 0.48
C ILE A 76 -11.53 3.23 1.27
N PRO A 77 -11.89 4.25 2.08
CA PRO A 77 -10.91 4.94 2.90
C PRO A 77 -10.50 4.09 4.11
N THR A 78 -9.40 3.38 3.94
CA THR A 78 -8.90 2.51 5.00
C THR A 78 -8.55 3.34 6.24
N GLU A 79 -9.57 3.59 7.05
CA GLU A 79 -9.39 4.37 8.27
C GLU A 79 -10.67 4.33 9.11
N ASP A 80 -11.20 3.12 9.28
CA ASP A 80 -12.41 2.93 10.06
C ASP A 80 -12.88 1.48 9.92
N SER A 81 -13.93 1.17 10.64
CA SER A 81 -14.49 -0.18 10.63
C SER A 81 -13.55 -1.15 11.34
N THR A 82 -13.78 -2.43 11.10
CA THR A 82 -12.96 -3.46 11.71
C THR A 82 -12.11 -4.17 10.66
N PHE A 83 -10.99 -4.73 11.11
CA PHE A 83 -10.09 -5.44 10.22
C PHE A 83 -10.87 -6.36 9.27
N GLU A 84 -12.01 -6.83 9.75
CA GLU A 84 -12.85 -7.72 8.96
C GLU A 84 -13.37 -6.98 7.72
N GLU A 85 -13.82 -5.75 7.95
CA GLU A 85 -14.33 -4.93 6.86
C GLU A 85 -13.42 -5.02 5.64
N ALA A 86 -12.18 -4.59 5.84
CA ALA A 86 -11.20 -4.61 4.77
C ALA A 86 -11.10 -6.03 4.21
N ASN A 87 -11.00 -6.99 5.12
CA ASN A 87 -10.89 -8.38 4.73
C ASN A 87 -12.09 -8.75 3.85
N GLN A 88 -13.25 -8.25 4.23
CA GLN A 88 -14.46 -8.51 3.48
C GLN A 88 -14.36 -7.93 2.08
N LEU A 89 -13.83 -6.73 2.01
CA LEU A 89 -13.67 -6.04 0.73
C LEU A 89 -13.09 -7.02 -0.28
N LEU A 90 -11.94 -7.57 0.06
CA LEU A 90 -11.27 -8.52 -0.80
C LEU A 90 -12.26 -9.59 -1.26
N ARG A 91 -12.68 -10.40 -0.31
CA ARG A 91 -13.63 -11.47 -0.59
C ARG A 91 -14.67 -10.99 -1.61
N ASP A 92 -15.38 -9.94 -1.23
CA ASP A 92 -16.40 -9.38 -2.11
C ASP A 92 -15.80 -9.15 -3.50
N SER A 93 -14.66 -8.48 -3.52
CA SER A 93 -13.98 -8.17 -4.76
C SER A 93 -13.97 -9.41 -5.66
N SER A 94 -13.92 -10.57 -5.02
CA SER A 94 -13.90 -11.83 -5.75
C SER A 94 -15.06 -11.87 -6.74
N ILE A 95 -16.16 -11.23 -6.35
CA ILE A 95 -17.34 -11.18 -7.20
C ILE A 95 -16.95 -10.70 -8.60
N THR A 96 -16.51 -9.45 -8.65
CA THR A 96 -16.10 -8.87 -9.93
C THR A 96 -14.80 -9.51 -10.42
N SER A 97 -14.23 -10.35 -9.56
CA SER A 97 -13.00 -11.03 -9.89
C SER A 97 -11.87 -10.01 -10.08
N LYS A 98 -12.01 -8.88 -9.40
CA LYS A 98 -11.02 -7.83 -9.49
C LYS A 98 -11.08 -6.97 -8.22
N VAL A 99 -9.91 -6.75 -7.64
CA VAL A 99 -9.81 -5.95 -6.43
C VAL A 99 -8.82 -4.81 -6.64
N THR A 100 -9.18 -3.66 -6.10
CA THR A 100 -8.33 -2.48 -6.23
C THR A 100 -7.73 -2.10 -4.88
N LEU A 101 -6.41 -2.03 -4.85
CA LEU A 101 -5.70 -1.68 -3.63
C LEU A 101 -4.90 -0.39 -3.86
N GLU A 102 -5.23 0.62 -3.07
CA GLU A 102 -4.56 1.90 -3.18
C GLU A 102 -3.28 1.90 -2.32
N ILE A 103 -2.15 1.82 -3.02
CA ILE A 103 -0.86 1.81 -2.35
C ILE A 103 -0.24 3.21 -2.43
N GLU A 104 0.75 3.43 -1.59
CA GLU A 104 1.44 4.71 -1.56
C GLU A 104 2.94 4.49 -1.45
N PHE A 105 3.67 5.06 -2.40
CA PHE A 105 5.12 4.94 -2.44
C PHE A 105 5.78 6.30 -2.62
N ASP A 106 7.10 6.30 -2.57
CA ASP A 106 7.86 7.52 -2.73
C ASP A 106 8.36 7.62 -4.17
N VAL A 107 8.65 8.85 -4.58
CA VAL A 107 9.14 9.09 -5.93
C VAL A 107 10.49 9.81 -5.86
N ALA A 108 11.41 9.35 -6.70
CA ALA A 108 12.74 9.94 -6.74
C ALA A 108 12.63 11.40 -7.16
N GLU A 109 13.44 12.23 -6.52
CA GLU A 109 13.44 13.65 -6.82
C GLU A 109 14.83 14.09 -7.29
N SER A 110 14.89 15.30 -7.82
CA SER A 110 16.15 15.85 -8.31
C SER A 110 17.17 15.91 -7.18
N VAL A 111 18.10 14.95 -7.21
CA VAL A 111 19.13 14.89 -6.20
C VAL A 111 20.25 13.95 -6.68
N ILE A 112 21.48 14.34 -6.38
CA ILE A 112 22.63 13.55 -6.78
C ILE A 112 22.96 12.54 -5.67
N PRO A 113 23.35 11.31 -6.11
CA PRO A 113 23.70 10.27 -5.16
C PRO A 113 25.06 10.52 -4.53
N SER A 114 25.50 9.56 -3.72
CA SER A 114 26.78 9.66 -3.05
C SER A 114 27.86 8.95 -3.88
N SER A 115 29.02 9.58 -3.92
CA SER A 115 30.14 9.01 -4.67
C SER A 115 30.69 7.78 -3.93
N GLY A 116 30.45 6.62 -4.53
CA GLY A 116 30.90 5.37 -3.95
C GLY A 116 30.84 4.24 -4.97
N SER A 117 30.41 3.07 -4.48
CA SER A 117 30.30 1.90 -5.34
C SER A 117 28.92 1.28 -5.19
N GLY A 118 28.23 1.14 -6.32
CA GLY A 118 26.91 0.56 -6.33
C GLY A 118 26.12 1.02 -7.55
N PRO A 119 25.55 2.25 -7.44
CA PRO A 119 24.78 2.82 -8.53
C PRO A 119 25.68 3.29 -9.67
N SER A 120 25.33 2.88 -10.88
CA SER A 120 26.10 3.25 -12.05
C SER A 120 25.21 3.95 -13.07
N SER A 121 25.73 5.03 -13.62
CA SER A 121 24.99 5.80 -14.61
C SER A 121 24.49 4.88 -15.73
N GLY A 122 23.33 5.22 -16.26
CA GLY A 122 22.73 4.45 -17.32
C GLY A 122 21.65 5.25 -18.06
N GLY A 1 9.80 9.83 22.16
CA GLY A 1 9.91 10.42 20.83
C GLY A 1 10.88 11.60 20.84
N SER A 2 12.09 11.35 20.36
CA SER A 2 13.11 12.38 20.32
C SER A 2 14.10 12.07 19.19
N SER A 3 13.71 12.46 17.98
CA SER A 3 14.55 12.23 16.83
C SER A 3 14.99 13.56 16.23
N GLY A 4 16.29 13.69 16.02
CA GLY A 4 16.85 14.91 15.46
C GLY A 4 17.49 14.64 14.09
N SER A 5 17.02 15.40 13.10
CA SER A 5 17.53 15.25 11.75
C SER A 5 17.67 16.63 11.10
N SER A 6 18.85 16.87 10.53
CA SER A 6 19.12 18.13 9.87
C SER A 6 18.24 18.27 8.63
N GLY A 7 17.05 18.81 8.84
CA GLY A 7 16.11 19.01 7.76
C GLY A 7 16.32 20.37 7.08
N ALA A 8 16.48 20.33 5.77
CA ALA A 8 16.68 21.55 5.00
C ALA A 8 15.39 22.37 5.01
N GLY A 9 14.35 21.77 4.44
CA GLY A 9 13.06 22.44 4.37
C GLY A 9 12.10 21.67 3.47
N GLN A 10 12.46 21.61 2.20
CA GLN A 10 11.65 20.90 1.22
C GLN A 10 11.45 19.45 1.64
N VAL A 11 10.32 18.89 1.23
CA VAL A 11 10.01 17.50 1.55
C VAL A 11 9.77 16.73 0.26
N VAL A 12 9.86 15.41 0.37
CA VAL A 12 9.66 14.55 -0.78
C VAL A 12 8.16 14.38 -1.04
N HIS A 13 7.85 13.92 -2.24
CA HIS A 13 6.46 13.71 -2.62
C HIS A 13 6.16 12.21 -2.69
N THR A 14 4.87 11.90 -2.76
CA THR A 14 4.44 10.52 -2.83
C THR A 14 3.48 10.31 -4.00
N GLU A 15 3.41 9.07 -4.46
CA GLU A 15 2.54 8.74 -5.57
C GLU A 15 1.72 7.49 -5.24
N THR A 16 0.52 7.44 -5.79
CA THR A 16 -0.37 6.30 -5.57
C THR A 16 -0.42 5.42 -6.82
N THR A 17 -0.73 4.16 -6.59
CA THR A 17 -0.83 3.20 -7.68
C THR A 17 -2.01 2.25 -7.46
N GLU A 18 -2.62 1.86 -8.56
CA GLU A 18 -3.76 0.95 -8.50
C GLU A 18 -3.33 -0.46 -8.85
N VAL A 19 -3.52 -1.36 -7.90
CA VAL A 19 -3.16 -2.76 -8.10
C VAL A 19 -4.41 -3.56 -8.45
N VAL A 20 -4.40 -4.12 -9.65
CA VAL A 20 -5.52 -4.91 -10.12
C VAL A 20 -5.18 -6.39 -10.00
N LEU A 21 -5.96 -7.07 -9.17
CA LEU A 21 -5.76 -8.49 -8.94
C LEU A 21 -7.01 -9.26 -9.39
N THR A 22 -6.78 -10.30 -10.18
CA THR A 22 -7.87 -11.12 -10.67
C THR A 22 -8.02 -12.39 -9.82
N ALA A 23 -9.11 -12.44 -9.07
CA ALA A 23 -9.38 -13.58 -8.21
C ALA A 23 -9.11 -14.87 -8.99
N ASP A 24 -7.94 -15.44 -8.74
CA ASP A 24 -7.55 -16.68 -9.39
C ASP A 24 -8.60 -17.75 -9.13
N PRO A 25 -8.55 -18.83 -9.95
CA PRO A 25 -9.49 -19.93 -9.82
C PRO A 25 -9.14 -20.80 -8.61
N VAL A 26 -8.12 -20.37 -7.89
CA VAL A 26 -7.67 -21.10 -6.71
C VAL A 26 -7.26 -20.10 -5.63
N THR A 27 -6.26 -19.28 -5.96
CA THR A 27 -5.77 -18.28 -5.04
C THR A 27 -6.27 -16.90 -5.42
N GLY A 28 -7.57 -16.70 -5.25
CA GLY A 28 -8.19 -15.43 -5.58
C GLY A 28 -7.16 -14.30 -5.55
N PHE A 29 -6.98 -13.72 -4.38
CA PHE A 29 -6.03 -12.64 -4.21
C PHE A 29 -4.91 -13.04 -3.25
N GLY A 30 -5.26 -13.92 -2.32
CA GLY A 30 -4.28 -14.39 -1.33
C GLY A 30 -3.54 -13.21 -0.70
N ILE A 31 -4.27 -12.45 0.09
CA ILE A 31 -3.70 -11.30 0.77
C ILE A 31 -4.16 -11.29 2.23
N GLN A 32 -3.24 -10.90 3.10
CA GLN A 32 -3.53 -10.84 4.52
C GLN A 32 -3.22 -9.45 5.07
N LEU A 33 -4.06 -9.00 5.99
CA LEU A 33 -3.89 -7.69 6.60
C LEU A 33 -3.31 -7.86 8.00
N GLN A 34 -2.77 -6.77 8.53
CA GLN A 34 -2.19 -6.77 9.85
C GLN A 34 -3.10 -6.05 10.85
N GLY A 35 -2.95 -6.42 12.11
CA GLY A 35 -3.75 -5.81 13.16
C GLY A 35 -2.89 -4.90 14.05
N SER A 36 -3.19 -4.93 15.34
CA SER A 36 -2.46 -4.13 16.30
C SER A 36 -2.97 -4.41 17.71
N VAL A 37 -2.27 -3.81 18.68
CA VAL A 37 -2.64 -4.00 20.07
C VAL A 37 -3.06 -2.65 20.66
N PHE A 38 -2.32 -1.62 20.27
CA PHE A 38 -2.60 -0.27 20.75
C PHE A 38 -3.29 0.56 19.67
N ALA A 39 -4.29 1.32 20.10
CA ALA A 39 -5.04 2.16 19.19
C ALA A 39 -6.04 3.02 19.99
N THR A 40 -7.01 3.57 19.26
CA THR A 40 -8.02 4.39 19.88
C THR A 40 -9.42 3.89 19.51
N GLU A 41 -9.82 4.23 18.29
CA GLU A 41 -11.13 3.83 17.80
C GLU A 41 -10.99 2.63 16.85
N THR A 42 -9.89 2.61 16.12
CA THR A 42 -9.63 1.55 15.18
C THR A 42 -8.26 0.92 15.46
N LEU A 43 -7.51 0.71 14.37
CA LEU A 43 -6.18 0.12 14.48
C LEU A 43 -5.15 1.24 14.57
N SER A 44 -5.63 2.46 14.75
CA SER A 44 -4.77 3.62 14.86
C SER A 44 -3.61 3.49 13.86
N SER A 45 -3.92 2.86 12.73
CA SER A 45 -2.91 2.68 11.69
C SER A 45 -3.55 1.98 10.48
N PRO A 46 -2.88 2.16 9.31
CA PRO A 46 -3.37 1.55 8.08
C PRO A 46 -3.07 0.04 8.06
N PRO A 47 -3.97 -0.70 7.37
CA PRO A 47 -3.83 -2.15 7.26
C PRO A 47 -2.72 -2.51 6.28
N LEU A 48 -1.60 -2.96 6.82
CA LEU A 48 -0.46 -3.34 6.01
C LEU A 48 -0.58 -4.83 5.63
N ILE A 49 -0.09 -5.14 4.44
CA ILE A 49 -0.13 -6.51 3.96
C ILE A 49 0.67 -7.42 4.90
N SER A 50 -0.05 -8.19 5.69
CA SER A 50 0.58 -9.09 6.64
C SER A 50 1.35 -10.18 5.89
N TYR A 51 0.64 -10.86 5.00
CA TYR A 51 1.25 -11.93 4.22
C TYR A 51 0.70 -11.93 2.79
N ILE A 52 1.44 -12.59 1.91
CA ILE A 52 1.04 -12.67 0.52
C ILE A 52 1.23 -14.11 0.03
N GLU A 53 0.11 -14.80 -0.14
CA GLU A 53 0.13 -16.17 -0.60
C GLU A 53 1.00 -16.30 -1.85
N ALA A 54 1.55 -17.49 -2.04
CA ALA A 54 2.40 -17.76 -3.19
C ALA A 54 1.53 -18.22 -4.36
N ASP A 55 2.13 -18.17 -5.54
CA ASP A 55 1.43 -18.58 -6.75
C ASP A 55 0.11 -17.82 -6.85
N SER A 56 0.05 -16.70 -6.14
CA SER A 56 -1.15 -15.87 -6.15
C SER A 56 -0.93 -14.65 -7.04
N PRO A 57 -2.06 -13.96 -7.35
CA PRO A 57 -2.00 -12.77 -8.18
C PRO A 57 -1.45 -11.58 -7.40
N ALA A 58 -1.50 -11.69 -6.09
CA ALA A 58 -1.02 -10.64 -5.22
C ALA A 58 0.51 -10.65 -5.22
N GLU A 59 1.07 -11.82 -5.47
CA GLU A 59 2.51 -11.99 -5.50
C GLU A 59 3.02 -11.92 -6.95
N ARG A 60 2.27 -12.57 -7.83
CA ARG A 60 2.63 -12.60 -9.23
C ARG A 60 3.07 -11.21 -9.70
N CYS A 61 2.18 -10.25 -9.50
CA CYS A 61 2.46 -8.88 -9.89
C CYS A 61 3.71 -8.41 -9.14
N GLY A 62 3.85 -8.92 -7.92
CA GLY A 62 4.97 -8.56 -7.08
C GLY A 62 4.98 -7.06 -6.78
N VAL A 63 3.84 -6.43 -7.02
CA VAL A 63 3.71 -5.01 -6.78
C VAL A 63 3.21 -4.78 -5.35
N LEU A 64 3.04 -5.88 -4.64
CA LEU A 64 2.58 -5.80 -3.26
C LEU A 64 3.64 -6.43 -2.34
N GLN A 65 4.24 -5.58 -1.53
CA GLN A 65 5.27 -6.03 -0.60
C GLN A 65 4.65 -6.35 0.77
N ILE A 66 5.30 -7.26 1.47
CA ILE A 66 4.83 -7.66 2.78
C ILE A 66 4.94 -6.47 3.74
N GLY A 67 3.79 -5.84 3.99
CA GLY A 67 3.75 -4.69 4.88
C GLY A 67 3.53 -3.40 4.09
N ASP A 68 2.80 -3.53 2.99
CA ASP A 68 2.50 -2.37 2.16
C ASP A 68 1.83 -1.29 2.99
N ARG A 69 1.30 -0.29 2.31
CA ARG A 69 0.63 0.81 2.96
C ARG A 69 -0.70 1.12 2.28
N VAL A 70 -1.51 0.08 2.16
CA VAL A 70 -2.82 0.22 1.52
C VAL A 70 -3.47 1.51 2.01
N MET A 71 -3.71 2.41 1.06
CA MET A 71 -4.33 3.69 1.38
C MET A 71 -5.85 3.61 1.19
N ALA A 72 -6.28 2.59 0.47
CA ALA A 72 -7.69 2.40 0.20
C ALA A 72 -7.90 1.09 -0.56
N ILE A 73 -9.10 0.56 -0.46
CA ILE A 73 -9.44 -0.68 -1.14
C ILE A 73 -10.66 -0.46 -2.02
N ASN A 74 -10.39 -0.08 -3.26
CA ASN A 74 -11.46 0.16 -4.22
C ASN A 74 -12.01 1.58 -4.01
N GLY A 75 -11.27 2.36 -3.24
CA GLY A 75 -11.67 3.72 -2.96
C GLY A 75 -11.99 3.91 -1.47
N ILE A 76 -12.39 2.80 -0.85
CA ILE A 76 -12.73 2.83 0.56
C ILE A 76 -11.50 3.26 1.37
N PRO A 77 -11.76 4.11 2.40
CA PRO A 77 -10.69 4.60 3.25
C PRO A 77 -10.22 3.52 4.22
N THR A 78 -9.00 3.07 4.01
CA THR A 78 -8.41 2.04 4.85
C THR A 78 -7.90 2.65 6.16
N GLU A 79 -8.85 3.10 6.97
CA GLU A 79 -8.52 3.70 8.25
C GLU A 79 -9.78 4.18 8.96
N ASP A 80 -10.84 3.38 8.82
CA ASP A 80 -12.11 3.71 9.45
C ASP A 80 -13.02 2.47 9.41
N SER A 81 -12.53 1.40 10.01
CA SER A 81 -13.28 0.17 10.06
C SER A 81 -12.50 -0.91 10.82
N THR A 82 -13.01 -2.12 10.77
CA THR A 82 -12.37 -3.24 11.44
C THR A 82 -11.54 -4.06 10.45
N PHE A 83 -10.51 -4.70 10.96
CA PHE A 83 -9.63 -5.51 10.13
C PHE A 83 -10.45 -6.44 9.23
N GLU A 84 -11.64 -6.78 9.71
CA GLU A 84 -12.52 -7.66 8.96
C GLU A 84 -13.00 -6.96 7.68
N GLU A 85 -13.37 -5.70 7.85
CA GLU A 85 -13.86 -4.91 6.72
C GLU A 85 -13.01 -5.18 5.48
N ALA A 86 -11.76 -4.74 5.55
CA ALA A 86 -10.83 -4.93 4.45
C ALA A 86 -10.86 -6.39 4.00
N ASN A 87 -10.61 -7.27 4.95
CA ASN A 87 -10.61 -8.69 4.67
C ASN A 87 -11.92 -9.08 4.00
N GLN A 88 -12.92 -8.24 4.21
CA GLN A 88 -14.24 -8.48 3.63
C GLN A 88 -14.32 -7.86 2.23
N LEU A 89 -13.66 -6.73 2.08
CA LEU A 89 -13.66 -6.03 0.80
C LEU A 89 -13.08 -6.96 -0.27
N LEU A 90 -12.41 -8.00 0.18
CA LEU A 90 -11.81 -8.96 -0.73
C LEU A 90 -12.87 -9.96 -1.18
N ARG A 91 -13.52 -10.59 -0.20
CA ARG A 91 -14.55 -11.56 -0.49
C ARG A 91 -15.60 -10.95 -1.42
N ASP A 92 -15.64 -9.63 -1.45
CA ASP A 92 -16.58 -8.92 -2.29
C ASP A 92 -16.06 -8.88 -3.73
N SER A 93 -14.94 -8.18 -3.89
CA SER A 93 -14.33 -8.06 -5.20
C SER A 93 -14.42 -9.39 -5.95
N SER A 94 -14.25 -10.47 -5.21
CA SER A 94 -14.31 -11.81 -5.79
C SER A 94 -15.48 -11.88 -6.78
N ILE A 95 -16.50 -11.09 -6.51
CA ILE A 95 -17.66 -11.07 -7.37
C ILE A 95 -17.24 -10.73 -8.80
N THR A 96 -16.77 -9.50 -8.97
CA THR A 96 -16.33 -9.04 -10.27
C THR A 96 -15.04 -9.76 -10.68
N SER A 97 -14.51 -10.52 -9.74
CA SER A 97 -13.28 -11.27 -9.98
C SER A 97 -12.11 -10.30 -10.14
N LYS A 98 -12.27 -9.12 -9.53
CA LYS A 98 -11.24 -8.10 -9.60
C LYS A 98 -11.30 -7.24 -8.34
N VAL A 99 -10.13 -7.02 -7.75
CA VAL A 99 -10.05 -6.22 -6.54
C VAL A 99 -8.99 -5.13 -6.73
N THR A 100 -9.27 -3.98 -6.16
CA THR A 100 -8.36 -2.85 -6.26
C THR A 100 -7.71 -2.56 -4.91
N LEU A 101 -6.44 -2.18 -4.97
CA LEU A 101 -5.70 -1.87 -3.77
C LEU A 101 -4.90 -0.58 -3.98
N GLU A 102 -5.26 0.43 -3.20
CA GLU A 102 -4.60 1.72 -3.30
C GLU A 102 -3.31 1.71 -2.47
N ILE A 103 -2.20 1.89 -3.16
CA ILE A 103 -0.90 1.90 -2.51
C ILE A 103 -0.27 3.29 -2.65
N GLU A 104 0.72 3.55 -1.82
CA GLU A 104 1.41 4.83 -1.85
C GLU A 104 2.90 4.64 -1.55
N PHE A 105 3.71 5.09 -2.50
CA PHE A 105 5.16 4.98 -2.36
C PHE A 105 5.83 6.35 -2.43
N ASP A 106 7.14 6.34 -2.30
CA ASP A 106 7.92 7.57 -2.35
C ASP A 106 8.62 7.68 -3.70
N VAL A 107 8.96 8.91 -4.05
CA VAL A 107 9.64 9.16 -5.31
C VAL A 107 10.94 9.93 -5.04
N ALA A 108 11.95 9.63 -5.85
CA ALA A 108 13.24 10.27 -5.71
C ALA A 108 13.13 11.72 -6.18
N GLU A 109 14.00 12.57 -5.63
CA GLU A 109 14.00 13.97 -5.99
C GLU A 109 15.33 14.33 -6.67
N SER A 110 15.35 15.53 -7.24
CA SER A 110 16.55 16.01 -7.92
C SER A 110 17.52 16.61 -6.91
N VAL A 111 18.61 15.87 -6.67
CA VAL A 111 19.62 16.32 -5.73
C VAL A 111 21.00 15.98 -6.28
N ILE A 112 21.93 16.89 -6.05
CA ILE A 112 23.30 16.71 -6.51
C ILE A 112 23.88 15.45 -5.86
N PRO A 113 24.88 14.84 -6.57
CA PRO A 113 25.53 13.64 -6.08
C PRO A 113 26.49 13.97 -4.94
N SER A 114 26.97 12.92 -4.29
CA SER A 114 27.90 13.08 -3.19
C SER A 114 28.60 11.75 -2.90
N SER A 115 29.89 11.85 -2.61
CA SER A 115 30.69 10.67 -2.32
C SER A 115 29.93 9.75 -1.37
N GLY A 116 30.03 8.45 -1.64
CA GLY A 116 29.35 7.46 -0.83
C GLY A 116 29.16 6.15 -1.60
N SER A 117 27.90 5.83 -1.84
CA SER A 117 27.56 4.62 -2.56
C SER A 117 26.06 4.55 -2.81
N GLY A 118 25.70 4.45 -4.08
CA GLY A 118 24.30 4.38 -4.46
C GLY A 118 23.89 2.95 -4.82
N PRO A 119 22.80 2.48 -4.19
CA PRO A 119 22.30 1.13 -4.43
C PRO A 119 21.59 1.05 -5.78
N SER A 120 22.39 0.87 -6.82
CA SER A 120 21.86 0.77 -8.16
C SER A 120 21.14 -0.56 -8.35
N SER A 121 19.95 -0.48 -8.91
CA SER A 121 19.15 -1.68 -9.14
C SER A 121 18.15 -1.42 -10.27
N GLY A 122 18.30 -2.19 -11.34
CA GLY A 122 17.41 -2.06 -12.48
C GLY A 122 18.03 -2.70 -13.73
N GLY A 1 25.48 26.18 13.91
CA GLY A 1 24.46 26.78 14.75
C GLY A 1 23.16 26.98 13.97
N SER A 2 23.15 28.01 13.14
CA SER A 2 21.98 28.32 12.33
C SER A 2 20.76 28.48 13.24
N SER A 3 20.39 29.73 13.47
CA SER A 3 19.24 30.03 14.31
C SER A 3 18.77 31.47 14.06
N GLY A 4 17.79 31.59 13.18
CA GLY A 4 17.24 32.89 12.84
C GLY A 4 16.07 32.76 11.87
N SER A 5 15.31 33.85 11.76
CA SER A 5 14.16 33.86 10.87
C SER A 5 14.54 33.26 9.51
N SER A 6 13.83 32.21 9.15
CA SER A 6 14.07 31.54 7.89
C SER A 6 12.76 30.98 7.32
N GLY A 7 12.40 31.47 6.15
CA GLY A 7 11.18 31.04 5.49
C GLY A 7 11.46 29.93 4.47
N ALA A 8 11.34 28.69 4.94
CA ALA A 8 11.58 27.55 4.08
C ALA A 8 10.73 26.37 4.57
N GLY A 9 10.80 25.29 3.81
CA GLY A 9 10.05 24.09 4.15
C GLY A 9 10.38 22.94 3.20
N GLN A 10 11.23 22.04 3.68
CA GLN A 10 11.63 20.89 2.88
C GLN A 10 10.72 19.70 3.17
N VAL A 11 10.20 19.11 2.09
CA VAL A 11 9.32 17.97 2.22
C VAL A 11 9.34 17.16 0.91
N VAL A 12 8.79 15.97 0.98
CA VAL A 12 8.73 15.10 -0.19
C VAL A 12 7.27 14.79 -0.53
N HIS A 13 7.07 14.32 -1.75
CA HIS A 13 5.74 13.98 -2.21
C HIS A 13 5.57 12.46 -2.22
N THR A 14 4.31 12.04 -2.33
CA THR A 14 4.01 10.61 -2.36
C THR A 14 3.05 10.30 -3.52
N GLU A 15 3.32 9.18 -4.17
CA GLU A 15 2.49 8.76 -5.29
C GLU A 15 1.73 7.48 -4.93
N THR A 16 0.62 7.27 -5.64
CA THR A 16 -0.20 6.10 -5.41
C THR A 16 -0.21 5.20 -6.64
N THR A 17 -0.37 3.91 -6.40
CA THR A 17 -0.40 2.94 -7.48
C THR A 17 -1.69 2.11 -7.42
N GLU A 18 -2.10 1.63 -8.57
CA GLU A 18 -3.30 0.82 -8.67
C GLU A 18 -2.96 -0.62 -9.02
N VAL A 19 -3.26 -1.52 -8.10
CA VAL A 19 -2.99 -2.93 -8.30
C VAL A 19 -4.31 -3.67 -8.55
N VAL A 20 -4.43 -4.20 -9.75
CA VAL A 20 -5.63 -4.94 -10.11
C VAL A 20 -5.35 -6.44 -10.06
N LEU A 21 -6.09 -7.11 -9.19
CA LEU A 21 -5.92 -8.55 -9.02
C LEU A 21 -7.22 -9.25 -9.45
N THR A 22 -7.04 -10.40 -10.10
CA THR A 22 -8.17 -11.17 -10.57
C THR A 22 -8.33 -12.43 -9.72
N ALA A 23 -9.39 -12.44 -8.92
CA ALA A 23 -9.67 -13.58 -8.05
C ALA A 23 -9.44 -14.87 -8.84
N ASP A 24 -8.29 -15.47 -8.61
CA ASP A 24 -7.94 -16.71 -9.29
C ASP A 24 -8.98 -17.77 -8.96
N PRO A 25 -8.98 -18.85 -9.77
CA PRO A 25 -9.91 -19.94 -9.58
C PRO A 25 -9.53 -20.81 -8.38
N VAL A 26 -8.46 -20.38 -7.71
CA VAL A 26 -7.97 -21.10 -6.54
C VAL A 26 -7.53 -20.09 -5.48
N THR A 27 -6.54 -19.28 -5.85
CA THR A 27 -6.02 -18.27 -4.94
C THR A 27 -6.53 -16.88 -5.34
N GLY A 28 -7.83 -16.68 -5.14
CA GLY A 28 -8.45 -15.40 -5.47
C GLY A 28 -7.40 -14.28 -5.49
N PHE A 29 -7.19 -13.69 -4.32
CA PHE A 29 -6.22 -12.61 -4.20
C PHE A 29 -5.05 -13.02 -3.31
N GLY A 30 -5.35 -13.90 -2.35
CA GLY A 30 -4.33 -14.38 -1.44
C GLY A 30 -3.54 -13.21 -0.83
N ILE A 31 -4.25 -12.41 -0.03
CA ILE A 31 -3.64 -11.27 0.62
C ILE A 31 -4.05 -11.23 2.09
N GLN A 32 -3.10 -10.84 2.92
CA GLN A 32 -3.35 -10.76 4.35
C GLN A 32 -2.97 -9.37 4.88
N LEU A 33 -3.79 -8.89 5.80
CA LEU A 33 -3.56 -7.58 6.39
C LEU A 33 -3.17 -7.75 7.86
N GLN A 34 -2.54 -6.71 8.41
CA GLN A 34 -2.12 -6.73 9.79
C GLN A 34 -2.94 -5.72 10.61
N GLY A 35 -2.86 -5.88 11.93
CA GLY A 35 -3.58 -4.99 12.83
C GLY A 35 -2.96 -5.02 14.23
N SER A 36 -3.75 -4.60 15.20
CA SER A 36 -3.30 -4.57 16.58
C SER A 36 -4.47 -4.86 17.53
N VAL A 37 -4.18 -4.80 18.82
CA VAL A 37 -5.19 -5.05 19.82
C VAL A 37 -5.53 -3.75 20.55
N PHE A 38 -4.50 -2.92 20.71
CA PHE A 38 -4.67 -1.64 21.38
C PHE A 38 -4.27 -0.48 20.46
N ALA A 39 -4.89 0.67 20.70
CA ALA A 39 -4.62 1.85 19.91
C ALA A 39 -5.65 2.93 20.24
N THR A 40 -5.57 4.03 19.49
CA THR A 40 -6.49 5.13 19.69
C THR A 40 -7.86 4.81 19.11
N GLU A 41 -7.95 4.93 17.79
CA GLU A 41 -9.20 4.65 17.09
C GLU A 41 -9.09 3.33 16.32
N THR A 42 -8.14 3.30 15.40
CA THR A 42 -7.92 2.11 14.60
C THR A 42 -6.48 1.62 14.75
N LEU A 43 -5.89 1.26 13.63
CA LEU A 43 -4.52 0.76 13.63
C LEU A 43 -3.55 1.95 13.52
N SER A 44 -4.10 3.14 13.73
CA SER A 44 -3.30 4.35 13.66
C SER A 44 -2.28 4.24 12.54
N SER A 45 -2.72 3.65 11.43
CA SER A 45 -1.85 3.48 10.28
C SER A 45 -2.55 2.61 9.23
N PRO A 46 -1.92 2.56 8.03
CA PRO A 46 -2.47 1.78 6.93
C PRO A 46 -2.24 0.29 7.15
N PRO A 47 -3.20 -0.53 6.64
CA PRO A 47 -3.12 -1.97 6.78
C PRO A 47 -2.07 -2.56 5.82
N LEU A 48 -0.86 -2.72 6.33
CA LEU A 48 0.23 -3.25 5.54
C LEU A 48 0.01 -4.76 5.35
N ILE A 49 0.12 -5.19 4.10
CA ILE A 49 -0.05 -6.59 3.77
C ILE A 49 0.83 -7.44 4.68
N SER A 50 0.18 -8.20 5.55
CA SER A 50 0.89 -9.06 6.48
C SER A 50 1.59 -10.18 5.71
N TYR A 51 0.81 -10.88 4.90
CA TYR A 51 1.33 -11.99 4.12
C TYR A 51 0.70 -12.02 2.73
N ILE A 52 1.40 -12.66 1.81
CA ILE A 52 0.93 -12.77 0.44
C ILE A 52 0.94 -14.24 0.01
N GLU A 53 -0.25 -14.79 -0.17
CA GLU A 53 -0.38 -16.18 -0.57
C GLU A 53 0.50 -16.46 -1.79
N ALA A 54 0.93 -17.70 -1.90
CA ALA A 54 1.78 -18.11 -3.00
C ALA A 54 0.90 -18.49 -4.19
N ASP A 55 1.52 -18.56 -5.36
CA ASP A 55 0.82 -18.91 -6.57
C ASP A 55 -0.44 -18.05 -6.69
N SER A 56 -0.41 -16.91 -6.02
CA SER A 56 -1.54 -16.00 -6.03
C SER A 56 -1.26 -14.84 -6.99
N PRO A 57 -2.35 -14.11 -7.35
CA PRO A 57 -2.24 -12.98 -8.26
C PRO A 57 -1.64 -11.77 -7.54
N ALA A 58 -1.64 -11.84 -6.22
CA ALA A 58 -1.09 -10.77 -5.42
C ALA A 58 0.44 -10.85 -5.44
N GLU A 59 0.93 -12.06 -5.61
CA GLU A 59 2.37 -12.29 -5.64
C GLU A 59 2.86 -12.34 -7.09
N ARG A 60 1.95 -12.75 -7.98
CA ARG A 60 2.28 -12.86 -9.39
C ARG A 60 2.84 -11.53 -9.90
N CYS A 61 2.08 -10.48 -9.66
CA CYS A 61 2.48 -9.14 -10.09
C CYS A 61 3.81 -8.81 -9.42
N GLY A 62 3.88 -9.11 -8.14
CA GLY A 62 5.09 -8.85 -7.37
C GLY A 62 5.08 -7.42 -6.81
N VAL A 63 4.26 -6.58 -7.43
CA VAL A 63 4.15 -5.20 -7.02
C VAL A 63 3.74 -5.14 -5.54
N LEU A 64 2.87 -6.06 -5.18
CA LEU A 64 2.39 -6.13 -3.80
C LEU A 64 3.45 -6.80 -2.93
N GLN A 65 4.22 -5.96 -2.24
CA GLN A 65 5.27 -6.46 -1.37
C GLN A 65 4.75 -6.62 0.06
N ILE A 66 5.28 -7.61 0.74
CA ILE A 66 4.88 -7.89 2.11
C ILE A 66 4.98 -6.60 2.93
N GLY A 67 3.84 -6.11 3.38
CA GLY A 67 3.79 -4.90 4.17
C GLY A 67 3.56 -3.68 3.28
N ASP A 68 2.75 -3.88 2.25
CA ASP A 68 2.45 -2.80 1.31
C ASP A 68 1.79 -1.65 2.08
N ARG A 69 1.38 -0.64 1.32
CA ARG A 69 0.74 0.53 1.91
C ARG A 69 -0.65 0.71 1.31
N VAL A 70 -1.46 -0.33 1.44
CA VAL A 70 -2.81 -0.31 0.92
C VAL A 70 -3.58 0.84 1.58
N MET A 71 -3.51 2.00 0.95
CA MET A 71 -4.18 3.18 1.47
C MET A 71 -5.70 3.04 1.33
N ALA A 72 -6.11 2.28 0.33
CA ALA A 72 -7.52 2.06 0.08
C ALA A 72 -7.71 0.71 -0.62
N ILE A 73 -8.96 0.24 -0.61
CA ILE A 73 -9.28 -1.03 -1.23
C ILE A 73 -10.51 -0.85 -2.12
N ASN A 74 -10.27 -0.81 -3.42
CA ASN A 74 -11.34 -0.65 -4.38
C ASN A 74 -11.89 0.78 -4.30
N GLY A 75 -11.20 1.61 -3.52
CA GLY A 75 -11.59 2.99 -3.35
C GLY A 75 -12.03 3.25 -1.90
N ILE A 76 -12.26 2.17 -1.18
CA ILE A 76 -12.68 2.27 0.21
C ILE A 76 -11.50 2.72 1.06
N PRO A 77 -11.80 3.61 2.05
CA PRO A 77 -10.77 4.12 2.94
C PRO A 77 -10.36 3.06 3.97
N THR A 78 -9.08 2.71 3.92
CA THR A 78 -8.54 1.71 4.83
C THR A 78 -7.89 2.39 6.04
N GLU A 79 -8.72 3.12 6.79
CA GLU A 79 -8.24 3.82 7.96
C GLU A 79 -9.42 4.43 8.73
N ASP A 80 -10.27 3.55 9.23
CA ASP A 80 -11.44 3.97 9.99
C ASP A 80 -12.27 2.75 10.37
N SER A 81 -12.46 1.88 9.40
CA SER A 81 -13.22 0.66 9.63
C SER A 81 -12.41 -0.35 10.44
N THR A 82 -12.94 -1.55 10.54
CA THR A 82 -12.27 -2.60 11.28
C THR A 82 -11.46 -3.49 10.33
N PHE A 83 -10.45 -4.14 10.89
CA PHE A 83 -9.61 -5.02 10.12
C PHE A 83 -10.44 -6.03 9.33
N GLU A 84 -11.58 -6.37 9.89
CA GLU A 84 -12.47 -7.33 9.26
C GLU A 84 -13.05 -6.74 7.97
N GLU A 85 -13.28 -5.43 7.99
CA GLU A 85 -13.82 -4.73 6.85
C GLU A 85 -12.93 -4.96 5.63
N ALA A 86 -11.73 -4.39 5.68
CA ALA A 86 -10.79 -4.52 4.60
C ALA A 86 -10.82 -5.95 4.06
N ASN A 87 -10.75 -6.89 4.99
CA ASN A 87 -10.78 -8.30 4.62
C ASN A 87 -12.04 -8.59 3.80
N GLN A 88 -13.17 -8.19 4.34
CA GLN A 88 -14.44 -8.39 3.66
C GLN A 88 -14.38 -7.83 2.24
N LEU A 89 -13.86 -6.62 2.14
CA LEU A 89 -13.74 -5.96 0.85
C LEU A 89 -13.30 -6.98 -0.20
N LEU A 90 -12.25 -7.72 0.14
CA LEU A 90 -11.73 -8.73 -0.76
C LEU A 90 -12.81 -9.78 -1.02
N ARG A 91 -13.25 -10.42 0.06
CA ARG A 91 -14.27 -11.44 -0.04
C ARG A 91 -15.38 -11.01 -0.99
N ASP A 92 -15.65 -9.70 -0.98
CA ASP A 92 -16.67 -9.15 -1.85
C ASP A 92 -16.13 -9.03 -3.27
N SER A 93 -14.93 -8.46 -3.37
CA SER A 93 -14.29 -8.28 -4.66
C SER A 93 -14.42 -9.55 -5.49
N SER A 94 -14.32 -10.69 -4.80
CA SER A 94 -14.43 -11.97 -5.46
C SER A 94 -15.60 -11.97 -6.44
N ILE A 95 -16.60 -11.16 -6.11
CA ILE A 95 -17.78 -11.05 -6.94
C ILE A 95 -17.37 -10.71 -8.37
N THR A 96 -16.95 -9.46 -8.54
CA THR A 96 -16.53 -9.00 -9.85
C THR A 96 -15.23 -9.70 -10.28
N SER A 97 -14.66 -10.45 -9.34
CA SER A 97 -13.43 -11.17 -9.60
C SER A 97 -12.30 -10.18 -9.88
N LYS A 98 -12.44 -8.99 -9.31
CA LYS A 98 -11.43 -7.95 -9.49
C LYS A 98 -11.39 -7.06 -8.25
N VAL A 99 -10.21 -6.56 -7.96
CA VAL A 99 -10.01 -5.69 -6.81
C VAL A 99 -8.91 -4.68 -7.10
N THR A 100 -9.14 -3.46 -6.67
CA THR A 100 -8.18 -2.39 -6.88
C THR A 100 -7.55 -1.96 -5.56
N LEU A 101 -6.30 -2.36 -5.37
CA LEU A 101 -5.58 -2.03 -4.15
C LEU A 101 -4.80 -0.74 -4.37
N GLU A 102 -5.20 0.29 -3.62
CA GLU A 102 -4.55 1.58 -3.72
C GLU A 102 -3.41 1.68 -2.72
N ILE A 103 -2.19 1.79 -3.24
CA ILE A 103 -1.01 1.88 -2.39
C ILE A 103 -0.43 3.29 -2.50
N GLU A 104 0.48 3.59 -1.59
CA GLU A 104 1.11 4.90 -1.57
C GLU A 104 2.59 4.77 -1.23
N PHE A 105 3.43 5.29 -2.10
CA PHE A 105 4.86 5.24 -1.90
C PHE A 105 5.47 6.65 -1.86
N ASP A 106 6.78 6.69 -1.69
CA ASP A 106 7.49 7.95 -1.63
C ASP A 106 8.31 8.13 -2.91
N VAL A 107 8.42 9.39 -3.33
CA VAL A 107 9.17 9.71 -4.53
C VAL A 107 10.47 10.41 -4.14
N ALA A 108 11.49 10.21 -4.96
CA ALA A 108 12.78 10.82 -4.72
C ALA A 108 12.70 12.32 -5.00
N GLU A 109 13.43 13.07 -4.19
CA GLU A 109 13.44 14.52 -4.35
C GLU A 109 14.60 14.95 -5.23
N SER A 110 14.54 16.20 -5.67
CA SER A 110 15.58 16.75 -6.54
C SER A 110 16.90 16.84 -5.77
N VAL A 111 17.75 15.86 -6.00
CA VAL A 111 19.05 15.81 -5.35
C VAL A 111 20.08 16.55 -6.21
N ILE A 112 21.04 17.16 -5.53
CA ILE A 112 22.08 17.90 -6.22
C ILE A 112 22.58 17.08 -7.41
N PRO A 113 22.85 17.81 -8.53
CA PRO A 113 23.32 17.16 -9.74
C PRO A 113 24.80 16.75 -9.60
N SER A 114 25.09 15.57 -10.12
CA SER A 114 26.45 15.04 -10.05
C SER A 114 26.59 13.85 -11.00
N SER A 115 27.33 14.07 -12.07
CA SER A 115 27.56 13.01 -13.05
C SER A 115 29.05 12.75 -13.20
N GLY A 116 29.36 11.65 -13.89
CA GLY A 116 30.74 11.27 -14.11
C GLY A 116 31.11 11.37 -15.58
N SER A 117 31.23 10.21 -16.22
CA SER A 117 31.57 10.15 -17.63
C SER A 117 30.55 9.29 -18.38
N GLY A 118 29.87 9.92 -19.33
CA GLY A 118 28.88 9.22 -20.12
C GLY A 118 28.18 10.18 -21.10
N PRO A 119 26.89 9.90 -21.35
CA PRO A 119 26.10 10.72 -22.25
C PRO A 119 25.72 12.05 -21.59
N SER A 120 25.19 12.95 -22.42
CA SER A 120 24.78 14.26 -21.93
C SER A 120 23.36 14.20 -21.39
N SER A 121 22.42 13.93 -22.30
CA SER A 121 21.02 13.85 -21.94
C SER A 121 20.38 12.64 -22.63
N GLY A 122 20.34 12.71 -23.95
CA GLY A 122 19.76 11.64 -24.74
C GLY A 122 19.74 12.00 -26.23
N GLY A 1 1.07 22.86 18.03
CA GLY A 1 1.56 24.07 17.41
C GLY A 1 2.67 23.74 16.39
N SER A 2 2.25 23.24 15.24
CA SER A 2 3.18 22.89 14.19
C SER A 2 2.87 23.66 12.92
N SER A 3 3.82 23.67 12.01
CA SER A 3 3.65 24.38 10.75
C SER A 3 3.48 25.87 11.00
N GLY A 4 4.13 26.67 10.16
CA GLY A 4 4.05 28.11 10.27
C GLY A 4 5.04 28.79 9.33
N SER A 5 6.31 28.48 9.52
CA SER A 5 7.36 29.06 8.70
C SER A 5 7.07 28.79 7.22
N SER A 6 7.56 29.68 6.38
CA SER A 6 7.36 29.56 4.95
C SER A 6 8.62 30.00 4.20
N GLY A 7 9.08 29.14 3.30
CA GLY A 7 10.26 29.43 2.53
C GLY A 7 10.52 28.33 1.48
N ALA A 8 11.77 27.89 1.43
CA ALA A 8 12.15 26.85 0.49
C ALA A 8 11.45 25.54 0.87
N GLY A 9 11.84 25.02 2.02
CA GLY A 9 11.26 23.78 2.50
C GLY A 9 11.35 22.68 1.45
N GLN A 10 12.40 21.88 1.54
CA GLN A 10 12.62 20.79 0.60
C GLN A 10 12.05 19.49 1.16
N VAL A 11 11.24 18.84 0.34
CA VAL A 11 10.61 17.58 0.73
C VAL A 11 10.26 16.78 -0.51
N VAL A 12 9.89 15.53 -0.29
CA VAL A 12 9.51 14.65 -1.39
C VAL A 12 8.00 14.47 -1.40
N HIS A 13 7.50 13.98 -2.52
CA HIS A 13 6.07 13.75 -2.68
C HIS A 13 5.80 12.25 -2.77
N THR A 14 4.53 11.90 -2.58
CA THR A 14 4.13 10.51 -2.63
C THR A 14 2.92 10.35 -3.56
N GLU A 15 2.93 9.25 -4.32
CA GLU A 15 1.85 8.97 -5.23
C GLU A 15 1.20 7.62 -4.90
N THR A 16 -0.03 7.46 -5.36
CA THR A 16 -0.77 6.23 -5.12
C THR A 16 -0.90 5.42 -6.41
N THR A 17 -0.91 4.11 -6.26
CA THR A 17 -1.04 3.22 -7.40
C THR A 17 -2.23 2.27 -7.21
N GLU A 18 -2.73 1.76 -8.32
CA GLU A 18 -3.84 0.84 -8.29
C GLU A 18 -3.38 -0.58 -8.62
N VAL A 19 -3.58 -1.47 -7.67
CA VAL A 19 -3.18 -2.86 -7.85
C VAL A 19 -4.40 -3.67 -8.31
N VAL A 20 -4.26 -4.24 -9.50
CA VAL A 20 -5.33 -5.05 -10.08
C VAL A 20 -4.96 -6.52 -9.97
N LEU A 21 -5.81 -7.26 -9.27
CA LEU A 21 -5.59 -8.69 -9.09
C LEU A 21 -6.85 -9.45 -9.49
N THR A 22 -6.64 -10.53 -10.24
CA THR A 22 -7.75 -11.36 -10.68
C THR A 22 -7.92 -12.57 -9.78
N ALA A 23 -9.02 -12.57 -9.04
CA ALA A 23 -9.31 -13.66 -8.12
C ALA A 23 -9.04 -14.99 -8.83
N ASP A 24 -7.87 -15.55 -8.56
CA ASP A 24 -7.49 -16.81 -9.15
C ASP A 24 -8.61 -17.83 -8.96
N PRO A 25 -8.48 -18.99 -9.66
CA PRO A 25 -9.46 -20.04 -9.56
C PRO A 25 -9.35 -20.80 -8.24
N VAL A 26 -8.23 -20.56 -7.56
CA VAL A 26 -7.98 -21.21 -6.29
C VAL A 26 -7.58 -20.16 -5.26
N THR A 27 -6.46 -19.49 -5.54
CA THR A 27 -5.96 -18.46 -4.65
C THR A 27 -6.38 -17.07 -5.16
N GLY A 28 -7.67 -16.81 -5.04
CA GLY A 28 -8.22 -15.53 -5.48
C GLY A 28 -7.12 -14.48 -5.57
N PHE A 29 -6.92 -13.77 -4.46
CA PHE A 29 -5.91 -12.73 -4.41
C PHE A 29 -4.70 -13.18 -3.60
N GLY A 30 -4.95 -14.14 -2.71
CA GLY A 30 -3.89 -14.66 -1.86
C GLY A 30 -3.15 -13.53 -1.15
N ILE A 31 -3.87 -12.86 -0.26
CA ILE A 31 -3.30 -11.76 0.50
C ILE A 31 -3.78 -11.85 1.95
N GLN A 32 -2.89 -11.44 2.85
CA GLN A 32 -3.21 -11.47 4.27
C GLN A 32 -3.08 -10.07 4.87
N LEU A 33 -3.94 -9.80 5.85
CA LEU A 33 -3.92 -8.50 6.50
C LEU A 33 -3.54 -8.69 7.98
N GLN A 34 -3.19 -7.58 8.61
CA GLN A 34 -2.80 -7.61 10.02
C GLN A 34 -3.75 -6.74 10.84
N GLY A 35 -4.14 -7.28 11.99
CA GLY A 35 -5.05 -6.57 12.88
C GLY A 35 -4.67 -6.80 14.34
N SER A 36 -5.66 -7.21 15.11
CA SER A 36 -5.44 -7.48 16.53
C SER A 36 -6.30 -8.65 16.98
N VAL A 37 -5.85 -9.32 18.04
CA VAL A 37 -6.56 -10.46 18.58
C VAL A 37 -8.06 -10.15 18.63
N PHE A 38 -8.36 -8.99 19.21
CA PHE A 38 -9.75 -8.56 19.33
C PHE A 38 -9.89 -7.08 18.95
N ALA A 39 -9.01 -6.28 19.53
CA ALA A 39 -9.04 -4.84 19.27
C ALA A 39 -10.22 -4.22 20.00
N THR A 40 -10.08 -2.94 20.30
CA THR A 40 -11.14 -2.20 20.99
C THR A 40 -12.27 -1.87 20.03
N GLU A 41 -12.05 -0.82 19.25
CA GLU A 41 -13.05 -0.38 18.29
C GLU A 41 -12.65 -0.80 16.88
N THR A 42 -11.56 -0.21 16.40
CA THR A 42 -11.06 -0.50 15.07
C THR A 42 -9.64 -1.05 15.15
N LEU A 43 -8.79 -0.51 14.27
CA LEU A 43 -7.40 -0.93 14.24
C LEU A 43 -6.49 0.29 14.39
N SER A 44 -7.13 1.43 14.66
CA SER A 44 -6.40 2.67 14.84
C SER A 44 -5.23 2.74 13.84
N SER A 45 -5.46 2.12 12.69
CA SER A 45 -4.44 2.11 11.65
C SER A 45 -4.93 1.30 10.45
N PRO A 46 -4.27 1.53 9.29
CA PRO A 46 -4.63 0.83 8.06
C PRO A 46 -4.12 -0.61 8.10
N PRO A 47 -4.87 -1.49 7.37
CA PRO A 47 -4.51 -2.90 7.31
C PRO A 47 -3.31 -3.12 6.39
N LEU A 48 -2.21 -3.54 6.99
CA LEU A 48 -0.99 -3.79 6.25
C LEU A 48 -0.93 -5.28 5.86
N ILE A 49 -0.49 -5.51 4.64
CA ILE A 49 -0.38 -6.87 4.13
C ILE A 49 0.47 -7.69 5.11
N SER A 50 -0.20 -8.61 5.79
CA SER A 50 0.48 -9.48 6.75
C SER A 50 1.34 -10.51 6.01
N TYR A 51 0.72 -11.16 5.05
CA TYR A 51 1.42 -12.17 4.26
C TYR A 51 0.86 -12.25 2.85
N ILE A 52 1.72 -12.61 1.92
CA ILE A 52 1.32 -12.73 0.53
C ILE A 52 1.42 -14.20 0.10
N GLU A 53 0.25 -14.80 -0.07
CA GLU A 53 0.18 -16.20 -0.47
C GLU A 53 1.05 -16.44 -1.71
N ALA A 54 1.41 -17.69 -1.90
CA ALA A 54 2.24 -18.07 -3.04
C ALA A 54 1.33 -18.50 -4.20
N ASP A 55 1.92 -18.53 -5.39
CA ASP A 55 1.19 -18.93 -6.58
C ASP A 55 -0.08 -18.07 -6.70
N SER A 56 -0.05 -16.93 -6.02
CA SER A 56 -1.18 -16.01 -6.04
C SER A 56 -0.91 -14.87 -7.01
N PRO A 57 -2.01 -14.18 -7.42
CA PRO A 57 -1.89 -13.06 -8.34
C PRO A 57 -1.34 -11.82 -7.64
N ALA A 58 -1.44 -11.85 -6.31
CA ALA A 58 -0.96 -10.73 -5.50
C ALA A 58 0.57 -10.75 -5.48
N GLU A 59 1.11 -11.94 -5.70
CA GLU A 59 2.55 -12.11 -5.70
C GLU A 59 3.11 -12.01 -7.13
N ARG A 60 2.29 -12.44 -8.07
CA ARG A 60 2.68 -12.41 -9.47
C ARG A 60 3.04 -10.97 -9.88
N CYS A 61 2.17 -10.05 -9.51
CA CYS A 61 2.39 -8.65 -9.84
C CYS A 61 3.72 -8.22 -9.22
N GLY A 62 3.93 -8.65 -7.98
CA GLY A 62 5.15 -8.31 -7.27
C GLY A 62 5.23 -6.81 -7.00
N VAL A 63 4.06 -6.21 -6.84
CA VAL A 63 3.98 -4.79 -6.58
C VAL A 63 3.56 -4.57 -5.13
N LEU A 64 3.23 -5.66 -4.46
CA LEU A 64 2.81 -5.60 -3.07
C LEU A 64 3.92 -6.14 -2.18
N GLN A 65 4.18 -5.42 -1.10
CA GLN A 65 5.22 -5.81 -0.17
C GLN A 65 4.60 -6.16 1.19
N ILE A 66 5.25 -7.09 1.88
CA ILE A 66 4.78 -7.53 3.18
C ILE A 66 4.74 -6.33 4.13
N GLY A 67 3.53 -5.92 4.47
CA GLY A 67 3.34 -4.79 5.37
C GLY A 67 3.09 -3.50 4.59
N ASP A 68 2.59 -3.67 3.37
CA ASP A 68 2.31 -2.54 2.51
C ASP A 68 1.45 -1.53 3.27
N ARG A 69 1.11 -0.45 2.58
CA ARG A 69 0.30 0.60 3.18
C ARG A 69 -0.86 0.97 2.24
N VAL A 70 -1.87 0.11 2.24
CA VAL A 70 -3.03 0.34 1.40
C VAL A 70 -3.84 1.52 1.95
N MET A 71 -3.86 2.59 1.18
CA MET A 71 -4.58 3.80 1.58
C MET A 71 -6.08 3.62 1.36
N ALA A 72 -6.41 2.76 0.40
CA ALA A 72 -7.80 2.51 0.08
C ALA A 72 -7.92 1.16 -0.64
N ILE A 73 -9.10 0.58 -0.54
CA ILE A 73 -9.35 -0.71 -1.17
C ILE A 73 -10.63 -0.62 -2.01
N ASN A 74 -10.44 -0.54 -3.32
CA ASN A 74 -11.56 -0.44 -4.24
C ASN A 74 -12.16 0.96 -4.17
N GLY A 75 -11.44 1.84 -3.49
CA GLY A 75 -11.89 3.21 -3.33
C GLY A 75 -12.31 3.50 -1.89
N ILE A 76 -12.54 2.42 -1.15
CA ILE A 76 -12.94 2.54 0.24
C ILE A 76 -11.80 3.17 1.04
N PRO A 77 -12.17 4.13 1.91
CA PRO A 77 -11.20 4.81 2.74
C PRO A 77 -10.73 3.92 3.89
N THR A 78 -9.58 3.28 3.67
CA THR A 78 -9.02 2.39 4.67
C THR A 78 -8.14 3.18 5.64
N GLU A 79 -8.74 3.59 6.75
CA GLU A 79 -8.02 4.35 7.77
C GLU A 79 -8.98 4.76 8.89
N ASP A 80 -9.87 3.85 9.23
CA ASP A 80 -10.84 4.11 10.28
C ASP A 80 -11.67 2.84 10.53
N SER A 81 -12.02 2.18 9.44
CA SER A 81 -12.81 0.96 9.51
C SER A 81 -12.06 -0.09 10.35
N THR A 82 -12.67 -1.26 10.45
CA THR A 82 -12.08 -2.35 11.20
C THR A 82 -11.36 -3.32 10.26
N PHE A 83 -10.31 -3.94 10.79
CA PHE A 83 -9.53 -4.88 10.02
C PHE A 83 -10.44 -5.86 9.28
N GLU A 84 -11.57 -6.16 9.89
CA GLU A 84 -12.53 -7.08 9.30
C GLU A 84 -13.06 -6.51 7.99
N GLU A 85 -13.30 -5.21 8.00
CA GLU A 85 -13.81 -4.52 6.82
C GLU A 85 -12.91 -4.80 5.62
N ALA A 86 -11.70 -4.29 5.69
CA ALA A 86 -10.73 -4.46 4.61
C ALA A 86 -10.83 -5.90 4.09
N ASN A 87 -10.87 -6.84 5.02
CA ASN A 87 -10.96 -8.24 4.67
C ASN A 87 -12.18 -8.46 3.78
N GLN A 88 -13.34 -8.11 4.31
CA GLN A 88 -14.58 -8.27 3.58
C GLN A 88 -14.42 -7.73 2.16
N LEU A 89 -13.85 -6.55 2.06
CA LEU A 89 -13.63 -5.92 0.77
C LEU A 89 -13.14 -6.98 -0.24
N LEU A 90 -12.02 -7.58 0.10
CA LEU A 90 -11.44 -8.61 -0.75
C LEU A 90 -12.53 -9.58 -1.18
N ARG A 91 -13.05 -10.30 -0.19
CA ARG A 91 -14.09 -11.28 -0.46
C ARG A 91 -15.09 -10.72 -1.49
N ASP A 92 -15.59 -9.52 -1.20
CA ASP A 92 -16.53 -8.88 -2.09
C ASP A 92 -15.91 -8.74 -3.48
N SER A 93 -14.74 -8.13 -3.50
CA SER A 93 -14.03 -7.94 -4.76
C SER A 93 -14.02 -9.23 -5.56
N SER A 94 -14.00 -10.34 -4.83
CA SER A 94 -13.98 -11.65 -5.47
C SER A 94 -15.15 -11.78 -6.44
N ILE A 95 -16.16 -10.94 -6.23
CA ILE A 95 -17.33 -10.95 -7.07
C ILE A 95 -16.94 -10.60 -8.51
N THR A 96 -16.52 -9.34 -8.68
CA THR A 96 -16.12 -8.87 -9.99
C THR A 96 -14.86 -9.59 -10.45
N SER A 97 -14.25 -10.32 -9.52
CA SER A 97 -13.05 -11.06 -9.82
C SER A 97 -11.87 -10.10 -10.04
N LYS A 98 -12.01 -8.91 -9.47
CA LYS A 98 -10.98 -7.89 -9.59
C LYS A 98 -10.99 -7.01 -8.36
N VAL A 99 -9.81 -6.79 -7.81
CA VAL A 99 -9.67 -5.97 -6.62
C VAL A 99 -8.71 -4.81 -6.92
N THR A 100 -9.01 -3.67 -6.31
CA THR A 100 -8.19 -2.48 -6.50
C THR A 100 -7.63 -2.01 -5.17
N LEU A 101 -6.35 -2.29 -4.97
CA LEU A 101 -5.68 -1.89 -3.74
C LEU A 101 -4.89 -0.61 -3.99
N GLU A 102 -5.22 0.42 -3.22
CA GLU A 102 -4.56 1.70 -3.34
C GLU A 102 -3.32 1.74 -2.45
N ILE A 103 -2.16 1.60 -3.08
CA ILE A 103 -0.90 1.62 -2.37
C ILE A 103 -0.26 3.00 -2.50
N GLU A 104 0.76 3.23 -1.68
CA GLU A 104 1.46 4.50 -1.71
C GLU A 104 2.97 4.28 -1.67
N PHE A 105 3.68 5.00 -2.52
CA PHE A 105 5.12 4.89 -2.59
C PHE A 105 5.77 6.27 -2.63
N ASP A 106 7.10 6.27 -2.67
CA ASP A 106 7.86 7.50 -2.71
C ASP A 106 8.35 7.74 -4.14
N VAL A 107 8.47 9.02 -4.47
CA VAL A 107 8.93 9.41 -5.80
C VAL A 107 10.16 10.29 -5.68
N ALA A 108 11.03 10.19 -6.68
CA ALA A 108 12.25 10.96 -6.69
C ALA A 108 11.99 12.31 -7.36
N GLU A 109 12.33 13.37 -6.65
CA GLU A 109 12.14 14.72 -7.18
C GLU A 109 13.49 15.38 -7.45
N SER A 110 13.45 16.40 -8.29
CA SER A 110 14.67 17.12 -8.65
C SER A 110 15.14 17.96 -7.47
N VAL A 111 16.18 17.46 -6.81
CA VAL A 111 16.74 18.15 -5.67
C VAL A 111 18.24 17.85 -5.58
N ILE A 112 18.94 18.70 -4.82
CA ILE A 112 20.37 18.53 -4.64
C ILE A 112 20.64 17.17 -4.00
N PRO A 113 21.26 16.26 -4.81
CA PRO A 113 21.59 14.94 -4.32
C PRO A 113 22.80 14.97 -3.38
N SER A 114 22.86 13.97 -2.52
CA SER A 114 23.95 13.87 -1.56
C SER A 114 23.90 12.53 -0.84
N SER A 115 22.75 12.26 -0.23
CA SER A 115 22.56 11.02 0.49
C SER A 115 22.53 9.84 -0.48
N GLY A 116 23.40 8.88 -0.22
CA GLY A 116 23.48 7.70 -1.06
C GLY A 116 24.90 7.53 -1.64
N SER A 117 24.94 7.25 -2.93
CA SER A 117 26.21 7.07 -3.62
C SER A 117 26.00 7.11 -5.13
N GLY A 118 26.82 7.91 -5.78
CA GLY A 118 26.74 8.06 -7.23
C GLY A 118 26.49 6.70 -7.90
N PRO A 119 25.34 6.61 -8.62
CA PRO A 119 24.99 5.38 -9.30
C PRO A 119 25.83 5.20 -10.57
N SER A 120 26.70 4.20 -10.53
CA SER A 120 27.57 3.92 -11.66
C SER A 120 26.72 3.62 -12.90
N SER A 121 25.90 2.59 -12.78
CA SER A 121 25.03 2.19 -13.87
C SER A 121 23.90 3.21 -14.05
N GLY A 122 23.09 3.34 -13.01
CA GLY A 122 21.98 4.26 -13.04
C GLY A 122 22.45 5.69 -13.37
N GLY A 1 5.68 29.54 9.33
CA GLY A 1 4.91 30.77 9.41
C GLY A 1 5.10 31.61 8.14
N SER A 2 6.11 32.45 8.17
CA SER A 2 6.42 33.31 7.03
C SER A 2 5.13 33.88 6.45
N SER A 3 4.74 35.03 6.97
CA SER A 3 3.52 35.70 6.52
C SER A 3 3.80 36.43 5.20
N GLY A 4 3.57 35.72 4.11
CA GLY A 4 3.79 36.29 2.78
C GLY A 4 3.90 35.20 1.73
N SER A 5 4.22 35.62 0.51
CA SER A 5 4.35 34.69 -0.59
C SER A 5 5.75 34.05 -0.59
N SER A 6 5.80 32.85 -0.03
CA SER A 6 7.07 32.13 0.04
C SER A 6 7.35 31.44 -1.30
N GLY A 7 8.63 31.15 -1.52
CA GLY A 7 9.05 30.49 -2.74
C GLY A 7 8.65 29.02 -2.73
N ALA A 8 9.67 28.16 -2.81
CA ALA A 8 9.43 26.72 -2.82
C ALA A 8 9.97 26.12 -1.52
N GLY A 9 9.76 24.83 -1.37
CA GLY A 9 10.21 24.12 -0.19
C GLY A 9 11.20 23.00 -0.56
N GLN A 10 10.79 21.79 -0.25
CA GLN A 10 11.61 20.62 -0.54
C GLN A 10 10.89 19.34 -0.15
N VAL A 11 11.67 18.34 0.22
CA VAL A 11 11.11 17.06 0.62
C VAL A 11 10.60 16.32 -0.61
N VAL A 12 10.61 15.00 -0.52
CA VAL A 12 10.16 14.17 -1.62
C VAL A 12 8.63 14.08 -1.59
N HIS A 13 8.07 13.66 -2.71
CA HIS A 13 6.63 13.52 -2.82
C HIS A 13 6.26 12.04 -2.91
N THR A 14 4.97 11.76 -2.70
CA THR A 14 4.48 10.41 -2.74
C THR A 14 3.31 10.30 -3.72
N GLU A 15 3.26 9.17 -4.43
CA GLU A 15 2.20 8.94 -5.38
C GLU A 15 1.51 7.60 -5.10
N THR A 16 0.25 7.54 -5.50
CA THR A 16 -0.54 6.33 -5.29
C THR A 16 -0.67 5.55 -6.59
N THR A 17 -0.96 4.26 -6.45
CA THR A 17 -1.12 3.38 -7.60
C THR A 17 -2.33 2.47 -7.42
N GLU A 18 -2.73 1.85 -8.52
CA GLU A 18 -3.87 0.95 -8.49
C GLU A 18 -3.43 -0.47 -8.81
N VAL A 19 -3.59 -1.35 -7.83
CA VAL A 19 -3.22 -2.74 -8.00
C VAL A 19 -4.47 -3.57 -8.32
N VAL A 20 -4.52 -4.04 -9.55
CA VAL A 20 -5.65 -4.84 -10.00
C VAL A 20 -5.26 -6.32 -9.95
N LEU A 21 -5.99 -7.06 -9.14
CA LEU A 21 -5.73 -8.49 -8.99
C LEU A 21 -6.98 -9.27 -9.43
N THR A 22 -6.74 -10.27 -10.25
CA THR A 22 -7.83 -11.10 -10.75
C THR A 22 -7.99 -12.36 -9.88
N ALA A 23 -9.02 -12.35 -9.07
CA ALA A 23 -9.29 -13.48 -8.18
C ALA A 23 -9.03 -14.79 -8.94
N ASP A 24 -7.85 -15.34 -8.72
CA ASP A 24 -7.48 -16.59 -9.36
C ASP A 24 -8.59 -17.62 -9.16
N PRO A 25 -8.46 -18.75 -9.89
CA PRO A 25 -9.44 -19.83 -9.79
C PRO A 25 -9.27 -20.61 -8.49
N VAL A 26 -8.13 -20.38 -7.84
CA VAL A 26 -7.85 -21.05 -6.59
C VAL A 26 -7.40 -20.02 -5.55
N THR A 27 -6.31 -19.34 -5.87
CA THR A 27 -5.78 -18.32 -4.98
C THR A 27 -6.24 -16.93 -5.41
N GLY A 28 -7.54 -16.70 -5.23
CA GLY A 28 -8.13 -15.43 -5.59
C GLY A 28 -7.07 -14.31 -5.59
N PHE A 29 -6.88 -13.74 -4.41
CA PHE A 29 -5.92 -12.67 -4.26
C PHE A 29 -4.78 -13.09 -3.32
N GLY A 30 -5.10 -14.00 -2.41
CA GLY A 30 -4.13 -14.49 -1.46
C GLY A 30 -3.42 -13.32 -0.75
N ILE A 31 -4.18 -12.62 0.07
CA ILE A 31 -3.64 -11.49 0.80
C ILE A 31 -4.11 -11.55 2.25
N GLN A 32 -3.23 -11.16 3.16
CA GLN A 32 -3.55 -11.16 4.57
C GLN A 32 -3.30 -9.79 5.18
N LEU A 33 -4.25 -9.36 6.01
CA LEU A 33 -4.15 -8.08 6.65
C LEU A 33 -3.59 -8.25 8.07
N GLN A 34 -3.07 -7.17 8.61
CA GLN A 34 -2.49 -7.19 9.95
C GLN A 34 -3.20 -6.18 10.85
N GLY A 35 -3.32 -6.54 12.12
CA GLY A 35 -3.96 -5.67 13.09
C GLY A 35 -2.94 -4.90 13.91
N SER A 36 -3.30 -4.62 15.15
CA SER A 36 -2.42 -3.87 16.04
C SER A 36 -2.85 -4.10 17.50
N VAL A 37 -2.07 -3.53 18.40
CA VAL A 37 -2.35 -3.66 19.82
C VAL A 37 -2.61 -2.27 20.41
N PHE A 38 -1.74 -1.34 20.06
CA PHE A 38 -1.86 0.02 20.55
C PHE A 38 -2.48 0.93 19.48
N ALA A 39 -3.41 1.76 19.92
CA ALA A 39 -4.08 2.68 19.01
C ALA A 39 -4.93 3.66 19.82
N THR A 40 -5.91 4.25 19.14
CA THR A 40 -6.80 5.20 19.79
C THR A 40 -8.26 4.82 19.56
N GLU A 41 -8.65 4.83 18.29
CA GLU A 41 -10.01 4.48 17.92
C GLU A 41 -10.02 3.26 17.00
N THR A 42 -9.02 3.21 16.13
CA THR A 42 -8.91 2.09 15.20
C THR A 42 -7.50 1.50 15.25
N LEU A 43 -6.96 1.27 14.06
CA LEU A 43 -5.61 0.70 13.96
C LEU A 43 -4.60 1.84 13.81
N SER A 44 -5.07 3.05 14.04
CA SER A 44 -4.22 4.22 13.93
C SER A 44 -3.30 4.08 12.71
N SER A 45 -3.85 3.50 11.66
CA SER A 45 -3.09 3.30 10.44
C SER A 45 -3.82 2.31 9.52
N PRO A 46 -3.36 2.26 8.25
CA PRO A 46 -3.95 1.36 7.27
C PRO A 46 -3.52 -0.08 7.52
N PRO A 47 -4.30 -1.03 6.93
CA PRO A 47 -4.02 -2.44 7.08
C PRO A 47 -2.81 -2.84 6.23
N LEU A 48 -1.67 -3.02 6.90
CA LEU A 48 -0.45 -3.41 6.22
C LEU A 48 -0.51 -4.91 5.91
N ILE A 49 -0.23 -5.22 4.65
CA ILE A 49 -0.24 -6.61 4.21
C ILE A 49 0.59 -7.46 5.18
N SER A 50 -0.09 -8.40 5.82
CA SER A 50 0.57 -9.28 6.77
C SER A 50 1.36 -10.35 6.02
N TYR A 51 0.71 -10.94 5.03
CA TYR A 51 1.34 -11.99 4.23
C TYR A 51 0.77 -12.00 2.81
N ILE A 52 1.57 -12.55 1.90
CA ILE A 52 1.16 -12.63 0.50
C ILE A 52 1.25 -14.09 0.04
N GLU A 53 0.08 -14.69 -0.13
CA GLU A 53 0.01 -16.08 -0.57
C GLU A 53 0.88 -16.29 -1.81
N ALA A 54 1.33 -17.53 -1.98
CA ALA A 54 2.16 -17.86 -3.11
C ALA A 54 1.28 -18.26 -4.30
N ASP A 55 1.91 -18.39 -5.45
CA ASP A 55 1.19 -18.77 -6.65
C ASP A 55 -0.10 -17.94 -6.76
N SER A 56 -0.06 -16.78 -6.14
CA SER A 56 -1.21 -15.89 -6.16
C SER A 56 -0.93 -14.68 -7.05
N PRO A 57 -2.03 -13.97 -7.43
CA PRO A 57 -1.91 -12.80 -8.27
C PRO A 57 -1.37 -11.60 -7.48
N ALA A 58 -1.58 -11.66 -6.17
CA ALA A 58 -1.12 -10.60 -5.30
C ALA A 58 0.41 -10.61 -5.23
N GLU A 59 0.97 -11.79 -5.50
CA GLU A 59 2.41 -11.95 -5.47
C GLU A 59 2.99 -11.79 -6.88
N ARG A 60 2.13 -12.01 -7.86
CA ARG A 60 2.53 -11.89 -9.26
C ARG A 60 2.89 -10.44 -9.59
N CYS A 61 2.04 -9.54 -9.11
CA CYS A 61 2.26 -8.11 -9.34
C CYS A 61 3.62 -7.74 -8.77
N GLY A 62 3.90 -8.25 -7.58
CA GLY A 62 5.16 -7.97 -6.92
C GLY A 62 5.09 -6.65 -6.16
N VAL A 63 4.61 -5.63 -6.84
CA VAL A 63 4.49 -4.30 -6.25
C VAL A 63 3.96 -4.44 -4.83
N LEU A 64 3.17 -5.49 -4.62
CA LEU A 64 2.58 -5.74 -3.31
C LEU A 64 3.65 -6.35 -2.40
N GLN A 65 4.23 -5.49 -1.56
CA GLN A 65 5.26 -5.92 -0.64
C GLN A 65 4.65 -6.20 0.73
N ILE A 66 5.26 -7.15 1.43
CA ILE A 66 4.79 -7.53 2.75
C ILE A 66 4.82 -6.30 3.67
N GLY A 67 3.64 -5.91 4.12
CA GLY A 67 3.52 -4.75 5.01
C GLY A 67 3.27 -3.48 4.21
N ASP A 68 2.72 -3.66 3.01
CA ASP A 68 2.43 -2.53 2.14
C ASP A 68 1.67 -1.46 2.93
N ARG A 69 1.45 -0.34 2.27
CA ARG A 69 0.75 0.77 2.90
C ARG A 69 -0.46 1.17 2.06
N VAL A 70 -1.46 0.30 2.04
CA VAL A 70 -2.67 0.55 1.28
C VAL A 70 -3.41 1.74 1.89
N MET A 71 -3.61 2.76 1.07
CA MET A 71 -4.30 3.96 1.51
C MET A 71 -5.81 3.81 1.33
N ALA A 72 -6.19 2.90 0.45
CA ALA A 72 -7.59 2.65 0.18
C ALA A 72 -7.75 1.28 -0.50
N ILE A 73 -8.84 0.62 -0.16
CA ILE A 73 -9.12 -0.70 -0.72
C ILE A 73 -10.35 -0.61 -1.63
N ASN A 74 -10.10 -0.62 -2.93
CA ASN A 74 -11.18 -0.54 -3.90
C ASN A 74 -11.82 0.85 -3.84
N GLY A 75 -11.04 1.81 -3.35
CA GLY A 75 -11.51 3.17 -3.24
C GLY A 75 -11.86 3.51 -1.79
N ILE A 76 -12.23 2.48 -1.05
CA ILE A 76 -12.59 2.65 0.35
C ILE A 76 -11.37 3.16 1.13
N PRO A 77 -11.56 4.31 1.82
CA PRO A 77 -10.48 4.90 2.60
C PRO A 77 -10.26 4.12 3.90
N THR A 78 -9.58 3.00 3.76
CA THR A 78 -9.29 2.15 4.91
C THR A 78 -8.61 2.98 6.01
N GLU A 79 -9.42 3.37 6.99
CA GLU A 79 -8.91 4.16 8.10
C GLU A 79 -10.06 4.53 9.04
N ASP A 80 -10.84 3.52 9.40
CA ASP A 80 -11.97 3.72 10.30
C ASP A 80 -12.68 2.39 10.53
N SER A 81 -12.95 1.70 9.43
CA SER A 81 -13.62 0.41 9.51
C SER A 81 -12.78 -0.57 10.32
N THR A 82 -13.32 -1.76 10.48
CA THR A 82 -12.64 -2.80 11.23
C THR A 82 -11.73 -3.61 10.31
N PHE A 83 -10.79 -4.32 10.93
CA PHE A 83 -9.85 -5.14 10.18
C PHE A 83 -10.59 -6.17 9.33
N GLU A 84 -11.76 -6.57 9.82
CA GLU A 84 -12.57 -7.55 9.12
C GLU A 84 -13.07 -6.97 7.79
N GLU A 85 -13.43 -5.70 7.83
CA GLU A 85 -13.92 -5.02 6.65
C GLU A 85 -12.99 -5.28 5.45
N ALA A 86 -11.76 -4.81 5.60
CA ALA A 86 -10.77 -4.99 4.55
C ALA A 86 -10.91 -6.40 3.95
N ASN A 87 -10.78 -7.39 4.82
CA ASN A 87 -10.89 -8.76 4.40
C ASN A 87 -12.12 -8.93 3.51
N GLN A 88 -13.22 -8.34 3.97
CA GLN A 88 -14.46 -8.42 3.23
C GLN A 88 -14.33 -7.71 1.87
N LEU A 89 -13.69 -6.55 1.91
CA LEU A 89 -13.48 -5.78 0.69
C LEU A 89 -12.90 -6.69 -0.39
N LEU A 90 -12.17 -7.69 0.06
CA LEU A 90 -11.55 -8.64 -0.87
C LEU A 90 -12.55 -9.75 -1.18
N ARG A 91 -12.97 -10.44 -0.14
CA ARG A 91 -13.92 -11.53 -0.29
C ARG A 91 -14.98 -11.16 -1.32
N ASP A 92 -15.66 -10.05 -1.07
CA ASP A 92 -16.70 -9.59 -1.97
C ASP A 92 -16.10 -9.34 -3.36
N SER A 93 -14.95 -8.70 -3.35
CA SER A 93 -14.25 -8.39 -4.60
C SER A 93 -14.18 -9.65 -5.47
N SER A 94 -14.24 -10.79 -4.82
CA SER A 94 -14.17 -12.07 -5.52
C SER A 94 -15.36 -12.20 -6.47
N ILE A 95 -16.34 -11.32 -6.27
CA ILE A 95 -17.52 -11.33 -7.10
C ILE A 95 -17.15 -10.94 -8.53
N THR A 96 -16.62 -9.74 -8.67
CA THR A 96 -16.21 -9.23 -9.97
C THR A 96 -14.92 -9.90 -10.41
N SER A 97 -14.34 -10.68 -9.50
CA SER A 97 -13.10 -11.37 -9.79
C SER A 97 -11.97 -10.36 -10.00
N LYS A 98 -12.18 -9.17 -9.43
CA LYS A 98 -11.19 -8.11 -9.54
C LYS A 98 -11.22 -7.25 -8.28
N VAL A 99 -10.04 -6.84 -7.84
CA VAL A 99 -9.93 -6.01 -6.65
C VAL A 99 -8.85 -4.94 -6.88
N THR A 100 -9.13 -3.75 -6.37
CA THR A 100 -8.21 -2.64 -6.51
C THR A 100 -7.66 -2.23 -5.14
N LEU A 101 -6.34 -2.17 -5.05
CA LEU A 101 -5.70 -1.78 -3.81
C LEU A 101 -4.93 -0.48 -4.03
N GLU A 102 -5.29 0.53 -3.25
CA GLU A 102 -4.65 1.82 -3.35
C GLU A 102 -3.37 1.84 -2.50
N ILE A 103 -2.24 1.76 -3.19
CA ILE A 103 -0.95 1.77 -2.52
C ILE A 103 -0.29 3.13 -2.72
N GLU A 104 0.77 3.36 -1.95
CA GLU A 104 1.50 4.61 -2.03
C GLU A 104 2.99 4.38 -1.76
N PHE A 105 3.80 4.86 -2.68
CA PHE A 105 5.25 4.71 -2.55
C PHE A 105 5.95 6.06 -2.70
N ASP A 106 7.27 6.02 -2.53
CA ASP A 106 8.07 7.23 -2.64
C ASP A 106 8.59 7.37 -4.07
N VAL A 107 8.64 8.61 -4.53
CA VAL A 107 9.13 8.89 -5.86
C VAL A 107 10.48 9.60 -5.79
N ALA A 108 11.30 9.34 -6.80
CA ALA A 108 12.63 9.95 -6.85
C ALA A 108 12.51 11.40 -7.31
N GLU A 109 13.29 12.26 -6.69
CA GLU A 109 13.28 13.67 -7.03
C GLU A 109 14.53 14.02 -7.85
N SER A 110 14.42 15.13 -8.57
CA SER A 110 15.53 15.59 -9.39
C SER A 110 16.77 15.85 -8.53
N VAL A 111 17.67 14.90 -8.57
CA VAL A 111 18.91 15.01 -7.80
C VAL A 111 19.80 16.07 -8.43
N ILE A 112 20.53 16.78 -7.57
CA ILE A 112 21.43 17.82 -8.03
C ILE A 112 22.31 17.26 -9.16
N PRO A 113 22.54 18.12 -10.20
CA PRO A 113 23.35 17.73 -11.33
C PRO A 113 24.83 17.73 -10.97
N SER A 114 25.26 18.82 -10.33
CA SER A 114 26.64 18.97 -9.92
C SER A 114 27.02 17.86 -8.95
N SER A 115 27.73 16.87 -9.47
CA SER A 115 28.15 15.75 -8.66
C SER A 115 29.36 15.06 -9.29
N GLY A 116 30.20 14.48 -8.44
CA GLY A 116 31.39 13.81 -8.92
C GLY A 116 31.75 12.64 -7.99
N SER A 117 32.03 11.49 -8.59
CA SER A 117 32.39 10.31 -7.84
C SER A 117 32.67 9.15 -8.79
N GLY A 118 33.44 8.20 -8.30
CA GLY A 118 33.79 7.03 -9.09
C GLY A 118 33.71 5.75 -8.25
N PRO A 119 32.46 5.24 -8.10
CA PRO A 119 32.23 4.03 -7.33
C PRO A 119 32.69 2.79 -8.11
N SER A 120 33.54 2.01 -7.45
CA SER A 120 34.06 0.80 -8.07
C SER A 120 33.55 -0.44 -7.32
N SER A 121 32.89 -1.32 -8.07
CA SER A 121 32.35 -2.53 -7.49
C SER A 121 32.04 -3.54 -8.59
N GLY A 122 32.99 -4.42 -8.84
CA GLY A 122 32.84 -5.44 -9.86
C GLY A 122 32.10 -4.89 -11.07
N GLY A 1 -10.12 39.64 0.01
CA GLY A 1 -8.82 39.22 0.51
C GLY A 1 -8.04 38.49 -0.57
N SER A 2 -6.79 38.19 -0.26
CA SER A 2 -5.92 37.50 -1.19
C SER A 2 -4.75 36.87 -0.45
N SER A 3 -4.63 35.56 -0.58
CA SER A 3 -3.56 34.82 0.08
C SER A 3 -2.31 34.83 -0.79
N GLY A 4 -1.16 34.93 -0.14
CA GLY A 4 0.11 34.96 -0.85
C GLY A 4 0.39 33.61 -1.51
N SER A 5 1.65 33.42 -1.87
CA SER A 5 2.06 32.19 -2.52
C SER A 5 3.46 31.78 -2.04
N SER A 6 3.82 30.54 -2.36
CA SER A 6 5.12 30.03 -1.96
C SER A 6 5.45 28.78 -2.78
N GLY A 7 6.73 28.63 -3.09
CA GLY A 7 7.19 27.48 -3.85
C GLY A 7 8.10 26.58 -3.01
N ALA A 8 7.57 26.17 -1.87
CA ALA A 8 8.32 25.31 -0.97
C ALA A 8 7.60 23.97 -0.82
N GLY A 9 8.38 22.93 -0.58
CA GLY A 9 7.83 21.60 -0.42
C GLY A 9 8.86 20.66 0.23
N GLN A 10 9.21 20.98 1.47
CA GLN A 10 10.18 20.18 2.20
C GLN A 10 9.80 18.70 2.13
N VAL A 11 10.63 17.88 2.75
CA VAL A 11 10.38 16.44 2.77
C VAL A 11 10.13 15.96 1.34
N VAL A 12 10.02 14.64 1.21
CA VAL A 12 9.78 14.04 -0.09
C VAL A 12 8.28 13.83 -0.28
N HIS A 13 7.89 13.65 -1.54
CA HIS A 13 6.49 13.46 -1.86
C HIS A 13 6.22 11.96 -2.04
N THR A 14 4.94 11.62 -2.02
CA THR A 14 4.53 10.23 -2.19
C THR A 14 3.44 10.12 -3.25
N GLU A 15 3.51 9.03 -4.01
CA GLU A 15 2.54 8.79 -5.06
C GLU A 15 1.80 7.47 -4.81
N THR A 16 0.59 7.40 -5.33
CA THR A 16 -0.22 6.20 -5.17
C THR A 16 -0.34 5.45 -6.50
N THR A 17 -0.50 4.13 -6.39
CA THR A 17 -0.61 3.29 -7.57
C THR A 17 -1.84 2.40 -7.46
N GLU A 18 -2.37 2.04 -8.62
CA GLU A 18 -3.55 1.19 -8.67
C GLU A 18 -3.15 -0.23 -9.08
N VAL A 19 -3.56 -1.18 -8.23
CA VAL A 19 -3.25 -2.59 -8.49
C VAL A 19 -4.56 -3.34 -8.72
N VAL A 20 -4.65 -3.95 -9.89
CA VAL A 20 -5.83 -4.72 -10.25
C VAL A 20 -5.51 -6.21 -10.20
N LEU A 21 -6.17 -6.90 -9.28
CA LEU A 21 -5.95 -8.32 -9.11
C LEU A 21 -7.24 -9.07 -9.49
N THR A 22 -7.05 -10.18 -10.19
CA THR A 22 -8.18 -10.99 -10.62
C THR A 22 -8.29 -12.24 -9.74
N ALA A 23 -9.32 -12.25 -8.91
CA ALA A 23 -9.56 -13.37 -8.01
C ALA A 23 -9.34 -14.68 -8.78
N ASP A 24 -8.14 -15.23 -8.62
CA ASP A 24 -7.78 -16.47 -9.28
C ASP A 24 -8.88 -17.51 -9.03
N PRO A 25 -8.78 -18.65 -9.77
CA PRO A 25 -9.75 -19.72 -9.63
C PRO A 25 -9.50 -20.50 -8.34
N VAL A 26 -8.34 -20.27 -7.75
CA VAL A 26 -7.97 -20.95 -6.52
C VAL A 26 -7.50 -19.91 -5.50
N THR A 27 -6.46 -19.20 -5.86
CA THR A 27 -5.90 -18.18 -4.98
C THR A 27 -6.40 -16.79 -5.39
N GLY A 28 -7.69 -16.57 -5.17
CA GLY A 28 -8.29 -15.30 -5.52
C GLY A 28 -7.24 -14.19 -5.60
N PHE A 29 -7.02 -13.54 -4.46
CA PHE A 29 -6.05 -12.46 -4.38
C PHE A 29 -4.89 -12.84 -3.47
N GLY A 30 -5.15 -13.78 -2.58
CA GLY A 30 -4.15 -14.24 -1.63
C GLY A 30 -3.43 -13.05 -0.98
N ILE A 31 -4.17 -12.35 -0.12
CA ILE A 31 -3.62 -11.21 0.57
C ILE A 31 -4.00 -11.28 2.05
N GLN A 32 -3.07 -10.85 2.89
CA GLN A 32 -3.29 -10.86 4.32
C GLN A 32 -3.14 -9.45 4.90
N LEU A 33 -4.07 -9.09 5.77
CA LEU A 33 -4.04 -7.78 6.39
C LEU A 33 -3.78 -7.93 7.89
N GLN A 34 -3.26 -6.87 8.48
CA GLN A 34 -2.96 -6.88 9.90
C GLN A 34 -3.77 -5.80 10.62
N GLY A 35 -3.91 -5.97 11.93
CA GLY A 35 -4.64 -5.02 12.74
C GLY A 35 -4.52 -5.35 14.24
N SER A 36 -5.57 -5.04 14.96
CA SER A 36 -5.60 -5.30 16.40
C SER A 36 -7.04 -5.28 16.90
N VAL A 37 -7.20 -5.70 18.15
CA VAL A 37 -8.51 -5.73 18.78
C VAL A 37 -8.80 -4.38 19.42
N PHE A 38 -7.74 -3.76 19.93
CA PHE A 38 -7.87 -2.47 20.57
C PHE A 38 -7.77 -1.33 19.56
N ALA A 39 -8.74 -0.43 19.63
CA ALA A 39 -8.77 0.70 18.72
C ALA A 39 -9.83 1.70 19.20
N THR A 40 -10.07 2.71 18.37
CA THR A 40 -11.05 3.73 18.70
C THR A 40 -12.21 3.70 17.70
N GLU A 41 -12.00 4.38 16.58
CA GLU A 41 -13.01 4.44 15.55
C GLU A 41 -12.73 3.38 14.47
N THR A 42 -11.48 3.35 14.03
CA THR A 42 -11.07 2.40 13.02
C THR A 42 -9.87 1.58 13.50
N LEU A 43 -8.90 1.42 12.60
CA LEU A 43 -7.70 0.67 12.92
C LEU A 43 -6.58 1.64 13.29
N SER A 44 -6.95 2.91 13.42
CA SER A 44 -5.99 3.94 13.77
C SER A 44 -4.73 3.79 12.91
N SER A 45 -4.93 3.24 11.72
CA SER A 45 -3.82 3.04 10.79
C SER A 45 -4.29 2.19 9.61
N PRO A 46 -3.49 2.28 8.50
CA PRO A 46 -3.81 1.54 7.29
C PRO A 46 -3.49 0.05 7.46
N PRO A 47 -4.21 -0.80 6.68
CA PRO A 47 -4.00 -2.23 6.74
C PRO A 47 -2.70 -2.63 6.03
N LEU A 48 -1.73 -3.03 6.83
CA LEU A 48 -0.43 -3.43 6.29
C LEU A 48 -0.52 -4.88 5.81
N ILE A 49 -0.03 -5.09 4.60
CA ILE A 49 -0.05 -6.43 4.02
C ILE A 49 0.74 -7.38 4.91
N SER A 50 0.00 -8.09 5.75
CA SER A 50 0.60 -9.04 6.67
C SER A 50 1.40 -10.08 5.89
N TYR A 51 0.73 -10.70 4.92
CA TYR A 51 1.36 -11.72 4.10
C TYR A 51 0.73 -11.76 2.71
N ILE A 52 1.49 -12.29 1.77
CA ILE A 52 1.01 -12.41 0.39
C ILE A 52 1.08 -13.87 -0.04
N GLU A 53 -0.10 -14.46 -0.22
CA GLU A 53 -0.18 -15.84 -0.64
C GLU A 53 0.70 -16.09 -1.87
N ALA A 54 1.16 -17.32 -1.99
CA ALA A 54 2.01 -17.70 -3.10
C ALA A 54 1.13 -18.17 -4.27
N ASP A 55 1.72 -18.13 -5.46
CA ASP A 55 1.01 -18.55 -6.65
C ASP A 55 -0.28 -17.72 -6.80
N SER A 56 -0.29 -16.59 -6.10
CA SER A 56 -1.44 -15.70 -6.15
C SER A 56 -1.17 -14.53 -7.09
N PRO A 57 -2.26 -13.83 -7.49
CA PRO A 57 -2.14 -12.69 -8.37
C PRO A 57 -1.60 -11.47 -7.63
N ALA A 58 -1.72 -11.51 -6.31
CA ALA A 58 -1.24 -10.42 -5.49
C ALA A 58 0.28 -10.47 -5.41
N GLU A 59 0.82 -11.67 -5.59
CA GLU A 59 2.26 -11.87 -5.56
C GLU A 59 2.85 -11.78 -6.96
N ARG A 60 1.99 -12.04 -7.94
CA ARG A 60 2.42 -12.00 -9.33
C ARG A 60 2.80 -10.57 -9.73
N CYS A 61 1.98 -9.62 -9.29
CA CYS A 61 2.20 -8.22 -9.58
C CYS A 61 3.58 -7.84 -9.02
N GLY A 62 3.83 -8.30 -7.81
CA GLY A 62 5.10 -8.02 -7.15
C GLY A 62 5.06 -6.66 -6.44
N VAL A 63 4.52 -5.67 -7.15
CA VAL A 63 4.42 -4.33 -6.61
C VAL A 63 3.90 -4.40 -5.18
N LEU A 64 3.16 -5.46 -4.90
CA LEU A 64 2.60 -5.67 -3.57
C LEU A 64 3.67 -6.27 -2.67
N GLN A 65 4.19 -5.43 -1.77
CA GLN A 65 5.22 -5.87 -0.84
C GLN A 65 4.60 -6.21 0.52
N ILE A 66 5.35 -6.96 1.30
CA ILE A 66 4.89 -7.36 2.62
C ILE A 66 4.93 -6.16 3.55
N GLY A 67 3.76 -5.81 4.07
CA GLY A 67 3.64 -4.68 4.97
C GLY A 67 3.59 -3.36 4.20
N ASP A 68 2.87 -3.39 3.09
CA ASP A 68 2.74 -2.21 2.26
C ASP A 68 1.72 -1.26 2.89
N ARG A 69 1.49 -0.15 2.19
CA ARG A 69 0.55 0.84 2.68
C ARG A 69 -0.62 0.99 1.70
N VAL A 70 -1.64 0.16 1.92
CA VAL A 70 -2.82 0.18 1.07
C VAL A 70 -3.80 1.24 1.59
N MET A 71 -3.99 2.29 0.80
CA MET A 71 -4.88 3.36 1.16
C MET A 71 -6.33 3.02 0.79
N ALA A 72 -6.47 1.93 0.04
CA ALA A 72 -7.78 1.48 -0.39
C ALA A 72 -7.69 0.04 -0.88
N ILE A 73 -8.80 -0.68 -0.73
CA ILE A 73 -8.85 -2.06 -1.15
C ILE A 73 -9.82 -2.20 -2.31
N ASN A 74 -10.37 -1.06 -2.73
CA ASN A 74 -11.31 -1.04 -3.83
C ASN A 74 -11.95 0.35 -3.92
N GLY A 75 -11.11 1.36 -3.80
CA GLY A 75 -11.57 2.73 -3.86
C GLY A 75 -11.93 3.26 -2.47
N ILE A 76 -12.56 2.41 -1.68
CA ILE A 76 -12.94 2.77 -0.32
C ILE A 76 -11.69 3.02 0.51
N PRO A 77 -11.77 4.08 1.36
CA PRO A 77 -10.65 4.43 2.22
C PRO A 77 -10.52 3.45 3.38
N THR A 78 -9.49 2.62 3.31
CA THR A 78 -9.24 1.63 4.34
C THR A 78 -8.67 2.31 5.60
N GLU A 79 -9.56 2.96 6.32
CA GLU A 79 -9.16 3.65 7.54
C GLU A 79 -10.38 4.30 8.20
N ASP A 80 -11.41 3.49 8.41
CA ASP A 80 -12.64 3.97 9.03
C ASP A 80 -13.37 2.79 9.67
N SER A 81 -13.64 1.79 8.84
CA SER A 81 -14.34 0.61 9.32
C SER A 81 -13.39 -0.27 10.13
N THR A 82 -13.89 -1.44 10.49
CA THR A 82 -13.10 -2.39 11.27
C THR A 82 -12.13 -3.15 10.36
N PHE A 83 -11.14 -3.75 10.99
CA PHE A 83 -10.14 -4.51 10.25
C PHE A 83 -10.80 -5.65 9.47
N GLU A 84 -11.87 -6.17 10.04
CA GLU A 84 -12.60 -7.26 9.41
C GLU A 84 -13.18 -6.81 8.07
N GLU A 85 -13.59 -5.55 8.03
CA GLU A 85 -14.15 -4.99 6.82
C GLU A 85 -13.22 -5.22 5.63
N ALA A 86 -11.98 -4.79 5.81
CA ALA A 86 -10.98 -4.95 4.76
C ALA A 86 -11.00 -6.40 4.26
N ASN A 87 -10.81 -7.32 5.19
CA ASN A 87 -10.80 -8.73 4.85
C ASN A 87 -12.06 -9.07 4.06
N GLN A 88 -13.14 -8.39 4.41
CA GLN A 88 -14.42 -8.61 3.74
C GLN A 88 -14.37 -8.06 2.31
N LEU A 89 -13.71 -6.92 2.17
CA LEU A 89 -13.57 -6.29 0.88
C LEU A 89 -13.04 -7.31 -0.14
N LEU A 90 -12.02 -8.04 0.30
CA LEU A 90 -11.41 -9.05 -0.55
C LEU A 90 -12.42 -10.18 -0.80
N ARG A 91 -13.09 -10.57 0.27
CA ARG A 91 -14.08 -11.64 0.19
C ARG A 91 -15.23 -11.22 -0.72
N ASP A 92 -15.49 -9.92 -0.74
CA ASP A 92 -16.56 -9.38 -1.56
C ASP A 92 -16.04 -9.16 -2.98
N SER A 93 -14.87 -8.55 -3.07
CA SER A 93 -14.27 -8.28 -4.36
C SER A 93 -14.43 -9.49 -5.29
N SER A 94 -14.24 -10.67 -4.70
CA SER A 94 -14.37 -11.91 -5.45
C SER A 94 -15.58 -11.83 -6.39
N ILE A 95 -16.57 -11.06 -5.95
CA ILE A 95 -17.79 -10.91 -6.73
C ILE A 95 -17.43 -10.49 -8.16
N THR A 96 -16.92 -9.27 -8.27
CA THR A 96 -16.52 -8.74 -9.57
C THR A 96 -15.25 -9.43 -10.06
N SER A 97 -14.69 -10.26 -9.19
CA SER A 97 -13.48 -10.99 -9.52
C SER A 97 -12.33 -10.01 -9.79
N LYS A 98 -12.46 -8.84 -9.18
CA LYS A 98 -11.45 -7.80 -9.34
C LYS A 98 -11.38 -6.96 -8.06
N VAL A 99 -10.22 -6.38 -7.83
CA VAL A 99 -10.01 -5.55 -6.66
C VAL A 99 -9.06 -4.40 -7.01
N THR A 100 -9.22 -3.30 -6.29
CA THR A 100 -8.38 -2.14 -6.51
C THR A 100 -7.62 -1.78 -5.24
N LEU A 101 -6.37 -2.23 -5.18
CA LEU A 101 -5.54 -1.96 -4.03
C LEU A 101 -4.71 -0.70 -4.28
N GLU A 102 -5.02 0.34 -3.53
CA GLU A 102 -4.32 1.60 -3.67
C GLU A 102 -3.11 1.64 -2.73
N ILE A 103 -1.93 1.52 -3.33
CA ILE A 103 -0.70 1.53 -2.56
C ILE A 103 -0.08 2.93 -2.64
N GLU A 104 0.85 3.18 -1.73
CA GLU A 104 1.53 4.47 -1.68
C GLU A 104 3.04 4.27 -1.55
N PHE A 105 3.77 5.01 -2.36
CA PHE A 105 5.23 4.93 -2.35
C PHE A 105 5.86 6.32 -2.36
N ASP A 106 7.18 6.33 -2.27
CA ASP A 106 7.91 7.59 -2.27
C ASP A 106 8.59 7.79 -3.62
N VAL A 107 8.91 9.04 -3.91
CA VAL A 107 9.57 9.37 -5.16
C VAL A 107 10.80 10.24 -4.88
N ALA A 108 11.85 10.00 -5.65
CA ALA A 108 13.08 10.74 -5.49
C ALA A 108 12.86 12.19 -5.96
N GLU A 109 13.48 13.11 -5.25
CA GLU A 109 13.36 14.52 -5.57
C GLU A 109 14.55 14.96 -6.44
N SER A 110 14.41 16.15 -7.01
CA SER A 110 15.45 16.70 -7.86
C SER A 110 16.15 17.85 -7.14
N VAL A 111 17.30 17.53 -6.56
CA VAL A 111 18.07 18.52 -5.84
C VAL A 111 19.51 18.51 -6.35
N ILE A 112 20.06 19.70 -6.56
CA ILE A 112 21.42 19.84 -7.04
C ILE A 112 22.37 19.15 -6.07
N PRO A 113 23.45 18.55 -6.65
CA PRO A 113 24.44 17.85 -5.86
C PRO A 113 25.35 18.84 -5.12
N SER A 114 24.93 19.19 -3.91
CA SER A 114 25.69 20.13 -3.09
C SER A 114 26.96 19.44 -2.56
N SER A 115 26.74 18.43 -1.74
CA SER A 115 27.85 17.70 -1.15
C SER A 115 28.68 17.03 -2.25
N GLY A 116 29.95 16.81 -1.95
CA GLY A 116 30.86 16.19 -2.90
C GLY A 116 32.19 16.95 -2.95
N SER A 117 33.15 16.33 -3.63
CA SER A 117 34.47 16.93 -3.77
C SER A 117 35.12 17.07 -2.39
N GLY A 118 36.44 17.10 -2.41
CA GLY A 118 37.20 17.24 -1.16
C GLY A 118 38.64 16.78 -1.36
N PRO A 119 39.56 17.42 -0.58
CA PRO A 119 40.97 17.09 -0.65
C PRO A 119 41.26 15.76 0.05
N SER A 120 42.09 14.96 -0.60
CA SER A 120 42.45 13.66 -0.06
C SER A 120 43.81 13.75 0.63
N SER A 121 43.98 12.91 1.64
CA SER A 121 45.23 12.87 2.38
C SER A 121 45.66 11.42 2.64
N GLY A 122 46.97 11.24 2.74
CA GLY A 122 47.51 9.91 2.98
C GLY A 122 46.81 9.24 4.16
N GLY A 1 6.17 46.34 0.91
CA GLY A 1 7.33 46.14 1.77
C GLY A 1 7.20 44.87 2.60
N SER A 2 8.29 44.13 2.66
CA SER A 2 8.31 42.88 3.42
C SER A 2 9.69 42.23 3.32
N SER A 3 10.02 41.47 4.36
CA SER A 3 11.30 40.79 4.40
C SER A 3 11.12 39.30 4.08
N GLY A 4 10.26 38.66 4.86
CA GLY A 4 9.99 37.24 4.67
C GLY A 4 9.45 36.97 3.25
N SER A 5 9.78 35.80 2.75
CA SER A 5 9.34 35.41 1.42
C SER A 5 8.01 34.65 1.51
N SER A 6 8.08 33.49 2.15
CA SER A 6 6.90 32.66 2.32
C SER A 6 7.20 31.47 3.23
N GLY A 7 6.15 30.77 3.61
CA GLY A 7 6.30 29.61 4.48
C GLY A 7 7.52 28.78 4.08
N ALA A 8 7.54 28.38 2.82
CA ALA A 8 8.63 27.59 2.30
C ALA A 8 8.68 26.25 3.06
N GLY A 9 8.95 25.19 2.31
CA GLY A 9 9.04 23.86 2.88
C GLY A 9 9.32 22.81 1.81
N GLN A 10 10.57 22.37 1.78
CA GLN A 10 10.98 21.36 0.81
C GLN A 10 10.82 19.96 1.39
N VAL A 11 10.23 19.09 0.60
CA VAL A 11 10.01 17.72 1.02
C VAL A 11 9.70 16.85 -0.21
N VAL A 12 9.67 15.55 0.02
CA VAL A 12 9.40 14.61 -1.05
C VAL A 12 7.88 14.45 -1.21
N HIS A 13 7.49 13.91 -2.36
CA HIS A 13 6.08 13.70 -2.64
C HIS A 13 5.80 12.19 -2.67
N THR A 14 4.51 11.87 -2.59
CA THR A 14 4.08 10.48 -2.60
C THR A 14 2.94 10.29 -3.60
N GLU A 15 3.00 9.18 -4.32
CA GLU A 15 1.98 8.87 -5.31
C GLU A 15 1.29 7.55 -4.97
N THR A 16 0.04 7.45 -5.37
CA THR A 16 -0.74 6.25 -5.11
C THR A 16 -0.84 5.39 -6.37
N THR A 17 -0.90 4.08 -6.17
CA THR A 17 -1.00 3.15 -7.27
C THR A 17 -2.19 2.21 -7.07
N GLU A 18 -2.72 1.74 -8.19
CA GLU A 18 -3.86 0.84 -8.15
C GLU A 18 -3.47 -0.52 -8.74
N VAL A 19 -3.51 -1.53 -7.89
CA VAL A 19 -3.18 -2.88 -8.31
C VAL A 19 -4.46 -3.64 -8.67
N VAL A 20 -4.38 -4.38 -9.76
CA VAL A 20 -5.52 -5.16 -10.23
C VAL A 20 -5.20 -6.65 -10.12
N LEU A 21 -5.93 -7.32 -9.24
CA LEU A 21 -5.73 -8.75 -9.04
C LEU A 21 -7.00 -9.50 -9.43
N THR A 22 -6.82 -10.56 -10.19
CA THR A 22 -7.95 -11.37 -10.64
C THR A 22 -8.10 -12.60 -9.74
N ALA A 23 -9.14 -12.55 -8.92
CA ALA A 23 -9.42 -13.65 -8.00
C ALA A 23 -9.15 -14.99 -8.72
N ASP A 24 -7.98 -15.53 -8.47
CA ASP A 24 -7.59 -16.79 -9.08
C ASP A 24 -8.71 -17.82 -8.86
N PRO A 25 -8.56 -18.98 -9.55
CA PRO A 25 -9.54 -20.05 -9.43
C PRO A 25 -9.40 -20.79 -8.10
N VAL A 26 -8.27 -20.56 -7.45
CA VAL A 26 -7.99 -21.18 -6.17
C VAL A 26 -7.57 -20.12 -5.16
N THR A 27 -6.47 -19.46 -5.49
CA THR A 27 -5.95 -18.41 -4.61
C THR A 27 -6.40 -17.04 -5.10
N GLY A 28 -7.69 -16.80 -4.96
CA GLY A 28 -8.27 -15.53 -5.38
C GLY A 28 -7.19 -14.44 -5.49
N PHE A 29 -6.98 -13.77 -4.37
CA PHE A 29 -5.99 -12.71 -4.31
C PHE A 29 -4.76 -13.14 -3.49
N GLY A 30 -5.01 -14.06 -2.58
CA GLY A 30 -3.94 -14.56 -1.72
C GLY A 30 -3.20 -13.41 -1.05
N ILE A 31 -3.90 -12.72 -0.16
CA ILE A 31 -3.31 -11.61 0.56
C ILE A 31 -3.72 -11.68 2.03
N GLN A 32 -2.83 -11.19 2.88
CA GLN A 32 -3.09 -11.19 4.31
C GLN A 32 -2.91 -9.78 4.89
N LEU A 33 -3.77 -9.47 5.85
CA LEU A 33 -3.72 -8.16 6.48
C LEU A 33 -3.45 -8.34 7.98
N GLN A 34 -2.97 -7.27 8.60
CA GLN A 34 -2.67 -7.29 10.02
C GLN A 34 -3.75 -6.53 10.80
N GLY A 35 -4.14 -7.11 11.92
CA GLY A 35 -5.15 -6.50 12.76
C GLY A 35 -4.57 -6.13 14.13
N SER A 36 -5.25 -6.58 15.17
CA SER A 36 -4.82 -6.30 16.53
C SER A 36 -5.16 -7.48 17.45
N VAL A 37 -4.46 -7.54 18.57
CA VAL A 37 -4.69 -8.61 19.54
C VAL A 37 -6.19 -8.86 19.67
N PHE A 38 -6.91 -7.80 20.02
CA PHE A 38 -8.35 -7.89 20.19
C PHE A 38 -9.06 -6.72 19.50
N ALA A 39 -8.27 -5.94 18.78
CA ALA A 39 -8.80 -4.79 18.06
C ALA A 39 -9.87 -4.11 18.92
N THR A 40 -9.42 -3.19 19.75
CA THR A 40 -10.32 -2.46 20.63
C THR A 40 -11.58 -2.05 19.88
N GLU A 41 -11.42 -1.09 18.97
CA GLU A 41 -12.52 -0.60 18.18
C GLU A 41 -12.21 -0.72 16.68
N THR A 42 -10.99 -0.34 16.35
CA THR A 42 -10.55 -0.40 14.96
C THR A 42 -9.14 -0.97 14.88
N LEU A 43 -8.30 -0.30 14.09
CA LEU A 43 -6.92 -0.74 13.92
C LEU A 43 -5.99 0.45 14.13
N SER A 44 -6.57 1.56 14.54
CA SER A 44 -5.81 2.78 14.79
C SER A 44 -4.71 2.93 13.72
N SER A 45 -5.02 2.44 12.53
CA SER A 45 -4.09 2.52 11.42
C SER A 45 -4.59 1.67 10.25
N PRO A 46 -3.94 1.87 9.08
CA PRO A 46 -4.31 1.13 7.88
C PRO A 46 -3.81 -0.32 7.95
N PRO A 47 -4.56 -1.21 7.27
CA PRO A 47 -4.22 -2.62 7.25
C PRO A 47 -3.03 -2.87 6.33
N LEU A 48 -1.95 -3.37 6.92
CA LEU A 48 -0.74 -3.66 6.17
C LEU A 48 -0.78 -5.12 5.70
N ILE A 49 -0.19 -5.34 4.53
CA ILE A 49 -0.15 -6.68 3.97
C ILE A 49 0.69 -7.59 4.86
N SER A 50 0.01 -8.30 5.74
CA SER A 50 0.69 -9.20 6.66
C SER A 50 1.51 -10.22 5.88
N TYR A 51 0.82 -10.95 5.01
CA TYR A 51 1.48 -11.96 4.20
C TYR A 51 0.85 -12.03 2.80
N ILE A 52 1.63 -12.55 1.87
CA ILE A 52 1.17 -12.69 0.50
C ILE A 52 1.30 -14.14 0.05
N GLU A 53 0.16 -14.79 -0.11
CA GLU A 53 0.13 -16.17 -0.53
C GLU A 53 1.01 -16.38 -1.76
N ALA A 54 1.46 -17.61 -1.94
CA ALA A 54 2.31 -17.94 -3.06
C ALA A 54 1.43 -18.39 -4.24
N ASP A 55 2.06 -18.47 -5.41
CA ASP A 55 1.36 -18.88 -6.60
C ASP A 55 0.05 -18.10 -6.72
N SER A 56 0.05 -16.93 -6.10
CA SER A 56 -1.13 -16.07 -6.12
C SER A 56 -0.91 -14.91 -7.09
N PRO A 57 -2.03 -14.23 -7.44
CA PRO A 57 -1.97 -13.10 -8.35
C PRO A 57 -1.39 -11.86 -7.66
N ALA A 58 -1.46 -11.88 -6.33
CA ALA A 58 -0.94 -10.77 -5.55
C ALA A 58 0.58 -10.81 -5.56
N GLU A 59 1.11 -12.00 -5.75
CA GLU A 59 2.55 -12.19 -5.79
C GLU A 59 3.06 -12.12 -7.23
N ARG A 60 2.17 -12.43 -8.15
CA ARG A 60 2.51 -12.41 -9.57
C ARG A 60 3.05 -11.03 -9.96
N CYS A 61 2.26 -10.02 -9.66
CA CYS A 61 2.64 -8.65 -9.98
C CYS A 61 3.95 -8.34 -9.25
N GLY A 62 3.99 -8.76 -7.99
CA GLY A 62 5.17 -8.52 -7.16
C GLY A 62 5.19 -7.09 -6.63
N VAL A 63 4.23 -6.30 -7.09
CA VAL A 63 4.13 -4.92 -6.67
C VAL A 63 3.69 -4.87 -5.20
N LEU A 64 2.95 -5.89 -4.80
CA LEU A 64 2.47 -5.98 -3.44
C LEU A 64 3.57 -6.54 -2.54
N GLN A 65 4.14 -5.65 -1.75
CA GLN A 65 5.22 -6.04 -0.85
C GLN A 65 4.66 -6.31 0.55
N ILE A 66 5.32 -7.21 1.27
CA ILE A 66 4.91 -7.56 2.61
C ILE A 66 4.94 -6.32 3.50
N GLY A 67 3.79 -6.01 4.08
CA GLY A 67 3.68 -4.85 4.95
C GLY A 67 3.60 -3.56 4.13
N ASP A 68 2.66 -3.55 3.20
CA ASP A 68 2.47 -2.38 2.35
C ASP A 68 1.54 -1.39 3.05
N ARG A 69 1.23 -0.31 2.35
CA ARG A 69 0.37 0.71 2.89
C ARG A 69 -0.82 0.96 1.95
N VAL A 70 -1.89 0.22 2.20
CA VAL A 70 -3.09 0.35 1.39
C VAL A 70 -3.91 1.53 1.89
N MET A 71 -3.91 2.60 1.09
CA MET A 71 -4.65 3.79 1.44
C MET A 71 -6.15 3.60 1.24
N ALA A 72 -6.48 2.75 0.27
CA ALA A 72 -7.86 2.45 -0.04
C ALA A 72 -7.96 1.09 -0.71
N ILE A 73 -9.17 0.55 -0.73
CA ILE A 73 -9.42 -0.74 -1.34
C ILE A 73 -10.70 -0.68 -2.16
N ASN A 74 -10.53 -0.57 -3.46
CA ASN A 74 -11.67 -0.50 -4.36
C ASN A 74 -12.34 0.86 -4.23
N GLY A 75 -11.65 1.76 -3.56
CA GLY A 75 -12.17 3.11 -3.36
C GLY A 75 -12.50 3.35 -1.89
N ILE A 76 -12.65 2.26 -1.16
CA ILE A 76 -12.97 2.33 0.25
C ILE A 76 -11.80 2.98 1.00
N PRO A 77 -12.14 3.99 1.84
CA PRO A 77 -11.13 4.70 2.61
C PRO A 77 -10.65 3.84 3.79
N THR A 78 -9.45 3.31 3.66
CA THR A 78 -8.87 2.48 4.69
C THR A 78 -8.02 3.33 5.64
N GLU A 79 -8.67 3.83 6.68
CA GLU A 79 -7.99 4.65 7.67
C GLU A 79 -8.95 5.00 8.81
N ASP A 80 -9.75 4.03 9.19
CA ASP A 80 -10.72 4.22 10.26
C ASP A 80 -11.50 2.92 10.48
N SER A 81 -11.89 2.31 9.38
CA SER A 81 -12.64 1.07 9.43
C SER A 81 -11.88 0.03 10.26
N THR A 82 -12.44 -1.17 10.32
CA THR A 82 -11.83 -2.24 11.07
C THR A 82 -11.16 -3.24 10.12
N PHE A 83 -10.11 -3.87 10.63
CA PHE A 83 -9.37 -4.85 9.84
C PHE A 83 -10.33 -5.81 9.12
N GLU A 84 -11.42 -6.11 9.80
CA GLU A 84 -12.41 -7.01 9.24
C GLU A 84 -12.96 -6.46 7.93
N GLU A 85 -13.10 -5.14 7.89
CA GLU A 85 -13.61 -4.47 6.72
C GLU A 85 -12.77 -4.85 5.50
N ALA A 86 -11.52 -4.39 5.50
CA ALA A 86 -10.61 -4.67 4.40
C ALA A 86 -10.81 -6.11 3.94
N ASN A 87 -10.79 -7.02 4.90
CA ASN A 87 -10.96 -8.43 4.61
C ASN A 87 -12.26 -8.63 3.83
N GLN A 88 -13.32 -8.00 4.33
CA GLN A 88 -14.62 -8.11 3.69
C GLN A 88 -14.54 -7.61 2.25
N LEU A 89 -13.85 -6.50 2.07
CA LEU A 89 -13.69 -5.92 0.74
C LEU A 89 -13.27 -7.02 -0.24
N LEU A 90 -12.15 -7.65 0.06
CA LEU A 90 -11.63 -8.72 -0.77
C LEU A 90 -12.74 -9.71 -1.07
N ARG A 91 -13.32 -10.24 0.00
CA ARG A 91 -14.40 -11.21 -0.13
C ARG A 91 -15.46 -10.69 -1.10
N ASP A 92 -15.53 -9.37 -1.21
CA ASP A 92 -16.48 -8.73 -2.09
C ASP A 92 -15.88 -8.60 -3.50
N SER A 93 -14.65 -8.11 -3.53
CA SER A 93 -13.95 -7.93 -4.79
C SER A 93 -14.00 -9.23 -5.61
N SER A 94 -14.14 -10.33 -4.89
CA SER A 94 -14.20 -11.64 -5.53
C SER A 94 -15.36 -11.68 -6.52
N ILE A 95 -16.43 -10.97 -6.17
CA ILE A 95 -17.61 -10.92 -7.02
C ILE A 95 -17.18 -10.60 -8.46
N THR A 96 -16.75 -9.35 -8.66
CA THR A 96 -16.32 -8.92 -9.97
C THR A 96 -15.06 -9.68 -10.40
N SER A 97 -14.49 -10.39 -9.45
CA SER A 97 -13.29 -11.17 -9.71
C SER A 97 -12.10 -10.24 -9.92
N LYS A 98 -12.20 -9.05 -9.34
CA LYS A 98 -11.14 -8.06 -9.46
C LYS A 98 -11.13 -7.18 -8.21
N VAL A 99 -9.93 -6.94 -7.71
CA VAL A 99 -9.77 -6.11 -6.52
C VAL A 99 -8.82 -4.96 -6.84
N THR A 100 -9.11 -3.80 -6.25
CA THR A 100 -8.30 -2.63 -6.46
C THR A 100 -7.71 -2.15 -5.12
N LEU A 101 -6.41 -2.37 -4.98
CA LEU A 101 -5.70 -1.97 -3.78
C LEU A 101 -4.91 -0.70 -4.05
N GLU A 102 -5.21 0.33 -3.28
CA GLU A 102 -4.54 1.61 -3.43
C GLU A 102 -3.34 1.68 -2.49
N ILE A 103 -2.15 1.58 -3.08
CA ILE A 103 -0.92 1.64 -2.31
C ILE A 103 -0.29 3.02 -2.46
N GLU A 104 0.69 3.29 -1.60
CA GLU A 104 1.38 4.57 -1.63
C GLU A 104 2.85 4.38 -1.29
N PHE A 105 3.70 4.89 -2.17
CA PHE A 105 5.14 4.79 -1.98
C PHE A 105 5.81 6.16 -2.10
N ASP A 106 7.11 6.16 -1.91
CA ASP A 106 7.89 7.39 -1.99
C ASP A 106 8.43 7.56 -3.41
N VAL A 107 8.45 8.82 -3.85
CA VAL A 107 8.94 9.13 -5.19
C VAL A 107 10.13 10.09 -5.07
N ALA A 108 11.06 9.92 -6.00
CA ALA A 108 12.25 10.75 -6.02
C ALA A 108 11.90 12.12 -6.59
N GLU A 109 12.39 13.16 -5.94
CA GLU A 109 12.13 14.52 -6.38
C GLU A 109 13.45 15.20 -6.77
N SER A 110 13.30 16.32 -7.48
CA SER A 110 14.47 17.07 -7.93
C SER A 110 15.18 17.69 -6.71
N VAL A 111 16.23 17.01 -6.29
CA VAL A 111 17.01 17.47 -5.15
C VAL A 111 18.49 17.52 -5.54
N ILE A 112 19.13 18.62 -5.16
CA ILE A 112 20.54 18.80 -5.45
C ILE A 112 21.33 17.62 -4.90
N PRO A 113 21.84 16.78 -5.83
CA PRO A 113 22.61 15.61 -5.44
C PRO A 113 24.02 16.01 -5.00
N SER A 114 24.25 15.89 -3.70
CA SER A 114 25.54 16.24 -3.13
C SER A 114 26.08 15.06 -2.32
N SER A 115 27.31 14.67 -2.65
CA SER A 115 27.96 13.57 -1.97
C SER A 115 29.40 13.44 -2.42
N GLY A 116 30.32 13.82 -1.55
CA GLY A 116 31.74 13.74 -1.85
C GLY A 116 32.35 12.44 -1.34
N SER A 117 32.13 12.18 -0.06
CA SER A 117 32.64 10.97 0.56
C SER A 117 34.16 10.88 0.33
N GLY A 118 34.77 9.92 1.03
CA GLY A 118 36.20 9.72 0.91
C GLY A 118 36.81 9.38 2.26
N PRO A 119 37.52 8.22 2.30
CA PRO A 119 38.16 7.77 3.53
C PRO A 119 39.42 8.59 3.82
N SER A 120 39.86 8.51 5.07
CA SER A 120 41.05 9.23 5.48
C SER A 120 42.30 8.56 4.90
N SER A 121 43.41 9.28 4.99
CA SER A 121 44.68 8.77 4.48
C SER A 121 45.83 9.31 5.32
N GLY A 122 46.94 8.57 5.29
CA GLY A 122 48.11 8.97 6.04
C GLY A 122 49.38 8.81 5.20
N GLY A 1 19.18 35.04 -14.77
CA GLY A 1 19.13 34.04 -13.72
C GLY A 1 20.16 34.32 -12.63
N SER A 2 19.69 34.29 -11.39
CA SER A 2 20.57 34.54 -10.26
C SER A 2 19.76 34.48 -8.96
N SER A 3 20.49 34.49 -7.85
CA SER A 3 19.86 34.44 -6.54
C SER A 3 19.09 33.13 -6.38
N GLY A 4 18.97 32.70 -5.13
CA GLY A 4 18.25 31.48 -4.83
C GLY A 4 17.33 31.65 -3.62
N SER A 5 17.02 30.53 -2.99
CA SER A 5 16.15 30.55 -1.83
C SER A 5 16.33 29.27 -1.01
N SER A 6 15.75 29.28 0.18
CA SER A 6 15.84 28.12 1.06
C SER A 6 15.02 28.37 2.33
N GLY A 7 14.31 27.33 2.74
CA GLY A 7 13.48 27.42 3.93
C GLY A 7 12.38 26.35 3.92
N ALA A 8 11.44 26.51 4.84
CA ALA A 8 10.35 25.56 4.94
C ALA A 8 9.66 25.43 3.59
N GLY A 9 8.66 24.55 3.55
CA GLY A 9 7.92 24.32 2.32
C GLY A 9 8.42 23.08 1.60
N GLN A 10 9.73 23.04 1.41
CA GLN A 10 10.35 21.91 0.74
C GLN A 10 9.88 20.59 1.36
N VAL A 11 9.57 19.64 0.49
CA VAL A 11 9.11 18.34 0.93
C VAL A 11 9.07 17.38 -0.25
N VAL A 12 8.85 16.12 0.06
CA VAL A 12 8.79 15.09 -0.98
C VAL A 12 7.32 14.79 -1.30
N HIS A 13 7.12 14.14 -2.44
CA HIS A 13 5.78 13.79 -2.87
C HIS A 13 5.60 12.27 -2.79
N THR A 14 4.34 11.86 -2.84
CA THR A 14 4.02 10.44 -2.78
C THR A 14 3.12 10.04 -3.95
N GLU A 15 3.35 8.85 -4.45
CA GLU A 15 2.58 8.33 -5.57
C GLU A 15 1.78 7.11 -5.14
N THR A 16 0.65 6.90 -5.82
CA THR A 16 -0.21 5.77 -5.53
C THR A 16 -0.33 4.86 -6.74
N THR A 17 -0.33 3.56 -6.46
CA THR A 17 -0.43 2.57 -7.53
C THR A 17 -1.70 1.74 -7.36
N GLU A 18 -2.22 1.27 -8.48
CA GLU A 18 -3.43 0.47 -8.48
C GLU A 18 -3.10 -0.98 -8.82
N VAL A 19 -3.35 -1.86 -7.85
CA VAL A 19 -3.08 -3.27 -8.03
C VAL A 19 -4.40 -4.01 -8.26
N VAL A 20 -4.54 -4.57 -9.46
CA VAL A 20 -5.74 -5.30 -9.81
C VAL A 20 -5.45 -6.80 -9.76
N LEU A 21 -5.86 -7.42 -8.67
CA LEU A 21 -5.66 -8.84 -8.49
C LEU A 21 -6.91 -9.59 -8.92
N THR A 22 -6.84 -10.16 -10.12
CA THR A 22 -7.97 -10.91 -10.65
C THR A 22 -8.21 -12.18 -9.84
N ALA A 23 -9.20 -12.10 -8.96
CA ALA A 23 -9.54 -13.23 -8.12
C ALA A 23 -9.32 -14.53 -8.90
N ASP A 24 -8.16 -15.13 -8.66
CA ASP A 24 -7.82 -16.37 -9.33
C ASP A 24 -8.85 -17.44 -8.98
N PRO A 25 -8.81 -18.55 -9.76
CA PRO A 25 -9.73 -19.65 -9.54
C PRO A 25 -9.34 -20.46 -8.30
N VAL A 26 -8.27 -20.02 -7.65
CA VAL A 26 -7.79 -20.69 -6.46
C VAL A 26 -7.28 -19.65 -5.46
N THR A 27 -6.32 -18.86 -5.92
CA THR A 27 -5.75 -17.81 -5.09
C THR A 27 -6.28 -16.44 -5.51
N GLY A 28 -7.55 -16.22 -5.21
CA GLY A 28 -8.18 -14.95 -5.55
C GLY A 28 -7.15 -13.83 -5.64
N PHE A 29 -6.84 -13.27 -4.48
CA PHE A 29 -5.87 -12.19 -4.41
C PHE A 29 -4.63 -12.60 -3.62
N GLY A 30 -4.83 -13.59 -2.75
CA GLY A 30 -3.75 -14.08 -1.92
C GLY A 30 -3.05 -12.93 -1.20
N ILE A 31 -3.82 -12.23 -0.39
CA ILE A 31 -3.28 -11.11 0.37
C ILE A 31 -3.68 -11.26 1.85
N GLN A 32 -2.78 -10.82 2.72
CA GLN A 32 -3.03 -10.90 4.14
C GLN A 32 -2.82 -9.53 4.79
N LEU A 33 -3.73 -9.20 5.72
CA LEU A 33 -3.66 -7.93 6.41
C LEU A 33 -3.37 -8.18 7.89
N GLN A 34 -2.84 -7.15 8.54
CA GLN A 34 -2.51 -7.24 9.95
C GLN A 34 -3.53 -6.45 10.79
N GLY A 35 -3.78 -6.95 11.99
CA GLY A 35 -4.72 -6.31 12.88
C GLY A 35 -4.20 -6.32 14.32
N SER A 36 -4.95 -5.66 15.19
CA SER A 36 -4.58 -5.59 16.59
C SER A 36 -5.78 -5.90 17.48
N VAL A 37 -5.54 -6.74 18.48
CA VAL A 37 -6.60 -7.14 19.39
C VAL A 37 -7.24 -5.89 19.99
N PHE A 38 -6.41 -5.08 20.64
CA PHE A 38 -6.89 -3.85 21.25
C PHE A 38 -7.17 -2.78 20.19
N ALA A 39 -8.41 -2.74 19.74
CA ALA A 39 -8.82 -1.78 18.74
C ALA A 39 -10.35 -1.71 18.69
N THR A 40 -10.88 -0.62 19.24
CA THR A 40 -12.31 -0.42 19.27
C THR A 40 -12.91 -0.65 17.87
N GLU A 41 -12.87 0.41 17.07
CA GLU A 41 -13.42 0.34 15.72
C GLU A 41 -12.58 1.22 14.78
N THR A 42 -11.33 1.40 15.14
CA THR A 42 -10.43 2.22 14.34
C THR A 42 -8.97 1.89 14.68
N LEU A 43 -8.26 1.39 13.68
CA LEU A 43 -6.87 1.04 13.85
C LEU A 43 -6.01 2.30 13.71
N SER A 44 -6.68 3.44 13.60
CA SER A 44 -5.99 4.70 13.47
C SER A 44 -4.76 4.54 12.57
N SER A 45 -4.91 3.68 11.57
CA SER A 45 -3.82 3.43 10.64
C SER A 45 -4.28 2.45 9.55
N PRO A 46 -3.61 2.54 8.37
CA PRO A 46 -3.94 1.68 7.25
C PRO A 46 -3.42 0.26 7.48
N PRO A 47 -4.17 -0.72 6.93
CA PRO A 47 -3.79 -2.12 7.06
C PRO A 47 -2.61 -2.45 6.14
N LEU A 48 -1.58 -3.03 6.74
CA LEU A 48 -0.39 -3.40 6.00
C LEU A 48 -0.52 -4.87 5.56
N ILE A 49 0.07 -5.16 4.40
CA ILE A 49 0.04 -6.50 3.86
C ILE A 49 0.90 -7.42 4.73
N SER A 50 0.23 -8.14 5.61
CA SER A 50 0.93 -9.07 6.50
C SER A 50 1.72 -10.09 5.68
N TYR A 51 1.00 -10.77 4.80
CA TYR A 51 1.63 -11.78 3.96
C TYR A 51 1.00 -11.79 2.56
N ILE A 52 1.79 -12.25 1.60
CA ILE A 52 1.33 -12.31 0.22
C ILE A 52 1.36 -13.76 -0.26
N GLU A 53 0.17 -14.33 -0.39
CA GLU A 53 0.06 -15.72 -0.84
C GLU A 53 0.88 -15.93 -2.11
N ALA A 54 1.32 -17.17 -2.29
CA ALA A 54 2.13 -17.51 -3.45
C ALA A 54 1.19 -17.97 -4.58
N ASP A 55 1.74 -18.01 -5.78
CA ASP A 55 0.98 -18.43 -6.95
C ASP A 55 -0.30 -17.58 -7.03
N SER A 56 -0.25 -16.44 -6.38
CA SER A 56 -1.41 -15.54 -6.38
C SER A 56 -1.13 -14.36 -7.31
N PRO A 57 -2.23 -13.61 -7.62
CA PRO A 57 -2.13 -12.46 -8.50
C PRO A 57 -1.49 -11.27 -7.77
N ALA A 58 -1.58 -11.31 -6.45
CA ALA A 58 -1.02 -10.25 -5.63
C ALA A 58 0.50 -10.34 -5.66
N GLU A 59 0.99 -11.55 -5.93
CA GLU A 59 2.42 -11.78 -5.99
C GLU A 59 2.91 -11.73 -7.44
N ARG A 60 2.05 -12.21 -8.33
CA ARG A 60 2.38 -12.22 -9.75
C ARG A 60 2.84 -10.84 -10.19
N CYS A 61 2.11 -9.83 -9.74
CA CYS A 61 2.43 -8.46 -10.09
C CYS A 61 3.83 -8.14 -9.56
N GLY A 62 4.09 -8.60 -8.35
CA GLY A 62 5.37 -8.38 -7.72
C GLY A 62 5.57 -6.90 -7.39
N VAL A 63 4.47 -6.19 -7.29
CA VAL A 63 4.51 -4.78 -6.98
C VAL A 63 4.13 -4.55 -5.52
N LEU A 64 3.50 -5.57 -4.95
CA LEU A 64 3.07 -5.50 -3.56
C LEU A 64 4.17 -6.10 -2.67
N GLN A 65 4.61 -5.30 -1.71
CA GLN A 65 5.64 -5.74 -0.79
C GLN A 65 5.04 -6.01 0.59
N ILE A 66 5.66 -6.96 1.28
CA ILE A 66 5.20 -7.33 2.61
C ILE A 66 5.28 -6.11 3.54
N GLY A 67 4.13 -5.70 4.03
CA GLY A 67 4.06 -4.55 4.92
C GLY A 67 3.78 -3.27 4.14
N ASP A 68 3.03 -3.42 3.05
CA ASP A 68 2.69 -2.29 2.22
C ASP A 68 1.84 -1.30 3.03
N ARG A 69 1.40 -0.24 2.35
CA ARG A 69 0.59 0.77 2.98
C ARG A 69 -0.67 1.03 2.16
N VAL A 70 -1.65 0.14 2.33
CA VAL A 70 -2.91 0.26 1.62
C VAL A 70 -3.66 1.50 2.11
N MET A 71 -3.83 2.45 1.21
CA MET A 71 -4.52 3.69 1.55
C MET A 71 -6.03 3.55 1.30
N ALA A 72 -6.37 2.56 0.48
CA ALA A 72 -7.77 2.32 0.14
C ALA A 72 -7.89 0.94 -0.50
N ILE A 73 -9.13 0.46 -0.54
CA ILE A 73 -9.40 -0.84 -1.12
C ILE A 73 -10.66 -0.75 -2.00
N ASN A 74 -10.43 -0.78 -3.30
CA ASN A 74 -11.52 -0.70 -4.26
C ASN A 74 -12.06 0.74 -4.30
N GLY A 75 -11.37 1.60 -3.58
CA GLY A 75 -11.76 3.01 -3.53
C GLY A 75 -12.14 3.42 -2.11
N ILE A 76 -12.45 2.41 -1.30
CA ILE A 76 -12.83 2.67 0.08
C ILE A 76 -11.61 3.16 0.86
N PRO A 77 -11.83 4.26 1.64
CA PRO A 77 -10.76 4.84 2.43
C PRO A 77 -10.47 3.99 3.66
N THR A 78 -9.30 3.37 3.65
CA THR A 78 -8.89 2.53 4.75
C THR A 78 -8.16 3.35 5.81
N GLU A 79 -8.95 3.97 6.68
CA GLU A 79 -8.39 4.80 7.75
C GLU A 79 -9.42 4.97 8.87
N ASP A 80 -10.31 4.00 8.97
CA ASP A 80 -11.36 4.04 9.99
C ASP A 80 -12.34 2.88 9.75
N SER A 81 -12.08 1.78 10.44
CA SER A 81 -12.93 0.61 10.32
C SER A 81 -12.31 -0.56 11.08
N THR A 82 -12.93 -1.73 10.92
CA THR A 82 -12.45 -2.93 11.58
C THR A 82 -11.66 -3.79 10.60
N PHE A 83 -10.68 -4.51 11.16
CA PHE A 83 -9.83 -5.37 10.35
C PHE A 83 -10.68 -6.32 9.50
N GLU A 84 -11.92 -6.50 9.92
CA GLU A 84 -12.83 -7.38 9.22
C GLU A 84 -13.34 -6.70 7.93
N GLU A 85 -13.50 -5.39 8.03
CA GLU A 85 -13.96 -4.62 6.89
C GLU A 85 -13.16 -4.96 5.63
N ALA A 86 -11.88 -4.62 5.68
CA ALA A 86 -10.99 -4.89 4.57
C ALA A 86 -11.18 -6.34 4.11
N ASN A 87 -11.02 -7.25 5.06
CA ASN A 87 -11.17 -8.66 4.77
C ASN A 87 -12.49 -8.89 4.02
N GLN A 88 -13.46 -8.05 4.33
CA GLN A 88 -14.77 -8.15 3.69
C GLN A 88 -14.70 -7.61 2.26
N LEU A 89 -13.90 -6.56 2.10
CA LEU A 89 -13.74 -5.94 0.79
C LEU A 89 -13.32 -7.00 -0.22
N LEU A 90 -12.29 -7.75 0.15
CA LEU A 90 -11.78 -8.80 -0.71
C LEU A 90 -12.91 -9.76 -1.08
N ARG A 91 -13.53 -10.31 -0.05
CA ARG A 91 -14.63 -11.24 -0.25
C ARG A 91 -15.66 -10.65 -1.21
N ASP A 92 -15.75 -9.32 -1.18
CA ASP A 92 -16.68 -8.63 -2.05
C ASP A 92 -16.06 -8.41 -3.43
N SER A 93 -14.76 -8.13 -3.41
CA SER A 93 -14.03 -7.92 -4.65
C SER A 93 -14.17 -9.14 -5.56
N SER A 94 -14.38 -10.28 -4.93
CA SER A 94 -14.53 -11.52 -5.68
C SER A 94 -15.65 -11.38 -6.71
N ILE A 95 -16.50 -10.39 -6.48
CA ILE A 95 -17.61 -10.13 -7.37
C ILE A 95 -17.08 -9.84 -8.78
N THR A 96 -16.48 -8.67 -8.91
CA THR A 96 -15.92 -8.25 -10.18
C THR A 96 -14.81 -9.21 -10.62
N SER A 97 -14.37 -10.03 -9.68
CA SER A 97 -13.32 -10.99 -9.94
C SER A 97 -11.96 -10.30 -9.93
N LYS A 98 -11.90 -9.19 -9.22
CA LYS A 98 -10.67 -8.42 -9.11
C LYS A 98 -10.77 -7.45 -7.94
N VAL A 99 -9.61 -7.08 -7.41
CA VAL A 99 -9.55 -6.17 -6.30
C VAL A 99 -8.54 -5.06 -6.59
N THR A 100 -8.91 -3.84 -6.23
CA THR A 100 -8.05 -2.70 -6.46
C THR A 100 -7.45 -2.21 -5.13
N LEU A 101 -6.19 -2.57 -4.92
CA LEU A 101 -5.50 -2.19 -3.71
C LEU A 101 -4.80 -0.85 -3.93
N GLU A 102 -5.22 0.14 -3.17
CA GLU A 102 -4.64 1.47 -3.27
C GLU A 102 -3.41 1.59 -2.37
N ILE A 103 -2.25 1.60 -3.01
CA ILE A 103 -1.00 1.72 -2.28
C ILE A 103 -0.42 3.12 -2.46
N GLU A 104 0.51 3.46 -1.60
CA GLU A 104 1.15 4.77 -1.66
C GLU A 104 2.62 4.66 -1.24
N PHE A 105 3.49 5.09 -2.15
CA PHE A 105 4.92 5.05 -1.89
C PHE A 105 5.54 6.44 -1.98
N ASP A 106 6.82 6.51 -1.67
CA ASP A 106 7.53 7.78 -1.71
C ASP A 106 8.36 7.85 -2.99
N VAL A 107 8.58 9.07 -3.45
CA VAL A 107 9.36 9.29 -4.66
C VAL A 107 10.61 10.09 -4.32
N ALA A 108 11.68 9.78 -5.02
CA ALA A 108 12.95 10.46 -4.80
C ALA A 108 12.94 11.78 -5.57
N GLU A 109 12.98 12.87 -4.82
CA GLU A 109 12.98 14.20 -5.41
C GLU A 109 14.32 14.90 -5.15
N SER A 110 14.54 15.97 -5.88
CA SER A 110 15.76 16.74 -5.75
C SER A 110 15.59 17.83 -4.68
N VAL A 111 16.22 17.59 -3.53
CA VAL A 111 16.15 18.54 -2.43
C VAL A 111 17.48 18.54 -1.68
N ILE A 112 17.77 19.68 -1.06
CA ILE A 112 19.00 19.82 -0.30
C ILE A 112 19.03 18.79 0.82
N PRO A 113 20.27 18.38 1.19
CA PRO A 113 20.45 17.39 2.24
C PRO A 113 20.22 18.01 3.63
N SER A 114 20.80 19.19 3.81
CA SER A 114 20.66 19.90 5.08
C SER A 114 21.52 19.21 6.15
N SER A 115 22.50 19.97 6.64
CA SER A 115 23.38 19.45 7.66
C SER A 115 24.47 20.48 7.98
N GLY A 116 24.80 20.58 9.26
CA GLY A 116 25.82 21.52 9.71
C GLY A 116 27.22 21.02 9.34
N SER A 117 27.67 21.45 8.17
CA SER A 117 28.99 21.06 7.70
C SER A 117 29.28 21.74 6.35
N GLY A 118 30.33 22.56 6.36
CA GLY A 118 30.71 23.28 5.15
C GLY A 118 30.54 22.40 3.92
N PRO A 119 29.38 22.62 3.22
CA PRO A 119 29.08 21.87 2.02
C PRO A 119 29.93 22.34 0.84
N SER A 120 30.44 21.38 0.08
CA SER A 120 31.26 21.68 -1.07
C SER A 120 30.45 22.46 -2.11
N SER A 121 30.65 23.77 -2.12
CA SER A 121 29.95 24.62 -3.05
C SER A 121 30.70 24.69 -4.38
N GLY A 122 29.95 24.95 -5.44
CA GLY A 122 30.54 25.04 -6.77
C GLY A 122 29.79 24.14 -7.76
N GLY A 1 10.00 24.94 9.81
CA GLY A 1 8.68 25.53 9.72
C GLY A 1 8.59 26.52 8.56
N SER A 2 8.12 26.01 7.43
CA SER A 2 7.97 26.84 6.24
C SER A 2 6.86 27.87 6.44
N SER A 3 7.06 29.05 5.87
CA SER A 3 6.09 30.11 5.98
C SER A 3 5.75 30.66 4.59
N GLY A 4 4.69 30.13 4.01
CA GLY A 4 4.27 30.55 2.69
C GLY A 4 4.94 29.72 1.60
N SER A 5 6.26 29.80 1.55
CA SER A 5 7.03 29.06 0.57
C SER A 5 6.66 29.54 -0.84
N SER A 6 7.42 30.52 -1.32
CA SER A 6 7.18 31.07 -2.64
C SER A 6 8.33 30.70 -3.57
N GLY A 7 8.16 29.57 -4.25
CA GLY A 7 9.17 29.09 -5.17
C GLY A 7 9.59 27.65 -4.84
N ALA A 8 10.50 27.55 -3.89
CA ALA A 8 10.99 26.25 -3.45
C ALA A 8 10.32 25.87 -2.13
N GLY A 9 10.55 24.63 -1.72
CA GLY A 9 9.98 24.12 -0.48
C GLY A 9 10.90 23.09 0.16
N GLN A 10 10.38 21.88 0.30
CA GLN A 10 11.14 20.79 0.89
C GLN A 10 10.29 19.52 0.95
N VAL A 11 10.60 18.68 1.92
CA VAL A 11 9.89 17.43 2.09
C VAL A 11 9.83 16.68 0.76
N VAL A 12 9.30 15.47 0.81
CA VAL A 12 9.18 14.66 -0.38
C VAL A 12 7.70 14.39 -0.67
N HIS A 13 7.44 13.97 -1.90
CA HIS A 13 6.08 13.68 -2.32
C HIS A 13 5.86 12.16 -2.34
N THR A 14 4.60 11.78 -2.43
CA THR A 14 4.24 10.38 -2.46
C THR A 14 3.25 10.10 -3.59
N GLU A 15 3.41 8.95 -4.21
CA GLU A 15 2.54 8.56 -5.31
C GLU A 15 1.75 7.30 -4.93
N THR A 16 0.60 7.15 -5.58
CA THR A 16 -0.25 6.01 -5.33
C THR A 16 -0.33 5.11 -6.57
N THR A 17 -0.43 3.81 -6.32
CA THR A 17 -0.52 2.84 -7.40
C THR A 17 -1.83 2.06 -7.31
N GLU A 18 -2.24 1.53 -8.45
CA GLU A 18 -3.46 0.75 -8.51
C GLU A 18 -3.15 -0.70 -8.89
N VAL A 19 -3.38 -1.59 -7.94
CA VAL A 19 -3.13 -3.01 -8.17
C VAL A 19 -4.46 -3.71 -8.47
N VAL A 20 -4.55 -4.21 -9.71
CA VAL A 20 -5.76 -4.90 -10.14
C VAL A 20 -5.48 -6.41 -10.17
N LEU A 21 -5.96 -7.09 -9.15
CA LEU A 21 -5.78 -8.52 -9.04
C LEU A 21 -7.06 -9.23 -9.47
N THR A 22 -6.88 -10.35 -10.15
CA THR A 22 -8.02 -11.13 -10.63
C THR A 22 -8.20 -12.38 -9.77
N ALA A 23 -9.27 -12.37 -8.99
CA ALA A 23 -9.57 -13.49 -8.11
C ALA A 23 -9.36 -14.80 -8.88
N ASP A 24 -8.21 -15.42 -8.63
CA ASP A 24 -7.88 -16.67 -9.29
C ASP A 24 -8.97 -17.71 -9.00
N PRO A 25 -8.97 -18.80 -9.82
CA PRO A 25 -9.95 -19.85 -9.65
C PRO A 25 -9.62 -20.72 -8.44
N VAL A 26 -8.57 -20.33 -7.73
CA VAL A 26 -8.14 -21.05 -6.54
C VAL A 26 -7.66 -20.06 -5.49
N THR A 27 -6.64 -19.29 -5.87
CA THR A 27 -6.06 -18.32 -4.95
C THR A 27 -6.52 -16.91 -5.35
N GLY A 28 -7.80 -16.65 -5.15
CA GLY A 28 -8.37 -15.35 -5.48
C GLY A 28 -7.30 -14.27 -5.48
N PHE A 29 -7.07 -13.68 -4.32
CA PHE A 29 -6.08 -12.63 -4.19
C PHE A 29 -4.94 -13.07 -3.26
N GLY A 30 -5.28 -13.97 -2.35
CA GLY A 30 -4.31 -14.48 -1.40
C GLY A 30 -3.52 -13.34 -0.75
N ILE A 31 -4.27 -12.42 -0.14
CA ILE A 31 -3.66 -11.28 0.52
C ILE A 31 -4.10 -11.26 1.99
N GLN A 32 -3.19 -10.80 2.83
CA GLN A 32 -3.46 -10.71 4.26
C GLN A 32 -3.15 -9.32 4.78
N LEU A 33 -4.01 -8.85 5.67
CA LEU A 33 -3.84 -7.53 6.25
C LEU A 33 -3.46 -7.66 7.73
N GLN A 34 -2.85 -6.62 8.26
CA GLN A 34 -2.44 -6.61 9.65
C GLN A 34 -3.36 -5.72 10.48
N GLY A 35 -3.22 -5.82 11.78
CA GLY A 35 -4.03 -5.04 12.70
C GLY A 35 -3.28 -4.75 14.00
N SER A 36 -4.05 -4.39 15.02
CA SER A 36 -3.47 -4.09 16.32
C SER A 36 -4.50 -4.35 17.42
N VAL A 37 -3.99 -4.52 18.64
CA VAL A 37 -4.85 -4.78 19.78
C VAL A 37 -5.34 -3.45 20.35
N PHE A 38 -4.38 -2.59 20.66
CA PHE A 38 -4.70 -1.29 21.21
C PHE A 38 -4.86 -0.24 20.11
N ALA A 39 -5.95 0.52 20.21
CA ALA A 39 -6.23 1.54 19.22
C ALA A 39 -7.39 2.41 19.71
N THR A 40 -7.89 3.24 18.81
CA THR A 40 -9.00 4.11 19.14
C THR A 40 -10.24 3.75 18.31
N GLU A 41 -10.32 4.35 17.13
CA GLU A 41 -11.43 4.09 16.23
C GLU A 41 -11.17 2.83 15.40
N THR A 42 -9.96 2.75 14.86
CA THR A 42 -9.58 1.60 14.06
C THR A 42 -8.25 1.03 14.55
N LEU A 43 -7.36 0.79 13.60
CA LEU A 43 -6.05 0.24 13.92
C LEU A 43 -5.07 1.38 14.18
N SER A 44 -5.63 2.53 14.55
CA SER A 44 -4.82 3.70 14.84
C SER A 44 -3.67 3.79 13.84
N SER A 45 -3.93 3.33 12.63
CA SER A 45 -2.92 3.35 11.59
C SER A 45 -3.44 2.60 10.35
N PRO A 46 -2.75 2.85 9.20
CA PRO A 46 -3.12 2.21 7.96
C PRO A 46 -2.69 0.73 7.94
N PRO A 47 -3.51 -0.09 7.23
CA PRO A 47 -3.23 -1.52 7.14
C PRO A 47 -2.06 -1.78 6.17
N LEU A 48 -1.32 -2.83 6.47
CA LEU A 48 -0.18 -3.20 5.66
C LEU A 48 -0.24 -4.70 5.36
N ILE A 49 -0.14 -5.02 4.07
CA ILE A 49 -0.19 -6.41 3.65
C ILE A 49 0.67 -7.26 4.59
N SER A 50 -0.02 -8.00 5.46
CA SER A 50 0.65 -8.85 6.42
C SER A 50 1.42 -9.95 5.68
N TYR A 51 0.69 -10.69 4.85
CA TYR A 51 1.30 -11.77 4.09
C TYR A 51 0.69 -11.84 2.68
N ILE A 52 1.43 -12.50 1.80
CA ILE A 52 0.99 -12.66 0.42
C ILE A 52 1.11 -14.12 0.01
N GLU A 53 -0.04 -14.74 -0.21
CA GLU A 53 -0.07 -16.14 -0.60
C GLU A 53 0.85 -16.37 -1.81
N ALA A 54 1.31 -17.60 -1.93
CA ALA A 54 2.20 -17.96 -3.03
C ALA A 54 1.36 -18.44 -4.22
N ASP A 55 2.00 -18.46 -5.37
CA ASP A 55 1.32 -18.89 -6.59
C ASP A 55 -0.01 -18.16 -6.72
N SER A 56 -0.03 -16.94 -6.20
CA SER A 56 -1.23 -16.12 -6.25
C SER A 56 -1.00 -14.92 -7.19
N PRO A 57 -2.14 -14.24 -7.50
CA PRO A 57 -2.08 -13.09 -8.38
C PRO A 57 -1.50 -11.87 -7.66
N ALA A 58 -1.53 -11.94 -6.34
CA ALA A 58 -1.01 -10.86 -5.51
C ALA A 58 0.51 -10.95 -5.47
N GLU A 59 1.01 -12.16 -5.61
CA GLU A 59 2.45 -12.40 -5.59
C GLU A 59 2.99 -12.45 -7.02
N ARG A 60 2.08 -12.51 -7.98
CA ARG A 60 2.46 -12.56 -9.38
C ARG A 60 2.87 -11.17 -9.87
N CYS A 61 2.12 -10.18 -9.42
CA CYS A 61 2.40 -8.80 -9.80
C CYS A 61 3.81 -8.45 -9.35
N GLY A 62 4.14 -8.89 -8.14
CA GLY A 62 5.45 -8.63 -7.58
C GLY A 62 5.55 -7.20 -7.05
N VAL A 63 4.46 -6.46 -7.24
CA VAL A 63 4.41 -5.08 -6.80
C VAL A 63 3.94 -5.04 -5.34
N LEU A 64 3.11 -6.02 -5.00
CA LEU A 64 2.57 -6.11 -3.65
C LEU A 64 3.62 -6.73 -2.72
N GLN A 65 4.33 -5.85 -2.02
CA GLN A 65 5.37 -6.30 -1.10
C GLN A 65 4.80 -6.44 0.31
N ILE A 66 5.37 -7.38 1.06
CA ILE A 66 4.94 -7.62 2.42
C ILE A 66 5.06 -6.33 3.22
N GLY A 67 3.92 -5.81 3.63
CA GLY A 67 3.89 -4.58 4.42
C GLY A 67 3.58 -3.38 3.52
N ASP A 68 2.83 -3.63 2.47
CA ASP A 68 2.47 -2.58 1.53
C ASP A 68 1.81 -1.44 2.31
N ARG A 69 1.31 -0.46 1.54
CA ARG A 69 0.65 0.69 2.14
C ARG A 69 -0.74 0.88 1.54
N VAL A 70 -1.57 -0.14 1.71
CA VAL A 70 -2.92 -0.10 1.19
C VAL A 70 -3.67 1.07 1.82
N MET A 71 -3.56 2.22 1.16
CA MET A 71 -4.22 3.42 1.65
C MET A 71 -5.74 3.30 1.52
N ALA A 72 -6.16 2.55 0.52
CA ALA A 72 -7.58 2.35 0.28
C ALA A 72 -7.79 1.00 -0.43
N ILE A 73 -9.01 0.51 -0.36
CA ILE A 73 -9.35 -0.75 -0.98
C ILE A 73 -10.64 -0.58 -1.79
N ASN A 74 -10.47 -0.49 -3.10
CA ASN A 74 -11.61 -0.32 -3.99
C ASN A 74 -12.14 1.10 -3.87
N GLY A 75 -11.44 1.90 -3.09
CA GLY A 75 -11.83 3.29 -2.88
C GLY A 75 -12.24 3.53 -1.43
N ILE A 76 -12.45 2.44 -0.72
CA ILE A 76 -12.85 2.51 0.68
C ILE A 76 -11.65 2.99 1.51
N PRO A 77 -11.97 3.87 2.51
CA PRO A 77 -10.94 4.41 3.38
C PRO A 77 -10.47 3.37 4.40
N THR A 78 -9.30 2.81 4.13
CA THR A 78 -8.73 1.80 5.01
C THR A 78 -8.25 2.43 6.30
N GLU A 79 -9.21 2.84 7.13
CA GLU A 79 -8.89 3.47 8.40
C GLU A 79 -10.18 3.87 9.13
N ASP A 80 -11.11 2.92 9.18
CA ASP A 80 -12.38 3.17 9.84
C ASP A 80 -13.28 1.94 9.67
N SER A 81 -13.18 1.32 8.51
CA SER A 81 -13.96 0.13 8.21
C SER A 81 -13.44 -1.06 9.01
N THR A 82 -12.30 -0.84 9.65
CA THR A 82 -11.68 -1.89 10.46
C THR A 82 -11.19 -3.02 9.55
N PHE A 83 -10.05 -3.58 9.94
CA PHE A 83 -9.46 -4.68 9.17
C PHE A 83 -10.53 -5.70 8.79
N GLU A 84 -11.51 -5.85 9.67
CA GLU A 84 -12.59 -6.79 9.42
C GLU A 84 -13.22 -6.55 8.05
N GLU A 85 -13.36 -5.28 7.71
CA GLU A 85 -13.93 -4.89 6.44
C GLU A 85 -12.91 -5.08 5.31
N ALA A 86 -11.76 -4.46 5.50
CA ALA A 86 -10.69 -4.56 4.51
C ALA A 86 -10.61 -5.99 3.99
N ASN A 87 -10.59 -6.93 4.93
CA ASN A 87 -10.51 -8.34 4.58
C ASN A 87 -11.75 -8.72 3.74
N GLN A 88 -12.91 -8.39 4.28
CA GLN A 88 -14.16 -8.68 3.61
C GLN A 88 -14.17 -8.07 2.20
N LEU A 89 -13.72 -6.82 2.13
CA LEU A 89 -13.67 -6.11 0.87
C LEU A 89 -13.19 -7.06 -0.22
N LEU A 90 -12.25 -7.93 0.16
CA LEU A 90 -11.70 -8.89 -0.77
C LEU A 90 -12.76 -9.95 -1.09
N ARG A 91 -13.17 -10.66 -0.05
CA ARG A 91 -14.18 -11.70 -0.20
C ARG A 91 -15.29 -11.23 -1.13
N ASP A 92 -15.48 -9.92 -1.15
CA ASP A 92 -16.51 -9.33 -2.00
C ASP A 92 -15.96 -9.14 -3.41
N SER A 93 -14.77 -8.57 -3.48
CA SER A 93 -14.12 -8.32 -4.75
C SER A 93 -14.26 -9.55 -5.65
N SER A 94 -14.34 -10.70 -5.01
CA SER A 94 -14.47 -11.95 -5.74
C SER A 94 -15.60 -11.84 -6.78
N ILE A 95 -16.68 -11.21 -6.36
CA ILE A 95 -17.82 -11.02 -7.24
C ILE A 95 -17.34 -10.57 -8.61
N THR A 96 -16.92 -9.31 -8.67
CA THR A 96 -16.43 -8.75 -9.92
C THR A 96 -15.15 -9.45 -10.36
N SER A 97 -14.62 -10.26 -9.46
CA SER A 97 -13.40 -11.00 -9.74
C SER A 97 -12.23 -10.04 -9.94
N LYS A 98 -12.36 -8.87 -9.33
CA LYS A 98 -11.32 -7.86 -9.43
C LYS A 98 -11.28 -7.04 -8.13
N VAL A 99 -10.08 -6.61 -7.77
CA VAL A 99 -9.90 -5.82 -6.57
C VAL A 99 -8.88 -4.71 -6.83
N THR A 100 -9.22 -3.53 -6.35
CA THR A 100 -8.34 -2.38 -6.54
C THR A 100 -7.68 -1.99 -5.21
N LEU A 101 -6.41 -2.35 -5.09
CA LEU A 101 -5.66 -2.05 -3.88
C LEU A 101 -4.90 -0.74 -4.08
N GLU A 102 -5.33 0.28 -3.35
CA GLU A 102 -4.69 1.59 -3.44
C GLU A 102 -3.50 1.66 -2.47
N ILE A 103 -2.31 1.75 -3.06
CA ILE A 103 -1.10 1.83 -2.27
C ILE A 103 -0.48 3.22 -2.41
N GLU A 104 0.48 3.50 -1.55
CA GLU A 104 1.15 4.79 -1.57
C GLU A 104 2.64 4.62 -1.27
N PHE A 105 3.46 5.10 -2.19
CA PHE A 105 4.89 5.01 -2.03
C PHE A 105 5.54 6.40 -2.06
N ASP A 106 6.86 6.40 -1.92
CA ASP A 106 7.61 7.65 -1.94
C ASP A 106 8.32 7.80 -3.28
N VAL A 107 8.56 9.05 -3.65
CA VAL A 107 9.23 9.34 -4.90
C VAL A 107 10.35 10.35 -4.66
N ALA A 108 11.46 10.15 -5.35
CA ALA A 108 12.60 11.04 -5.21
C ALA A 108 12.24 12.42 -5.76
N GLU A 109 12.92 13.42 -5.22
CA GLU A 109 12.68 14.79 -5.65
C GLU A 109 13.78 15.26 -6.61
N SER A 110 13.47 16.29 -7.35
CA SER A 110 14.41 16.84 -8.31
C SER A 110 15.12 18.06 -7.71
N VAL A 111 16.41 17.89 -7.45
CA VAL A 111 17.20 18.97 -6.88
C VAL A 111 18.49 19.12 -7.69
N ILE A 112 18.69 20.33 -8.19
CA ILE A 112 19.88 20.63 -8.98
C ILE A 112 21.13 20.20 -8.20
N PRO A 113 22.08 19.58 -8.95
CA PRO A 113 23.33 19.13 -8.33
C PRO A 113 24.26 20.30 -8.04
N SER A 114 25.30 20.02 -7.29
CA SER A 114 26.28 21.02 -6.93
C SER A 114 27.66 20.61 -7.40
N SER A 115 28.44 21.61 -7.82
CA SER A 115 29.80 21.36 -8.30
C SER A 115 30.81 21.72 -7.21
N GLY A 116 31.78 20.84 -7.04
CA GLY A 116 32.82 21.05 -6.04
C GLY A 116 33.65 19.79 -5.83
N SER A 117 34.95 19.99 -5.72
CA SER A 117 35.87 18.88 -5.51
C SER A 117 36.01 18.07 -6.81
N GLY A 118 37.10 17.33 -6.89
CA GLY A 118 37.37 16.51 -8.05
C GLY A 118 38.25 15.32 -7.70
N PRO A 119 37.58 14.13 -7.56
CA PRO A 119 38.29 12.91 -7.22
C PRO A 119 39.05 12.37 -8.43
N SER A 120 40.28 11.94 -8.17
CA SER A 120 41.12 11.39 -9.22
C SER A 120 42.10 10.38 -8.63
N SER A 121 42.21 9.25 -9.31
CA SER A 121 43.10 8.19 -8.87
C SER A 121 42.76 7.77 -7.44
N GLY A 122 41.81 6.86 -7.32
CA GLY A 122 41.39 6.39 -6.01
C GLY A 122 41.37 7.53 -4.99
N GLY A 1 -6.07 10.62 5.40
CA GLY A 1 -6.63 11.92 5.09
C GLY A 1 -7.71 11.82 4.01
N SER A 2 -7.62 12.72 3.05
CA SER A 2 -8.57 12.74 1.95
C SER A 2 -8.02 13.55 0.78
N SER A 3 -8.63 13.35 -0.38
CA SER A 3 -8.21 14.06 -1.57
C SER A 3 -8.37 15.57 -1.38
N GLY A 4 -7.48 16.32 -2.01
CA GLY A 4 -7.52 17.76 -1.92
C GLY A 4 -6.39 18.40 -2.74
N SER A 5 -6.73 19.51 -3.37
CA SER A 5 -5.76 20.22 -4.20
C SER A 5 -4.89 21.12 -3.32
N SER A 6 -3.61 20.77 -3.27
CA SER A 6 -2.66 21.53 -2.47
C SER A 6 -1.31 21.61 -3.20
N GLY A 7 -0.79 22.82 -3.26
CA GLY A 7 0.49 23.05 -3.92
C GLY A 7 1.59 22.16 -3.31
N ALA A 8 2.72 22.11 -4.01
CA ALA A 8 3.84 21.30 -3.56
C ALA A 8 4.90 22.22 -2.93
N GLY A 9 5.11 22.03 -1.63
CA GLY A 9 6.08 22.83 -0.92
C GLY A 9 7.26 21.97 -0.46
N GLN A 10 7.66 22.17 0.78
CA GLN A 10 8.77 21.42 1.34
C GLN A 10 8.42 19.94 1.45
N VAL A 11 9.16 19.25 2.29
CA VAL A 11 8.94 17.83 2.50
C VAL A 11 8.89 17.12 1.14
N VAL A 12 8.81 15.80 1.20
CA VAL A 12 8.76 15.00 -0.01
C VAL A 12 7.30 14.68 -0.33
N HIS A 13 7.08 14.26 -1.58
CA HIS A 13 5.74 13.91 -2.02
C HIS A 13 5.59 12.40 -2.06
N THR A 14 4.34 11.96 -2.17
CA THR A 14 4.06 10.54 -2.21
C THR A 14 3.09 10.23 -3.37
N GLU A 15 3.36 9.12 -4.05
CA GLU A 15 2.54 8.71 -5.16
C GLU A 15 1.75 7.45 -4.80
N THR A 16 0.64 7.26 -5.51
CA THR A 16 -0.21 6.11 -5.28
C THR A 16 -0.26 5.21 -6.51
N THR A 17 -0.34 3.92 -6.27
CA THR A 17 -0.39 2.95 -7.35
C THR A 17 -1.70 2.16 -7.30
N GLU A 18 -2.11 1.68 -8.46
CA GLU A 18 -3.35 0.90 -8.56
C GLU A 18 -3.04 -0.53 -8.98
N VAL A 19 -3.29 -1.45 -8.06
CA VAL A 19 -3.04 -2.86 -8.32
C VAL A 19 -4.37 -3.55 -8.65
N VAL A 20 -4.38 -4.24 -9.78
CA VAL A 20 -5.56 -4.95 -10.21
C VAL A 20 -5.30 -6.45 -10.19
N LEU A 21 -5.92 -7.13 -9.23
CA LEU A 21 -5.75 -8.56 -9.10
C LEU A 21 -7.04 -9.26 -9.52
N THR A 22 -6.88 -10.41 -10.16
CA THR A 22 -8.01 -11.19 -10.62
C THR A 22 -8.22 -12.41 -9.74
N ALA A 23 -9.29 -12.35 -8.95
CA ALA A 23 -9.62 -13.44 -8.04
C ALA A 23 -9.42 -14.77 -8.77
N ASP A 24 -8.26 -15.38 -8.54
CA ASP A 24 -7.94 -16.65 -9.15
C ASP A 24 -9.09 -17.63 -8.94
N PRO A 25 -9.01 -18.79 -9.64
CA PRO A 25 -10.04 -19.81 -9.53
C PRO A 25 -9.91 -20.56 -8.21
N VAL A 26 -8.77 -20.37 -7.55
CA VAL A 26 -8.52 -21.03 -6.28
C VAL A 26 -8.04 -19.99 -5.27
N THR A 27 -6.91 -19.38 -5.59
CA THR A 27 -6.34 -18.37 -4.70
C THR A 27 -6.73 -16.97 -5.17
N GLY A 28 -8.01 -16.66 -5.02
CA GLY A 28 -8.52 -15.37 -5.42
C GLY A 28 -7.41 -14.32 -5.46
N PHE A 29 -7.15 -13.74 -4.30
CA PHE A 29 -6.11 -12.73 -4.19
C PHE A 29 -4.98 -13.19 -3.27
N GLY A 30 -5.34 -14.07 -2.34
CA GLY A 30 -4.37 -14.60 -1.40
C GLY A 30 -3.53 -13.48 -0.78
N ILE A 31 -4.22 -12.60 -0.07
CA ILE A 31 -3.54 -11.48 0.58
C ILE A 31 -4.00 -11.39 2.04
N GLN A 32 -3.07 -10.98 2.89
CA GLN A 32 -3.36 -10.85 4.30
C GLN A 32 -3.02 -9.44 4.79
N LEU A 33 -3.82 -8.96 5.73
CA LEU A 33 -3.60 -7.63 6.28
C LEU A 33 -3.31 -7.75 7.77
N GLN A 34 -2.76 -6.68 8.32
CA GLN A 34 -2.42 -6.65 9.73
C GLN A 34 -3.11 -5.46 10.41
N GLY A 35 -3.73 -5.75 11.55
CA GLY A 35 -4.42 -4.72 12.31
C GLY A 35 -4.80 -5.23 13.70
N SER A 36 -6.03 -4.91 14.09
CA SER A 36 -6.53 -5.32 15.39
C SER A 36 -7.96 -5.85 15.25
N VAL A 37 -8.28 -6.82 16.10
CA VAL A 37 -9.60 -7.42 16.08
C VAL A 37 -10.39 -6.93 17.30
N PHE A 38 -9.66 -6.48 18.30
CA PHE A 38 -10.28 -5.98 19.53
C PHE A 38 -9.99 -4.49 19.71
N ALA A 39 -9.71 -3.83 18.60
CA ALA A 39 -9.41 -2.40 18.62
C ALA A 39 -10.59 -1.66 19.25
N THR A 40 -10.48 -0.34 19.23
CA THR A 40 -11.53 0.50 19.80
C THR A 40 -12.53 0.91 18.71
N GLU A 41 -12.09 1.82 17.85
CA GLU A 41 -12.92 2.30 16.77
C GLU A 41 -12.38 1.82 15.42
N THR A 42 -11.14 2.21 15.15
CA THR A 42 -10.49 1.83 13.90
C THR A 42 -9.24 1.01 14.19
N LEU A 43 -8.16 1.37 13.50
CA LEU A 43 -6.90 0.68 13.66
C LEU A 43 -5.81 1.70 13.99
N SER A 44 -6.23 2.93 14.20
CA SER A 44 -5.31 4.00 14.53
C SER A 44 -4.02 3.85 13.71
N SER A 45 -4.17 3.27 12.53
CA SER A 45 -3.03 3.06 11.65
C SER A 45 -3.50 2.39 10.35
N PRO A 46 -2.71 2.64 9.27
CA PRO A 46 -3.03 2.08 7.96
C PRO A 46 -2.68 0.59 7.91
N PRO A 47 -3.51 -0.17 7.13
CA PRO A 47 -3.29 -1.60 6.99
C PRO A 47 -2.09 -1.88 6.08
N LEU A 48 -1.44 -3.02 6.35
CA LEU A 48 -0.29 -3.41 5.56
C LEU A 48 -0.39 -4.91 5.24
N ILE A 49 -0.10 -5.23 3.99
CA ILE A 49 -0.16 -6.62 3.54
C ILE A 49 0.72 -7.48 4.45
N SER A 50 0.08 -8.12 5.40
CA SER A 50 0.79 -8.97 6.34
C SER A 50 1.54 -10.07 5.58
N TYR A 51 0.78 -10.84 4.82
CA TYR A 51 1.36 -11.92 4.05
C TYR A 51 0.75 -11.97 2.63
N ILE A 52 1.48 -12.63 1.74
CA ILE A 52 1.02 -12.75 0.36
C ILE A 52 1.08 -14.22 -0.06
N GLU A 53 -0.11 -14.80 -0.20
CA GLU A 53 -0.20 -16.20 -0.60
C GLU A 53 0.67 -16.46 -1.83
N ALA A 54 1.16 -17.69 -1.91
CA ALA A 54 2.00 -18.08 -3.02
C ALA A 54 1.11 -18.58 -4.18
N ASP A 55 1.69 -18.56 -5.37
CA ASP A 55 0.97 -19.01 -6.55
C ASP A 55 -0.31 -18.18 -6.69
N SER A 56 -0.32 -17.05 -6.02
CA SER A 56 -1.49 -16.17 -6.06
C SER A 56 -1.24 -15.03 -7.05
N PRO A 57 -2.34 -14.32 -7.40
CA PRO A 57 -2.26 -13.21 -8.34
C PRO A 57 -1.63 -11.98 -7.68
N ALA A 58 -1.72 -11.94 -6.36
CA ALA A 58 -1.15 -10.85 -5.60
C ALA A 58 0.37 -10.95 -5.59
N GLU A 59 0.85 -12.18 -5.71
CA GLU A 59 2.28 -12.43 -5.73
C GLU A 59 2.79 -12.54 -7.17
N ARG A 60 1.84 -12.63 -8.08
CA ARG A 60 2.18 -12.74 -9.49
C ARG A 60 2.88 -11.46 -9.96
N CYS A 61 2.16 -10.36 -9.86
CA CYS A 61 2.70 -9.07 -10.27
C CYS A 61 3.96 -8.79 -9.44
N GLY A 62 3.84 -9.06 -8.15
CA GLY A 62 4.95 -8.84 -7.24
C GLY A 62 4.94 -7.41 -6.70
N VAL A 63 4.29 -6.53 -7.45
CA VAL A 63 4.19 -5.13 -7.06
C VAL A 63 3.76 -5.05 -5.59
N LEU A 64 3.01 -6.06 -5.16
CA LEU A 64 2.53 -6.10 -3.80
C LEU A 64 3.58 -6.77 -2.91
N GLN A 65 4.34 -5.93 -2.21
CA GLN A 65 5.39 -6.43 -1.33
C GLN A 65 4.86 -6.56 0.09
N ILE A 66 5.36 -7.57 0.78
CA ILE A 66 4.95 -7.82 2.16
C ILE A 66 5.07 -6.53 2.97
N GLY A 67 3.93 -6.04 3.41
CA GLY A 67 3.89 -4.81 4.19
C GLY A 67 3.59 -3.61 3.30
N ASP A 68 2.84 -3.86 2.24
CA ASP A 68 2.48 -2.81 1.30
C ASP A 68 1.85 -1.64 2.07
N ARG A 69 1.43 -0.63 1.33
CA ARG A 69 0.82 0.54 1.92
C ARG A 69 -0.62 0.69 1.42
N VAL A 70 -1.40 -0.38 1.58
CA VAL A 70 -2.78 -0.37 1.14
C VAL A 70 -3.50 0.81 1.79
N MET A 71 -3.51 1.93 1.08
CA MET A 71 -4.17 3.12 1.57
C MET A 71 -5.69 3.00 1.49
N ALA A 72 -6.14 2.28 0.46
CA ALA A 72 -7.56 2.07 0.26
C ALA A 72 -7.78 0.70 -0.38
N ILE A 73 -9.05 0.37 -0.59
CA ILE A 73 -9.41 -0.90 -1.18
C ILE A 73 -10.61 -0.70 -2.12
N ASN A 74 -10.29 -0.56 -3.40
CA ASN A 74 -11.33 -0.37 -4.40
C ASN A 74 -11.90 1.05 -4.27
N GLY A 75 -11.24 1.84 -3.44
CA GLY A 75 -11.67 3.22 -3.21
C GLY A 75 -12.12 3.41 -1.77
N ILE A 76 -12.30 2.30 -1.08
CA ILE A 76 -12.73 2.34 0.32
C ILE A 76 -11.58 2.84 1.18
N PRO A 77 -11.91 3.81 2.07
CA PRO A 77 -10.92 4.39 2.97
C PRO A 77 -10.58 3.42 4.10
N THR A 78 -9.45 2.75 3.94
CA THR A 78 -9.01 1.78 4.94
C THR A 78 -8.65 2.51 6.24
N GLU A 79 -9.68 2.95 6.94
CA GLU A 79 -9.49 3.65 8.19
C GLU A 79 -10.84 3.86 8.90
N ASP A 80 -11.82 4.28 8.12
CA ASP A 80 -13.15 4.51 8.65
C ASP A 80 -13.71 3.21 9.21
N SER A 81 -13.57 2.15 8.41
CA SER A 81 -14.07 0.85 8.81
C SER A 81 -13.08 0.19 9.77
N THR A 82 -13.15 -1.13 9.83
CA THR A 82 -12.26 -1.89 10.71
C THR A 82 -11.40 -2.85 9.89
N PHE A 83 -10.31 -3.28 10.51
CA PHE A 83 -9.39 -4.19 9.85
C PHE A 83 -10.15 -5.37 9.21
N GLU A 84 -11.29 -5.68 9.79
CA GLU A 84 -12.12 -6.75 9.28
C GLU A 84 -12.72 -6.38 7.93
N GLU A 85 -13.33 -5.20 7.89
CA GLU A 85 -13.94 -4.72 6.66
C GLU A 85 -13.03 -4.98 5.47
N ALA A 86 -11.84 -4.40 5.54
CA ALA A 86 -10.86 -4.56 4.46
C ALA A 86 -10.89 -6.01 3.98
N ASN A 87 -10.79 -6.92 4.93
CA ASN A 87 -10.81 -8.34 4.62
C ASN A 87 -12.08 -8.68 3.85
N GLN A 88 -13.20 -8.24 4.39
CA GLN A 88 -14.50 -8.48 3.77
C GLN A 88 -14.51 -7.93 2.34
N LEU A 89 -13.95 -6.73 2.20
CA LEU A 89 -13.90 -6.08 0.90
C LEU A 89 -13.41 -7.09 -0.15
N LEU A 90 -12.29 -7.72 0.16
CA LEU A 90 -11.72 -8.71 -0.75
C LEU A 90 -12.73 -9.83 -0.97
N ARG A 91 -13.12 -10.47 0.12
CA ARG A 91 -14.08 -11.57 0.05
C ARG A 91 -15.18 -11.24 -0.96
N ASP A 92 -15.60 -9.97 -0.94
CA ASP A 92 -16.64 -9.52 -1.85
C ASP A 92 -16.05 -9.32 -3.24
N SER A 93 -14.88 -8.71 -3.27
CA SER A 93 -14.19 -8.44 -4.52
C SER A 93 -14.25 -9.68 -5.41
N SER A 94 -14.14 -10.84 -4.77
CA SER A 94 -14.17 -12.10 -5.50
C SER A 94 -15.35 -12.12 -6.47
N ILE A 95 -16.38 -11.35 -6.12
CA ILE A 95 -17.57 -11.27 -6.95
C ILE A 95 -17.16 -10.91 -8.38
N THR A 96 -16.78 -9.66 -8.56
CA THR A 96 -16.36 -9.18 -9.86
C THR A 96 -15.08 -9.88 -10.31
N SER A 97 -14.46 -10.57 -9.37
CA SER A 97 -13.24 -11.29 -9.65
C SER A 97 -12.10 -10.31 -9.92
N LYS A 98 -12.25 -9.11 -9.38
CA LYS A 98 -11.26 -8.07 -9.55
C LYS A 98 -11.25 -7.17 -8.31
N VAL A 99 -10.05 -6.70 -7.98
CA VAL A 99 -9.88 -5.83 -6.82
C VAL A 99 -8.85 -4.75 -7.14
N THR A 100 -9.10 -3.56 -6.63
CA THR A 100 -8.20 -2.44 -6.85
C THR A 100 -7.56 -2.00 -5.53
N LEU A 101 -6.34 -2.48 -5.31
CA LEU A 101 -5.62 -2.14 -4.09
C LEU A 101 -4.85 -0.83 -4.31
N GLU A 102 -5.20 0.15 -3.50
CA GLU A 102 -4.55 1.45 -3.58
C GLU A 102 -3.40 1.54 -2.58
N ILE A 103 -2.22 1.75 -3.12
CA ILE A 103 -1.02 1.86 -2.28
C ILE A 103 -0.45 3.27 -2.40
N GLU A 104 0.47 3.58 -1.51
CA GLU A 104 1.10 4.89 -1.50
C GLU A 104 2.59 4.76 -1.15
N PHE A 105 3.42 5.29 -2.04
CA PHE A 105 4.86 5.23 -1.84
C PHE A 105 5.46 6.64 -1.81
N ASP A 106 6.77 6.68 -1.63
CA ASP A 106 7.48 7.96 -1.58
C ASP A 106 8.27 8.14 -2.89
N VAL A 107 8.45 9.40 -3.25
CA VAL A 107 9.18 9.73 -4.47
C VAL A 107 10.44 10.51 -4.10
N ALA A 108 11.51 10.23 -4.83
CA ALA A 108 12.78 10.89 -4.59
C ALA A 108 12.65 12.37 -4.99
N GLU A 109 13.42 13.20 -4.30
CA GLU A 109 13.41 14.62 -4.56
C GLU A 109 14.67 15.04 -5.33
N SER A 110 14.56 16.16 -6.02
CA SER A 110 15.69 16.66 -6.80
C SER A 110 16.49 17.67 -5.97
N VAL A 111 17.65 17.21 -5.50
CA VAL A 111 18.51 18.05 -4.69
C VAL A 111 19.97 17.69 -4.98
N ILE A 112 20.80 18.72 -5.01
CA ILE A 112 22.21 18.54 -5.28
C ILE A 112 22.76 17.44 -4.36
N PRO A 113 23.02 16.25 -4.97
CA PRO A 113 23.53 15.12 -4.23
C PRO A 113 25.02 15.32 -3.90
N SER A 114 25.40 14.86 -2.71
CA SER A 114 26.77 14.98 -2.27
C SER A 114 27.58 13.75 -2.71
N SER A 115 28.88 13.83 -2.51
CA SER A 115 29.76 12.74 -2.88
C SER A 115 29.95 11.78 -1.69
N GLY A 116 30.49 10.61 -2.00
CA GLY A 116 30.72 9.61 -0.98
C GLY A 116 31.25 8.31 -1.59
N SER A 117 30.32 7.45 -1.97
CA SER A 117 30.67 6.17 -2.56
C SER A 117 29.73 5.86 -3.74
N GLY A 118 30.13 4.88 -4.52
CA GLY A 118 29.34 4.48 -5.67
C GLY A 118 30.21 3.76 -6.72
N PRO A 119 30.48 2.45 -6.43
CA PRO A 119 31.28 1.64 -7.33
C PRO A 119 30.50 1.25 -8.57
N SER A 120 31.23 0.79 -9.58
CA SER A 120 30.61 0.38 -10.83
C SER A 120 31.35 -0.83 -11.41
N SER A 121 30.62 -1.91 -11.56
CA SER A 121 31.20 -3.14 -12.10
C SER A 121 32.58 -3.36 -11.51
N GLY A 122 32.62 -4.08 -10.40
CA GLY A 122 33.88 -4.37 -9.73
C GLY A 122 34.63 -5.50 -10.45
N GLY A 1 8.42 19.96 8.80
CA GLY A 1 7.15 19.33 9.10
C GLY A 1 6.44 18.88 7.83
N SER A 2 5.97 17.64 7.86
CA SER A 2 5.27 17.08 6.72
C SER A 2 4.30 18.11 6.15
N SER A 3 4.36 18.27 4.84
CA SER A 3 3.48 19.22 4.15
C SER A 3 3.24 18.76 2.71
N GLY A 4 4.32 18.72 1.95
CA GLY A 4 4.24 18.30 0.56
C GLY A 4 3.84 19.48 -0.35
N SER A 5 4.82 19.96 -1.10
CA SER A 5 4.59 21.08 -2.00
C SER A 5 5.55 20.99 -3.19
N SER A 6 5.01 21.31 -4.36
CA SER A 6 5.80 21.27 -5.58
C SER A 6 6.45 22.63 -5.82
N GLY A 7 7.56 22.86 -5.13
CA GLY A 7 8.28 24.12 -5.26
C GLY A 7 9.67 24.01 -4.65
N ALA A 8 9.75 24.27 -3.36
CA ALA A 8 11.01 24.20 -2.65
C ALA A 8 10.75 24.05 -1.15
N GLY A 9 10.66 22.79 -0.73
CA GLY A 9 10.42 22.50 0.67
C GLY A 9 11.57 21.69 1.27
N GLN A 10 11.20 20.66 2.03
CA GLN A 10 12.20 19.81 2.66
C GLN A 10 11.65 18.39 2.82
N VAL A 11 10.63 18.09 2.04
CA VAL A 11 10.01 16.77 2.08
C VAL A 11 9.84 16.25 0.65
N VAL A 12 9.80 14.93 0.55
CA VAL A 12 9.64 14.29 -0.75
C VAL A 12 8.15 14.07 -1.02
N HIS A 13 7.85 13.82 -2.28
CA HIS A 13 6.47 13.59 -2.69
C HIS A 13 6.19 12.09 -2.73
N THR A 14 4.91 11.75 -2.76
CA THR A 14 4.50 10.37 -2.80
C THR A 14 3.49 10.14 -3.93
N GLU A 15 3.55 8.95 -4.51
CA GLU A 15 2.66 8.60 -5.60
C GLU A 15 1.83 7.37 -5.23
N THR A 16 0.62 7.32 -5.76
CA THR A 16 -0.28 6.22 -5.49
C THR A 16 -0.40 5.32 -6.72
N THR A 17 -0.62 4.03 -6.46
CA THR A 17 -0.75 3.06 -7.52
C THR A 17 -1.92 2.11 -7.24
N GLU A 18 -2.64 1.78 -8.30
CA GLU A 18 -3.78 0.89 -8.18
C GLU A 18 -3.43 -0.50 -8.74
N VAL A 19 -3.60 -1.50 -7.90
CA VAL A 19 -3.32 -2.87 -8.30
C VAL A 19 -4.62 -3.58 -8.67
N VAL A 20 -4.57 -4.28 -9.79
CA VAL A 20 -5.73 -5.00 -10.26
C VAL A 20 -5.45 -6.51 -10.24
N LEU A 21 -5.94 -7.16 -9.19
CA LEU A 21 -5.73 -8.59 -9.03
C LEU A 21 -7.02 -9.32 -9.43
N THR A 22 -6.83 -10.44 -10.12
CA THR A 22 -7.96 -11.24 -10.57
C THR A 22 -8.13 -12.46 -9.67
N ALA A 23 -9.19 -12.43 -8.87
CA ALA A 23 -9.48 -13.52 -7.95
C ALA A 23 -9.26 -14.85 -8.68
N ASP A 24 -8.08 -15.42 -8.47
CA ASP A 24 -7.73 -16.68 -9.09
C ASP A 24 -8.85 -17.69 -8.84
N PRO A 25 -8.78 -18.83 -9.58
CA PRO A 25 -9.77 -19.87 -9.45
C PRO A 25 -9.57 -20.67 -8.16
N VAL A 26 -8.43 -20.43 -7.53
CA VAL A 26 -8.10 -21.10 -6.28
C VAL A 26 -7.65 -20.08 -5.25
N THR A 27 -6.58 -19.38 -5.59
CA THR A 27 -6.02 -18.36 -4.71
C THR A 27 -6.47 -16.96 -5.16
N GLY A 28 -7.75 -16.69 -4.98
CA GLY A 28 -8.30 -15.41 -5.36
C GLY A 28 -7.20 -14.34 -5.45
N PHE A 29 -6.91 -13.74 -4.31
CA PHE A 29 -5.89 -12.71 -4.25
C PHE A 29 -4.69 -13.17 -3.42
N GLY A 30 -5.00 -13.88 -2.34
CA GLY A 30 -3.96 -14.38 -1.46
C GLY A 30 -3.24 -13.24 -0.74
N ILE A 31 -4.02 -12.47 0.00
CA ILE A 31 -3.47 -11.35 0.74
C ILE A 31 -3.91 -11.42 2.20
N GLN A 32 -3.00 -11.07 3.10
CA GLN A 32 -3.28 -11.09 4.51
C GLN A 32 -3.10 -9.70 5.12
N LEU A 33 -4.09 -9.29 5.90
CA LEU A 33 -4.05 -7.99 6.54
C LEU A 33 -3.60 -8.15 7.99
N GLN A 34 -3.09 -7.07 8.54
CA GLN A 34 -2.62 -7.08 9.92
C GLN A 34 -3.54 -6.23 10.80
N GLY A 35 -3.49 -6.51 12.10
CA GLY A 35 -4.31 -5.78 13.05
C GLY A 35 -3.66 -4.44 13.43
N SER A 36 -3.09 -4.42 14.63
CA SER A 36 -2.44 -3.22 15.12
C SER A 36 -0.93 -3.45 15.21
N VAL A 37 -0.19 -2.37 15.02
CA VAL A 37 1.26 -2.44 15.07
C VAL A 37 1.70 -2.85 16.48
N PHE A 38 1.32 -2.03 17.44
CA PHE A 38 1.67 -2.29 18.83
C PHE A 38 0.46 -2.07 19.75
N ALA A 39 -0.72 -2.37 19.20
CA ALA A 39 -1.94 -2.20 19.95
C ALA A 39 -2.06 -0.75 20.42
N THR A 40 -2.81 0.02 19.65
CA THR A 40 -3.02 1.42 19.98
C THR A 40 -4.44 1.65 20.50
N GLU A 41 -5.39 0.99 19.85
CA GLU A 41 -6.78 1.12 20.23
C GLU A 41 -7.68 0.39 19.23
N THR A 42 -7.51 0.75 17.96
CA THR A 42 -8.29 0.14 16.91
C THR A 42 -7.41 -0.15 15.69
N LEU A 43 -7.92 0.22 14.53
CA LEU A 43 -7.20 0.00 13.28
C LEU A 43 -6.92 1.36 12.63
N SER A 44 -6.60 2.33 13.46
CA SER A 44 -6.30 3.67 12.98
C SER A 44 -5.00 3.66 12.18
N SER A 45 -5.05 3.00 11.02
CA SER A 45 -3.89 2.91 10.15
C SER A 45 -4.21 2.00 8.97
N PRO A 46 -3.22 1.91 8.04
CA PRO A 46 -3.37 1.08 6.86
C PRO A 46 -3.22 -0.40 7.20
N PRO A 47 -4.03 -1.24 6.50
CA PRO A 47 -4.00 -2.67 6.73
C PRO A 47 -2.75 -3.29 6.10
N LEU A 48 -1.61 -3.04 6.74
CA LEU A 48 -0.34 -3.57 6.26
C LEU A 48 -0.55 -5.00 5.75
N ILE A 49 0.05 -5.28 4.60
CA ILE A 49 -0.06 -6.59 4.00
C ILE A 49 0.71 -7.61 4.86
N SER A 50 0.04 -8.09 5.90
CA SER A 50 0.63 -9.06 6.80
C SER A 50 1.46 -10.06 6.00
N TYR A 51 0.78 -10.79 5.12
CA TYR A 51 1.44 -11.78 4.29
C TYR A 51 0.81 -11.84 2.90
N ILE A 52 1.60 -12.35 1.96
CA ILE A 52 1.13 -12.47 0.59
C ILE A 52 1.18 -13.95 0.16
N GLU A 53 0.00 -14.52 0.01
CA GLU A 53 -0.11 -15.92 -0.38
C GLU A 53 0.75 -16.18 -1.62
N ALA A 54 1.18 -17.43 -1.75
CA ALA A 54 2.01 -17.82 -2.87
C ALA A 54 1.12 -18.28 -4.02
N ASP A 55 1.74 -18.46 -5.18
CA ASP A 55 1.01 -18.89 -6.36
C ASP A 55 -0.26 -18.06 -6.51
N SER A 56 -0.21 -16.86 -5.94
CA SER A 56 -1.35 -15.96 -6.00
C SER A 56 -1.06 -14.81 -6.97
N PRO A 57 -2.15 -14.10 -7.37
CA PRO A 57 -2.03 -12.98 -8.29
C PRO A 57 -1.45 -11.75 -7.57
N ALA A 58 -1.57 -11.75 -6.26
CA ALA A 58 -1.07 -10.65 -5.46
C ALA A 58 0.46 -10.69 -5.45
N GLU A 59 0.99 -11.88 -5.67
CA GLU A 59 2.43 -12.07 -5.69
C GLU A 59 2.94 -12.04 -7.13
N ARG A 60 2.18 -12.65 -8.02
CA ARG A 60 2.54 -12.70 -9.42
C ARG A 60 3.07 -11.33 -9.88
N CYS A 61 2.29 -10.31 -9.62
CA CYS A 61 2.67 -8.95 -9.99
C CYS A 61 3.88 -8.55 -9.15
N GLY A 62 3.90 -9.03 -7.92
CA GLY A 62 4.99 -8.73 -7.00
C GLY A 62 5.10 -7.22 -6.78
N VAL A 63 4.01 -6.53 -7.02
CA VAL A 63 3.97 -5.08 -6.85
C VAL A 63 3.61 -4.75 -5.40
N LEU A 64 3.19 -5.79 -4.68
CA LEU A 64 2.81 -5.62 -3.29
C LEU A 64 3.87 -6.25 -2.39
N GLN A 65 4.39 -5.44 -1.49
CA GLN A 65 5.42 -5.90 -0.57
C GLN A 65 4.81 -6.16 0.81
N ILE A 66 5.47 -7.05 1.55
CA ILE A 66 5.01 -7.39 2.88
C ILE A 66 5.12 -6.17 3.79
N GLY A 67 3.98 -5.58 4.09
CA GLY A 67 3.94 -4.41 4.95
C GLY A 67 3.57 -3.16 4.15
N ASP A 68 2.93 -3.39 3.01
CA ASP A 68 2.52 -2.29 2.16
C ASP A 68 1.75 -1.26 2.98
N ARG A 69 1.28 -0.23 2.29
CA ARG A 69 0.53 0.82 2.95
C ARG A 69 -0.67 1.25 2.08
N VAL A 70 -1.60 0.32 1.93
CA VAL A 70 -2.79 0.59 1.13
C VAL A 70 -3.60 1.70 1.79
N MET A 71 -3.71 2.81 1.08
CA MET A 71 -4.46 3.96 1.58
C MET A 71 -5.96 3.71 1.46
N ALA A 72 -6.32 2.85 0.52
CA ALA A 72 -7.72 2.53 0.30
C ALA A 72 -7.82 1.20 -0.45
N ILE A 73 -8.98 0.57 -0.34
CA ILE A 73 -9.22 -0.70 -1.00
C ILE A 73 -10.48 -0.61 -1.84
N ASN A 74 -10.29 -0.66 -3.15
CA ASN A 74 -11.41 -0.58 -4.08
C ASN A 74 -12.12 0.76 -3.91
N GLY A 75 -11.41 1.69 -3.29
CA GLY A 75 -11.95 3.02 -3.06
C GLY A 75 -12.30 3.21 -1.58
N ILE A 76 -12.39 2.10 -0.87
CA ILE A 76 -12.71 2.13 0.55
C ILE A 76 -11.59 2.83 1.31
N PRO A 77 -11.99 3.83 2.14
CA PRO A 77 -11.01 4.57 2.93
C PRO A 77 -10.52 3.74 4.12
N THR A 78 -9.64 2.80 3.81
CA THR A 78 -9.08 1.93 4.83
C THR A 78 -8.36 2.76 5.89
N GLU A 79 -9.12 3.23 6.86
CA GLU A 79 -8.57 4.03 7.93
C GLU A 79 -9.66 4.44 8.92
N ASP A 80 -10.38 3.44 9.40
CA ASP A 80 -11.46 3.68 10.34
C ASP A 80 -12.25 2.39 10.55
N SER A 81 -12.47 1.68 9.45
CA SER A 81 -13.20 0.43 9.50
C SER A 81 -12.50 -0.56 10.43
N THR A 82 -12.88 -1.81 10.31
CA THR A 82 -12.31 -2.86 11.13
C THR A 82 -11.51 -3.84 10.26
N PHE A 83 -10.57 -4.52 10.90
CA PHE A 83 -9.73 -5.48 10.21
C PHE A 83 -10.58 -6.43 9.36
N GLU A 84 -11.84 -6.56 9.75
CA GLU A 84 -12.76 -7.43 9.04
C GLU A 84 -13.17 -6.78 7.72
N GLU A 85 -13.36 -5.48 7.77
CA GLU A 85 -13.76 -4.73 6.58
C GLU A 85 -12.86 -5.09 5.40
N ALA A 86 -11.60 -4.71 5.51
CA ALA A 86 -10.64 -4.98 4.45
C ALA A 86 -10.85 -6.41 3.94
N ASN A 87 -10.72 -7.35 4.87
CA ASN A 87 -10.89 -8.76 4.52
C ASN A 87 -12.20 -8.94 3.76
N GLN A 88 -13.21 -8.20 4.19
CA GLN A 88 -14.52 -8.27 3.56
C GLN A 88 -14.45 -7.69 2.14
N LEU A 89 -13.69 -6.61 2.02
CA LEU A 89 -13.54 -5.95 0.73
C LEU A 89 -13.09 -6.99 -0.31
N LEU A 90 -12.05 -7.71 0.03
CA LEU A 90 -11.51 -8.73 -0.86
C LEU A 90 -12.64 -9.70 -1.25
N ARG A 91 -13.14 -10.40 -0.25
CA ARG A 91 -14.21 -11.35 -0.47
C ARG A 91 -15.22 -10.80 -1.48
N ASP A 92 -15.72 -9.61 -1.17
CA ASP A 92 -16.69 -8.96 -2.04
C ASP A 92 -16.10 -8.84 -3.45
N SER A 93 -14.95 -8.20 -3.52
CA SER A 93 -14.29 -8.02 -4.81
C SER A 93 -14.36 -9.30 -5.63
N SER A 94 -14.17 -10.42 -4.94
CA SER A 94 -14.22 -11.71 -5.60
C SER A 94 -15.40 -11.77 -6.56
N ILE A 95 -16.45 -11.02 -6.21
CA ILE A 95 -17.64 -10.98 -7.03
C ILE A 95 -17.25 -10.68 -8.49
N THR A 96 -16.75 -9.48 -8.70
CA THR A 96 -16.32 -9.06 -10.02
C THR A 96 -15.03 -9.77 -10.43
N SER A 97 -14.50 -10.55 -9.48
CA SER A 97 -13.27 -11.29 -9.72
C SER A 97 -12.12 -10.32 -9.93
N LYS A 98 -12.28 -9.12 -9.38
CA LYS A 98 -11.25 -8.10 -9.49
C LYS A 98 -11.25 -7.25 -8.22
N VAL A 99 -10.04 -6.97 -7.74
CA VAL A 99 -9.89 -6.16 -6.54
C VAL A 99 -8.93 -5.00 -6.82
N THR A 100 -9.16 -3.91 -6.12
CA THR A 100 -8.33 -2.72 -6.29
C THR A 100 -7.74 -2.29 -4.94
N LEU A 101 -6.44 -2.08 -4.95
CA LEU A 101 -5.74 -1.66 -3.74
C LEU A 101 -4.95 -0.38 -4.03
N GLU A 102 -5.29 0.66 -3.29
CA GLU A 102 -4.63 1.95 -3.45
C GLU A 102 -3.40 2.03 -2.55
N ILE A 103 -2.23 1.90 -3.17
CA ILE A 103 -0.98 1.95 -2.43
C ILE A 103 -0.36 3.35 -2.58
N GLU A 104 0.63 3.61 -1.75
CA GLU A 104 1.30 4.90 -1.77
C GLU A 104 2.79 4.72 -1.49
N PHE A 105 3.61 5.20 -2.42
CA PHE A 105 5.05 5.10 -2.29
C PHE A 105 5.71 6.48 -2.42
N ASP A 106 7.01 6.49 -2.18
CA ASP A 106 7.77 7.74 -2.27
C ASP A 106 8.56 7.75 -3.58
N VAL A 107 8.83 8.96 -4.07
CA VAL A 107 9.57 9.12 -5.31
C VAL A 107 10.94 9.72 -5.00
N ALA A 108 11.95 9.17 -5.65
CA ALA A 108 13.31 9.64 -5.45
C ALA A 108 13.47 11.02 -6.07
N GLU A 109 13.96 11.95 -5.26
CA GLU A 109 14.16 13.32 -5.71
C GLU A 109 15.63 13.70 -5.62
N SER A 110 15.96 14.83 -6.23
CA SER A 110 17.33 15.32 -6.23
C SER A 110 17.72 15.76 -4.82
N VAL A 111 18.47 14.90 -4.15
CA VAL A 111 18.92 15.19 -2.80
C VAL A 111 20.45 15.09 -2.73
N ILE A 112 21.00 15.63 -1.66
CA ILE A 112 22.44 15.61 -1.47
C ILE A 112 22.89 14.18 -1.17
N PRO A 113 24.07 13.82 -1.72
CA PRO A 113 24.63 12.49 -1.51
C PRO A 113 25.21 12.35 -0.11
N SER A 114 26.11 13.26 0.23
CA SER A 114 26.74 13.24 1.53
C SER A 114 27.60 11.98 1.68
N SER A 115 28.88 12.14 1.39
CA SER A 115 29.81 11.03 1.50
C SER A 115 31.14 11.51 2.10
N GLY A 116 31.86 10.58 2.67
CA GLY A 116 33.15 10.89 3.28
C GLY A 116 34.22 9.88 2.85
N SER A 117 35.45 10.36 2.82
CA SER A 117 36.57 9.51 2.44
C SER A 117 37.90 10.20 2.80
N GLY A 118 38.64 9.54 3.68
CA GLY A 118 39.92 10.08 4.11
C GLY A 118 40.66 9.07 4.99
N PRO A 119 41.23 8.03 4.32
CA PRO A 119 41.97 6.99 5.03
C PRO A 119 43.35 7.51 5.47
N SER A 120 43.71 7.13 6.69
CA SER A 120 44.99 7.54 7.25
C SER A 120 46.12 6.77 6.57
N SER A 121 46.11 5.46 6.77
CA SER A 121 47.13 4.60 6.19
C SER A 121 46.78 3.13 6.43
N GLY A 122 47.03 2.32 5.41
CA GLY A 122 46.75 0.90 5.50
C GLY A 122 47.34 0.15 4.31
N GLY A 1 -18.30 26.75 4.28
CA GLY A 1 -17.20 25.90 3.87
C GLY A 1 -16.10 26.72 3.19
N SER A 2 -14.91 26.63 3.76
CA SER A 2 -13.76 27.35 3.23
C SER A 2 -12.53 27.09 4.09
N SER A 3 -11.60 26.33 3.52
CA SER A 3 -10.37 26.00 4.23
C SER A 3 -9.33 25.47 3.24
N GLY A 4 -8.10 25.93 3.42
CA GLY A 4 -7.01 25.52 2.55
C GLY A 4 -5.69 25.51 3.31
N SER A 5 -4.63 25.12 2.60
CA SER A 5 -3.30 25.07 3.19
C SER A 5 -2.25 25.48 2.15
N SER A 6 -1.51 26.51 2.50
CA SER A 6 -0.46 27.00 1.61
C SER A 6 0.63 27.72 2.43
N GLY A 7 1.81 27.13 2.42
CA GLY A 7 2.93 27.68 3.15
C GLY A 7 4.26 27.17 2.59
N ALA A 8 5.26 27.13 3.46
CA ALA A 8 6.58 26.67 3.07
C ALA A 8 6.80 25.26 3.64
N GLY A 9 7.94 24.69 3.28
CA GLY A 9 8.29 23.35 3.72
C GLY A 9 8.63 22.44 2.55
N GLN A 10 9.92 22.17 2.42
CA GLN A 10 10.40 21.32 1.34
C GLN A 10 10.44 19.86 1.80
N VAL A 11 9.90 18.99 0.96
CA VAL A 11 9.88 17.58 1.26
C VAL A 11 9.57 16.78 -0.02
N VAL A 12 9.71 15.47 0.08
CA VAL A 12 9.46 14.61 -1.05
C VAL A 12 7.95 14.39 -1.18
N HIS A 13 7.55 13.93 -2.36
CA HIS A 13 6.14 13.68 -2.64
C HIS A 13 5.89 12.18 -2.68
N THR A 14 4.62 11.82 -2.62
CA THR A 14 4.22 10.42 -2.64
C THR A 14 3.13 10.20 -3.69
N GLU A 15 3.23 9.07 -4.36
CA GLU A 15 2.26 8.72 -5.39
C GLU A 15 1.52 7.43 -5.01
N THR A 16 0.29 7.33 -5.50
CA THR A 16 -0.53 6.17 -5.22
C THR A 16 -0.61 5.26 -6.45
N THR A 17 -0.86 3.98 -6.19
CA THR A 17 -0.97 3.02 -7.26
C THR A 17 -2.15 2.07 -7.01
N GLU A 18 -2.84 1.74 -8.10
CA GLU A 18 -3.98 0.85 -8.01
C GLU A 18 -3.64 -0.52 -8.61
N VAL A 19 -3.66 -1.53 -7.76
CA VAL A 19 -3.35 -2.88 -8.19
C VAL A 19 -4.66 -3.61 -8.52
N VAL A 20 -4.71 -4.16 -9.72
CA VAL A 20 -5.88 -4.89 -10.16
C VAL A 20 -5.53 -6.38 -10.30
N LEU A 21 -5.91 -7.14 -9.29
CA LEU A 21 -5.64 -8.57 -9.30
C LEU A 21 -6.94 -9.33 -9.60
N THR A 22 -6.81 -10.36 -10.40
CA THR A 22 -7.96 -11.17 -10.78
C THR A 22 -7.98 -12.46 -9.96
N ALA A 23 -8.91 -12.51 -9.01
CA ALA A 23 -9.04 -13.68 -8.15
C ALA A 23 -8.79 -14.94 -8.98
N ASP A 24 -7.70 -15.62 -8.65
CA ASP A 24 -7.34 -16.84 -9.35
C ASP A 24 -8.47 -17.86 -9.21
N PRO A 25 -8.48 -18.83 -10.16
CA PRO A 25 -9.50 -19.87 -10.16
C PRO A 25 -9.24 -20.90 -9.06
N VAL A 26 -8.17 -20.65 -8.31
CA VAL A 26 -7.80 -21.55 -7.22
C VAL A 26 -7.84 -20.78 -5.90
N THR A 27 -6.97 -19.78 -5.81
CA THR A 27 -6.90 -18.96 -4.61
C THR A 27 -7.76 -17.70 -4.78
N GLY A 28 -7.15 -16.68 -5.36
CA GLY A 28 -7.84 -15.42 -5.58
C GLY A 28 -6.84 -14.27 -5.72
N PHE A 29 -6.70 -13.52 -4.63
CA PHE A 29 -5.79 -12.39 -4.62
C PHE A 29 -4.54 -12.70 -3.79
N GLY A 30 -4.67 -13.71 -2.94
CA GLY A 30 -3.56 -14.13 -2.10
C GLY A 30 -2.93 -12.92 -1.39
N ILE A 31 -3.69 -12.40 -0.42
CA ILE A 31 -3.22 -11.25 0.34
C ILE A 31 -3.74 -11.36 1.77
N GLN A 32 -2.83 -11.09 2.71
CA GLN A 32 -3.18 -11.15 4.12
C GLN A 32 -3.03 -9.77 4.77
N LEU A 33 -4.06 -9.37 5.49
CA LEU A 33 -4.05 -8.07 6.16
C LEU A 33 -3.79 -8.29 7.65
N GLN A 34 -3.27 -7.24 8.28
CA GLN A 34 -2.97 -7.30 9.71
C GLN A 34 -4.04 -6.55 10.50
N GLY A 35 -4.50 -7.19 11.57
CA GLY A 35 -5.51 -6.59 12.41
C GLY A 35 -5.30 -6.99 13.88
N SER A 36 -6.34 -6.77 14.67
CA SER A 36 -6.28 -7.10 16.09
C SER A 36 -7.15 -8.33 16.38
N VAL A 37 -7.09 -8.77 17.63
CA VAL A 37 -7.86 -9.93 18.04
C VAL A 37 -8.95 -9.48 19.02
N PHE A 38 -8.67 -8.40 19.73
CA PHE A 38 -9.62 -7.86 20.68
C PHE A 38 -10.45 -6.74 20.07
N ALA A 39 -9.87 -6.12 19.05
CA ALA A 39 -10.54 -5.02 18.37
C ALA A 39 -11.30 -4.17 19.40
N THR A 40 -10.61 -3.19 19.95
CA THR A 40 -11.21 -2.31 20.94
C THR A 40 -12.14 -1.31 20.27
N GLU A 41 -11.55 -0.46 19.45
CA GLU A 41 -12.32 0.55 18.73
C GLU A 41 -12.01 0.49 17.23
N THR A 42 -10.72 0.45 16.93
CA THR A 42 -10.28 0.41 15.54
C THR A 42 -9.06 -0.52 15.41
N LEU A 43 -8.09 -0.05 14.64
CA LEU A 43 -6.87 -0.81 14.42
C LEU A 43 -5.66 0.06 14.78
N SER A 44 -5.94 1.27 15.21
CA SER A 44 -4.90 2.20 15.59
C SER A 44 -3.69 2.03 14.65
N SER A 45 -4.00 1.69 13.41
CA SER A 45 -2.95 1.49 12.41
C SER A 45 -3.57 1.12 11.07
N PRO A 46 -2.82 1.41 9.98
CA PRO A 46 -3.29 1.10 8.64
C PRO A 46 -3.17 -0.39 8.35
N PRO A 47 -4.04 -0.87 7.42
CA PRO A 47 -4.03 -2.27 7.04
C PRO A 47 -2.84 -2.60 6.15
N LEU A 48 -1.79 -3.11 6.78
CA LEU A 48 -0.59 -3.47 6.06
C LEU A 48 -0.68 -4.93 5.61
N ILE A 49 0.05 -5.24 4.55
CA ILE A 49 0.05 -6.59 4.01
C ILE A 49 0.84 -7.50 4.94
N SER A 50 0.11 -8.32 5.68
CA SER A 50 0.73 -9.24 6.62
C SER A 50 1.53 -10.31 5.86
N TYR A 51 0.85 -10.95 4.92
CA TYR A 51 1.48 -11.99 4.12
C TYR A 51 0.85 -12.05 2.73
N ILE A 52 1.62 -12.61 1.79
CA ILE A 52 1.16 -12.73 0.42
C ILE A 52 1.15 -14.20 0.02
N GLU A 53 -0.05 -14.74 -0.14
CA GLU A 53 -0.21 -16.13 -0.51
C GLU A 53 0.66 -16.45 -1.72
N ALA A 54 1.04 -17.72 -1.81
CA ALA A 54 1.88 -18.17 -2.91
C ALA A 54 0.99 -18.63 -4.06
N ASP A 55 1.60 -18.75 -5.23
CA ASP A 55 0.88 -19.18 -6.42
C ASP A 55 -0.33 -18.27 -6.63
N SER A 56 -0.26 -17.10 -6.02
CA SER A 56 -1.34 -16.13 -6.13
C SER A 56 -0.94 -15.03 -7.13
N PRO A 57 -1.97 -14.26 -7.58
CA PRO A 57 -1.74 -13.18 -8.52
C PRO A 57 -1.10 -11.97 -7.83
N ALA A 58 -1.15 -12.00 -6.51
CA ALA A 58 -0.58 -10.91 -5.73
C ALA A 58 0.95 -11.04 -5.73
N GLU A 59 1.40 -12.29 -5.83
CA GLU A 59 2.83 -12.57 -5.83
C GLU A 59 3.36 -12.60 -7.27
N ARG A 60 2.43 -12.79 -8.20
CA ARG A 60 2.79 -12.85 -9.61
C ARG A 60 3.13 -11.45 -10.13
N CYS A 61 2.23 -10.51 -9.85
CA CYS A 61 2.43 -9.14 -10.28
C CYS A 61 3.71 -8.61 -9.64
N GLY A 62 3.93 -9.03 -8.40
CA GLY A 62 5.11 -8.61 -7.66
C GLY A 62 5.14 -7.09 -7.50
N VAL A 63 3.96 -6.54 -7.25
CA VAL A 63 3.83 -5.10 -7.06
C VAL A 63 3.53 -4.80 -5.59
N LEU A 64 3.00 -5.81 -4.92
CA LEU A 64 2.66 -5.67 -3.51
C LEU A 64 3.81 -6.21 -2.66
N GLN A 65 4.12 -5.47 -1.60
CA GLN A 65 5.20 -5.87 -0.71
C GLN A 65 4.63 -6.19 0.68
N ILE A 66 5.35 -7.07 1.37
CA ILE A 66 4.93 -7.49 2.70
C ILE A 66 5.02 -6.30 3.66
N GLY A 67 3.88 -5.86 4.13
CA GLY A 67 3.82 -4.73 5.05
C GLY A 67 3.69 -3.41 4.29
N ASP A 68 3.09 -3.50 3.12
CA ASP A 68 2.90 -2.32 2.28
C ASP A 68 2.06 -1.30 3.05
N ARG A 69 1.49 -0.37 2.30
CA ARG A 69 0.67 0.67 2.89
C ARG A 69 -0.53 0.98 1.98
N VAL A 70 -1.65 0.32 2.29
CA VAL A 70 -2.86 0.52 1.51
C VAL A 70 -3.60 1.75 2.03
N MET A 71 -3.74 2.73 1.14
CA MET A 71 -4.43 3.96 1.49
C MET A 71 -5.94 3.83 1.29
N ALA A 72 -6.31 2.84 0.50
CA ALA A 72 -7.72 2.60 0.21
C ALA A 72 -7.87 1.21 -0.43
N ILE A 73 -9.12 0.78 -0.53
CA ILE A 73 -9.41 -0.51 -1.12
C ILE A 73 -10.66 -0.40 -1.99
N ASN A 74 -10.42 -0.28 -3.29
CA ASN A 74 -11.51 -0.15 -4.25
C ASN A 74 -12.13 1.24 -4.12
N GLY A 75 -11.41 2.12 -3.45
CA GLY A 75 -11.88 3.48 -3.26
C GLY A 75 -12.35 3.70 -1.83
N ILE A 76 -12.50 2.60 -1.11
CA ILE A 76 -12.94 2.65 0.27
C ILE A 76 -11.81 3.20 1.15
N PRO A 77 -12.20 4.04 2.14
CA PRO A 77 -11.23 4.63 3.05
C PRO A 77 -10.73 3.61 4.05
N THR A 78 -9.43 3.34 3.99
CA THR A 78 -8.81 2.39 4.89
C THR A 78 -8.51 3.05 6.25
N GLU A 79 -9.57 3.32 6.98
CA GLU A 79 -9.43 3.95 8.29
C GLU A 79 -10.80 4.06 8.96
N ASP A 80 -11.79 4.43 8.17
CA ASP A 80 -13.15 4.58 8.68
C ASP A 80 -13.65 3.23 9.18
N SER A 81 -13.53 2.24 8.32
CA SER A 81 -13.97 0.89 8.67
C SER A 81 -12.92 0.22 9.58
N THR A 82 -13.03 -1.10 9.67
CA THR A 82 -12.12 -1.87 10.49
C THR A 82 -11.46 -2.98 9.66
N PHE A 83 -10.46 -3.61 10.27
CA PHE A 83 -9.74 -4.68 9.61
C PHE A 83 -10.70 -5.76 9.11
N GLU A 84 -11.83 -5.87 9.80
CA GLU A 84 -12.84 -6.85 9.44
C GLU A 84 -13.48 -6.49 8.09
N GLU A 85 -13.61 -5.19 7.88
CA GLU A 85 -14.21 -4.70 6.64
C GLU A 85 -13.25 -4.92 5.47
N ALA A 86 -12.06 -4.33 5.60
CA ALA A 86 -11.05 -4.46 4.56
C ALA A 86 -11.01 -5.90 4.06
N ASN A 87 -10.85 -6.81 5.01
CA ASN A 87 -10.79 -8.23 4.68
C ASN A 87 -12.01 -8.60 3.82
N GLN A 88 -13.17 -8.14 4.28
CA GLN A 88 -14.41 -8.42 3.59
C GLN A 88 -14.35 -7.85 2.16
N LEU A 89 -13.77 -6.67 2.05
CA LEU A 89 -13.65 -6.02 0.75
C LEU A 89 -13.04 -6.99 -0.25
N LEU A 90 -12.05 -7.74 0.22
CA LEU A 90 -11.38 -8.71 -0.62
C LEU A 90 -12.38 -9.79 -1.04
N ARG A 91 -13.04 -10.36 -0.05
CA ARG A 91 -14.03 -11.40 -0.29
C ARG A 91 -15.15 -10.87 -1.18
N ASP A 92 -15.49 -9.61 -0.96
CA ASP A 92 -16.54 -8.97 -1.75
C ASP A 92 -15.98 -8.58 -3.11
N SER A 93 -14.67 -8.47 -3.18
CA SER A 93 -14.00 -8.10 -4.42
C SER A 93 -13.76 -9.34 -5.27
N SER A 94 -13.92 -10.50 -4.64
CA SER A 94 -13.72 -11.76 -5.32
C SER A 94 -14.92 -12.07 -6.23
N ILE A 95 -16.04 -11.43 -5.90
CA ILE A 95 -17.26 -11.62 -6.68
C ILE A 95 -16.97 -11.32 -8.14
N THR A 96 -16.63 -10.06 -8.40
CA THR A 96 -16.33 -9.63 -9.76
C THR A 96 -15.02 -10.25 -10.24
N SER A 97 -14.35 -10.93 -9.32
CA SER A 97 -13.08 -11.56 -9.63
C SER A 97 -12.01 -10.50 -9.88
N LYS A 98 -12.18 -9.36 -9.23
CA LYS A 98 -11.23 -8.27 -9.36
C LYS A 98 -11.16 -7.50 -8.04
N VAL A 99 -9.97 -6.98 -7.77
CA VAL A 99 -9.75 -6.22 -6.54
C VAL A 99 -8.85 -5.02 -6.85
N THR A 100 -9.17 -3.90 -6.23
CA THR A 100 -8.39 -2.69 -6.42
C THR A 100 -7.85 -2.19 -5.09
N LEU A 101 -6.53 -2.25 -4.95
CA LEU A 101 -5.88 -1.81 -3.74
C LEU A 101 -5.06 -0.55 -4.03
N GLU A 102 -5.26 0.45 -3.19
CA GLU A 102 -4.55 1.71 -3.35
C GLU A 102 -3.35 1.76 -2.41
N ILE A 103 -2.17 1.65 -3.01
CA ILE A 103 -0.94 1.68 -2.25
C ILE A 103 -0.27 3.05 -2.43
N GLU A 104 0.63 3.36 -1.50
CA GLU A 104 1.35 4.61 -1.55
C GLU A 104 2.85 4.38 -1.36
N PHE A 105 3.63 5.05 -2.20
CA PHE A 105 5.07 4.91 -2.14
C PHE A 105 5.76 6.29 -2.17
N ASP A 106 7.08 6.26 -2.12
CA ASP A 106 7.84 7.49 -2.13
C ASP A 106 8.48 7.67 -3.52
N VAL A 107 8.60 8.93 -3.91
CA VAL A 107 9.18 9.25 -5.21
C VAL A 107 10.55 9.90 -5.00
N ALA A 108 11.46 9.60 -5.92
CA ALA A 108 12.80 10.14 -5.85
C ALA A 108 12.82 11.52 -6.50
N GLU A 109 13.30 12.50 -5.73
CA GLU A 109 13.38 13.87 -6.23
C GLU A 109 14.78 14.16 -6.76
N SER A 110 14.87 15.21 -7.56
CA SER A 110 16.15 15.62 -8.14
C SER A 110 17.13 15.96 -7.03
N VAL A 111 18.04 15.02 -6.76
CA VAL A 111 19.04 15.23 -5.73
C VAL A 111 20.43 14.93 -6.32
N ILE A 112 21.43 15.60 -5.75
CA ILE A 112 22.79 15.43 -6.20
C ILE A 112 23.22 13.97 -5.99
N PRO A 113 24.21 13.54 -6.81
CA PRO A 113 24.71 12.17 -6.72
C PRO A 113 25.60 12.00 -5.49
N SER A 114 25.68 10.77 -5.02
CA SER A 114 26.50 10.46 -3.86
C SER A 114 27.12 9.07 -4.01
N SER A 115 28.09 8.98 -4.91
CA SER A 115 28.76 7.72 -5.17
C SER A 115 29.41 7.21 -3.88
N GLY A 116 29.79 5.95 -3.91
CA GLY A 116 30.43 5.33 -2.75
C GLY A 116 30.10 3.83 -2.69
N SER A 117 31.02 3.09 -2.08
CA SER A 117 30.84 1.66 -1.94
C SER A 117 31.71 1.12 -0.80
N GLY A 118 31.32 -0.04 -0.29
CA GLY A 118 32.06 -0.66 0.79
C GLY A 118 32.87 -1.86 0.29
N PRO A 119 33.94 -2.19 1.07
CA PRO A 119 34.80 -3.31 0.71
C PRO A 119 34.12 -4.65 1.03
N SER A 120 33.61 -4.74 2.24
CA SER A 120 32.93 -5.95 2.68
C SER A 120 32.08 -6.51 1.54
N SER A 121 32.18 -7.82 1.34
CA SER A 121 31.43 -8.49 0.30
C SER A 121 30.39 -9.42 0.92
N GLY A 122 29.16 -9.30 0.44
CA GLY A 122 28.07 -10.13 0.93
C GLY A 122 27.28 -9.40 2.02
N GLY A 1 -3.96 29.34 10.80
CA GLY A 1 -4.04 28.78 9.46
C GLY A 1 -3.48 29.75 8.43
N SER A 2 -2.74 29.19 7.48
CA SER A 2 -2.13 30.00 6.43
C SER A 2 -1.93 29.16 5.17
N SER A 3 -1.16 28.09 5.34
CA SER A 3 -0.88 27.18 4.23
C SER A 3 -0.50 27.99 2.99
N GLY A 4 0.78 28.34 2.92
CA GLY A 4 1.28 29.11 1.80
C GLY A 4 2.50 29.93 2.20
N SER A 5 3.67 29.35 1.97
CA SER A 5 4.93 30.01 2.30
C SER A 5 5.93 29.84 1.17
N SER A 6 6.43 30.97 0.69
CA SER A 6 7.40 30.96 -0.40
C SER A 6 8.81 31.11 0.15
N GLY A 7 9.54 30.00 0.13
CA GLY A 7 10.92 30.01 0.63
C GLY A 7 11.65 28.73 0.21
N ALA A 8 12.37 28.16 1.16
CA ALA A 8 13.12 26.95 0.90
C ALA A 8 12.45 25.77 1.61
N GLY A 9 13.01 24.59 1.40
CA GLY A 9 12.47 23.39 2.01
C GLY A 9 12.48 22.21 1.02
N GLN A 10 13.50 21.38 1.15
CA GLN A 10 13.63 20.23 0.27
C GLN A 10 12.94 19.01 0.89
N VAL A 11 12.18 18.31 0.05
CA VAL A 11 11.46 17.13 0.50
C VAL A 11 10.98 16.34 -0.71
N VAL A 12 10.48 15.14 -0.44
CA VAL A 12 9.99 14.28 -1.51
C VAL A 12 8.48 14.14 -1.38
N HIS A 13 7.86 13.67 -2.45
CA HIS A 13 6.42 13.49 -2.47
C HIS A 13 6.09 12.00 -2.60
N THR A 14 4.85 11.67 -2.31
CA THR A 14 4.40 10.29 -2.39
C THR A 14 3.16 10.18 -3.28
N GLU A 15 3.14 9.13 -4.08
CA GLU A 15 2.03 8.89 -4.99
C GLU A 15 1.32 7.58 -4.63
N THR A 16 0.12 7.42 -5.19
CA THR A 16 -0.65 6.23 -4.94
C THR A 16 -0.81 5.41 -6.22
N THR A 17 -0.86 4.10 -6.05
CA THR A 17 -1.01 3.20 -7.18
C THR A 17 -2.18 2.24 -6.95
N GLU A 18 -2.79 1.83 -8.05
CA GLU A 18 -3.92 0.91 -7.99
C GLU A 18 -3.54 -0.43 -8.61
N VAL A 19 -3.68 -1.48 -7.81
CA VAL A 19 -3.36 -2.82 -8.27
C VAL A 19 -4.65 -3.53 -8.70
N VAL A 20 -4.50 -4.41 -9.68
CA VAL A 20 -5.64 -5.15 -10.18
C VAL A 20 -5.32 -6.65 -10.13
N LEU A 21 -5.86 -7.29 -9.10
CA LEU A 21 -5.66 -8.72 -8.91
C LEU A 21 -6.92 -9.47 -9.34
N THR A 22 -6.71 -10.52 -10.12
CA THR A 22 -7.82 -11.34 -10.60
C THR A 22 -7.94 -12.61 -9.77
N ALA A 23 -9.01 -12.65 -8.98
CA ALA A 23 -9.26 -13.80 -8.12
C ALA A 23 -8.97 -15.09 -8.90
N ASP A 24 -7.79 -15.63 -8.65
CA ASP A 24 -7.37 -16.85 -9.32
C ASP A 24 -8.44 -17.92 -9.11
N PRO A 25 -8.27 -19.06 -9.85
CA PRO A 25 -9.20 -20.17 -9.74
C PRO A 25 -9.00 -20.94 -8.44
N VAL A 26 -7.87 -20.68 -7.80
CA VAL A 26 -7.54 -21.33 -6.55
C VAL A 26 -7.15 -20.29 -5.51
N THR A 27 -6.10 -19.54 -5.84
CA THR A 27 -5.60 -18.51 -4.95
C THR A 27 -6.14 -17.14 -5.38
N GLY A 28 -7.44 -16.98 -5.21
CA GLY A 28 -8.09 -15.73 -5.57
C GLY A 28 -7.09 -14.58 -5.61
N PHE A 29 -6.90 -13.96 -4.45
CA PHE A 29 -5.97 -12.85 -4.33
C PHE A 29 -4.79 -13.21 -3.43
N GLY A 30 -5.05 -14.13 -2.50
CA GLY A 30 -4.03 -14.57 -1.58
C GLY A 30 -3.35 -13.37 -0.90
N ILE A 31 -4.17 -12.59 -0.20
CA ILE A 31 -3.66 -11.42 0.49
C ILE A 31 -4.15 -11.45 1.95
N GLN A 32 -3.29 -10.94 2.82
CA GLN A 32 -3.63 -10.90 4.24
C GLN A 32 -3.34 -9.50 4.81
N LEU A 33 -4.25 -9.06 5.68
CA LEU A 33 -4.11 -7.76 6.29
C LEU A 33 -3.62 -7.93 7.73
N GLN A 34 -3.11 -6.83 8.28
CA GLN A 34 -2.62 -6.85 9.65
C GLN A 34 -3.50 -5.99 10.55
N GLY A 35 -3.65 -6.44 11.78
CA GLY A 35 -4.45 -5.73 12.75
C GLY A 35 -3.79 -5.71 14.13
N SER A 36 -4.61 -5.78 15.16
CA SER A 36 -4.12 -5.77 16.52
C SER A 36 -5.29 -5.85 17.50
N VAL A 37 -4.94 -6.09 18.77
CA VAL A 37 -5.96 -6.20 19.81
C VAL A 37 -6.10 -4.84 20.50
N PHE A 38 -4.97 -4.17 20.67
CA PHE A 38 -4.96 -2.87 21.31
C PHE A 38 -5.18 -1.75 20.29
N ALA A 39 -5.88 -0.72 20.73
CA ALA A 39 -6.17 0.43 19.88
C ALA A 39 -6.89 1.49 20.68
N THR A 40 -7.56 2.39 19.96
CA THR A 40 -8.29 3.47 20.60
C THR A 40 -9.70 3.57 20.00
N GLU A 41 -9.78 4.21 18.85
CA GLU A 41 -11.05 4.39 18.17
C GLU A 41 -11.08 3.57 16.88
N THR A 42 -9.90 3.38 16.31
CA THR A 42 -9.77 2.62 15.08
C THR A 42 -8.70 1.54 15.22
N LEU A 43 -7.85 1.47 14.21
CA LEU A 43 -6.78 0.48 14.21
C LEU A 43 -5.45 1.20 14.47
N SER A 44 -5.55 2.48 14.80
CA SER A 44 -4.36 3.28 15.07
C SER A 44 -3.24 2.89 14.10
N SER A 45 -3.63 2.64 12.86
CA SER A 45 -2.67 2.26 11.83
C SER A 45 -3.39 1.62 10.65
N PRO A 46 -2.81 1.83 9.44
CA PRO A 46 -3.39 1.26 8.23
C PRO A 46 -3.13 -0.24 8.13
N PRO A 47 -4.03 -0.93 7.38
CA PRO A 47 -3.90 -2.36 7.20
C PRO A 47 -2.77 -2.70 6.22
N LEU A 48 -1.62 -3.01 6.79
CA LEU A 48 -0.46 -3.35 5.98
C LEU A 48 -0.56 -4.82 5.55
N ILE A 49 -0.20 -5.06 4.30
CA ILE A 49 -0.24 -6.40 3.74
C ILE A 49 0.48 -7.36 4.70
N SER A 50 -0.30 -7.98 5.57
CA SER A 50 0.25 -8.92 6.52
C SER A 50 1.11 -9.96 5.82
N TYR A 51 0.51 -10.57 4.80
CA TYR A 51 1.21 -11.59 4.02
C TYR A 51 0.66 -11.65 2.59
N ILE A 52 1.41 -12.36 1.75
CA ILE A 52 1.01 -12.51 0.36
C ILE A 52 1.15 -13.97 -0.05
N GLU A 53 0.02 -14.63 -0.20
CA GLU A 53 -0.01 -16.03 -0.59
C GLU A 53 0.88 -16.25 -1.82
N ALA A 54 1.40 -17.46 -1.93
CA ALA A 54 2.26 -17.81 -3.05
C ALA A 54 1.39 -18.30 -4.22
N ASP A 55 2.01 -18.36 -5.39
CA ASP A 55 1.30 -18.80 -6.58
C ASP A 55 0.01 -18.00 -6.74
N SER A 56 0.00 -16.82 -6.12
CA SER A 56 -1.16 -15.96 -6.17
C SER A 56 -0.89 -14.78 -7.10
N PRO A 57 -2.00 -14.08 -7.49
CA PRO A 57 -1.88 -12.93 -8.37
C PRO A 57 -1.34 -11.71 -7.61
N ALA A 58 -1.48 -11.76 -6.30
CA ALA A 58 -1.00 -10.67 -5.46
C ALA A 58 0.53 -10.66 -5.46
N GLU A 59 1.10 -11.85 -5.59
CA GLU A 59 2.54 -11.98 -5.61
C GLU A 59 3.06 -11.92 -7.06
N ARG A 60 2.17 -12.22 -7.98
CA ARG A 60 2.52 -12.20 -9.40
C ARG A 60 3.06 -10.83 -9.78
N CYS A 61 2.28 -9.81 -9.44
CA CYS A 61 2.66 -8.44 -9.75
C CYS A 61 3.99 -8.15 -9.06
N GLY A 62 4.09 -8.58 -7.82
CA GLY A 62 5.30 -8.38 -7.04
C GLY A 62 5.28 -7.01 -6.35
N VAL A 63 4.84 -6.01 -7.09
CA VAL A 63 4.77 -4.66 -6.56
C VAL A 63 4.26 -4.71 -5.12
N LEU A 64 3.32 -5.62 -4.89
CA LEU A 64 2.75 -5.78 -3.56
C LEU A 64 3.79 -6.42 -2.63
N GLN A 65 4.28 -5.62 -1.70
CA GLN A 65 5.27 -6.09 -0.75
C GLN A 65 4.62 -6.39 0.59
N ILE A 66 5.30 -7.21 1.38
CA ILE A 66 4.81 -7.59 2.69
C ILE A 66 4.84 -6.38 3.62
N GLY A 67 3.69 -6.06 4.17
CA GLY A 67 3.59 -4.92 5.08
C GLY A 67 3.63 -3.60 4.31
N ASP A 68 2.87 -3.55 3.23
CA ASP A 68 2.81 -2.36 2.40
C ASP A 68 1.94 -1.31 3.10
N ARG A 69 1.62 -0.27 2.34
CA ARG A 69 0.80 0.82 2.88
C ARG A 69 -0.44 1.01 2.00
N VAL A 70 -1.50 0.27 2.35
CA VAL A 70 -2.74 0.36 1.60
C VAL A 70 -3.53 1.58 2.09
N MET A 71 -3.65 2.56 1.22
CA MET A 71 -4.39 3.77 1.54
C MET A 71 -5.90 3.55 1.42
N ALA A 72 -6.27 2.63 0.52
CA ALA A 72 -7.66 2.32 0.31
C ALA A 72 -7.77 0.98 -0.42
N ILE A 73 -8.98 0.45 -0.44
CA ILE A 73 -9.24 -0.82 -1.09
C ILE A 73 -10.49 -0.71 -1.96
N ASN A 74 -10.26 -0.53 -3.25
CA ASN A 74 -11.36 -0.41 -4.19
C ASN A 74 -12.03 0.97 -4.02
N GLY A 75 -11.25 1.90 -3.48
CA GLY A 75 -11.74 3.24 -3.25
C GLY A 75 -12.22 3.42 -1.81
N ILE A 76 -12.37 2.30 -1.12
CA ILE A 76 -12.81 2.32 0.26
C ILE A 76 -11.68 2.83 1.15
N PRO A 77 -12.05 3.74 2.07
CA PRO A 77 -11.08 4.31 3.00
C PRO A 77 -10.70 3.32 4.09
N THR A 78 -9.44 2.91 4.07
CA THR A 78 -8.95 1.96 5.04
C THR A 78 -8.24 2.69 6.19
N GLU A 79 -9.04 3.13 7.15
CA GLU A 79 -8.52 3.84 8.29
C GLU A 79 -9.66 4.41 9.14
N ASP A 80 -10.45 3.50 9.70
CA ASP A 80 -11.57 3.90 10.53
C ASP A 80 -12.38 2.64 10.90
N SER A 81 -12.92 2.00 9.88
CA SER A 81 -13.71 0.80 10.08
C SER A 81 -12.87 -0.28 10.73
N THR A 82 -13.47 -1.46 10.88
CA THR A 82 -12.78 -2.59 11.48
C THR A 82 -11.85 -3.26 10.46
N PHE A 83 -10.72 -3.72 10.95
CA PHE A 83 -9.74 -4.38 10.10
C PHE A 83 -10.40 -5.47 9.26
N GLU A 84 -11.53 -5.95 9.75
CA GLU A 84 -12.27 -6.99 9.04
C GLU A 84 -12.96 -6.41 7.81
N GLU A 85 -13.10 -5.09 7.81
CA GLU A 85 -13.74 -4.40 6.70
C GLU A 85 -12.93 -4.62 5.42
N ALA A 86 -11.62 -4.63 5.58
CA ALA A 86 -10.74 -4.83 4.45
C ALA A 86 -10.81 -6.29 3.98
N ASN A 87 -10.63 -7.18 4.95
CA ASN A 87 -10.67 -8.60 4.65
C ASN A 87 -11.96 -8.93 3.89
N GLN A 88 -12.93 -8.05 4.03
CA GLN A 88 -14.21 -8.23 3.36
C GLN A 88 -14.13 -7.69 1.92
N LEU A 89 -13.47 -6.55 1.78
CA LEU A 89 -13.31 -5.93 0.47
C LEU A 89 -12.73 -6.96 -0.50
N LEU A 90 -12.11 -7.98 0.06
CA LEU A 90 -11.50 -9.03 -0.75
C LEU A 90 -12.59 -10.05 -1.13
N ARG A 91 -13.18 -10.65 -0.11
CA ARG A 91 -14.22 -11.64 -0.33
C ARG A 91 -15.35 -11.04 -1.17
N ASP A 92 -15.38 -9.71 -1.21
CA ASP A 92 -16.40 -9.01 -1.97
C ASP A 92 -15.93 -8.85 -3.42
N SER A 93 -14.64 -8.63 -3.57
CA SER A 93 -14.05 -8.45 -4.89
C SER A 93 -14.23 -9.74 -5.71
N SER A 94 -14.04 -10.86 -5.04
CA SER A 94 -14.17 -12.15 -5.69
C SER A 94 -15.36 -12.12 -6.65
N ILE A 95 -16.36 -11.33 -6.29
CA ILE A 95 -17.55 -11.21 -7.11
C ILE A 95 -17.14 -10.87 -8.55
N THR A 96 -16.67 -9.65 -8.72
CA THR A 96 -16.25 -9.19 -10.04
C THR A 96 -14.98 -9.93 -10.48
N SER A 97 -14.41 -10.67 -9.54
CA SER A 97 -13.19 -11.42 -9.81
C SER A 97 -12.01 -10.47 -9.91
N LYS A 98 -12.21 -9.26 -9.41
CA LYS A 98 -11.16 -8.25 -9.44
C LYS A 98 -11.18 -7.48 -8.13
N VAL A 99 -10.00 -6.99 -7.75
CA VAL A 99 -9.86 -6.23 -6.52
C VAL A 99 -8.88 -5.08 -6.74
N THR A 100 -9.23 -3.92 -6.19
CA THR A 100 -8.39 -2.75 -6.33
C THR A 100 -7.81 -2.35 -4.96
N LEU A 101 -6.50 -2.17 -4.95
CA LEU A 101 -5.81 -1.79 -3.72
C LEU A 101 -4.96 -0.54 -3.99
N GLU A 102 -5.12 0.45 -3.13
CA GLU A 102 -4.39 1.69 -3.25
C GLU A 102 -3.15 1.66 -2.34
N ILE A 103 -1.99 1.56 -2.98
CA ILE A 103 -0.74 1.52 -2.24
C ILE A 103 -0.04 2.88 -2.36
N GLU A 104 0.90 3.11 -1.47
CA GLU A 104 1.66 4.36 -1.47
C GLU A 104 3.15 4.08 -1.54
N PHE A 105 3.83 4.85 -2.39
CA PHE A 105 5.26 4.69 -2.55
C PHE A 105 5.96 6.05 -2.67
N ASP A 106 7.27 5.99 -2.79
CA ASP A 106 8.06 7.22 -2.90
C ASP A 106 8.31 7.52 -4.38
N VAL A 107 8.44 8.81 -4.67
CA VAL A 107 8.67 9.25 -6.03
C VAL A 107 10.03 9.95 -6.11
N ALA A 108 10.69 9.78 -7.25
CA ALA A 108 11.99 10.39 -7.47
C ALA A 108 11.81 11.90 -7.60
N GLU A 109 12.72 12.63 -6.96
CA GLU A 109 12.68 14.08 -7.01
C GLU A 109 13.93 14.63 -7.73
N SER A 110 13.86 15.90 -8.06
CA SER A 110 14.97 16.55 -8.75
C SER A 110 16.00 17.04 -7.73
N VAL A 111 17.07 16.27 -7.59
CA VAL A 111 18.12 16.63 -6.66
C VAL A 111 19.40 15.87 -7.04
N ILE A 112 20.50 16.60 -7.05
CA ILE A 112 21.79 16.00 -7.38
C ILE A 112 22.05 14.80 -6.48
N PRO A 113 22.52 13.69 -7.11
CA PRO A 113 22.80 12.47 -6.37
C PRO A 113 24.09 12.60 -5.57
N SER A 114 25.13 13.05 -6.25
CA SER A 114 26.44 13.24 -5.62
C SER A 114 27.28 14.20 -6.44
N SER A 115 28.36 14.67 -5.81
CA SER A 115 29.26 15.60 -6.47
C SER A 115 30.52 15.80 -5.62
N GLY A 116 31.53 14.99 -5.92
CA GLY A 116 32.79 15.07 -5.19
C GLY A 116 32.58 14.78 -3.70
N SER A 117 33.09 13.65 -3.28
CA SER A 117 32.98 13.24 -1.89
C SER A 117 33.91 12.08 -1.59
N GLY A 118 33.71 11.00 -2.34
CA GLY A 118 34.53 9.81 -2.17
C GLY A 118 33.66 8.59 -1.83
N PRO A 119 34.26 7.39 -2.04
CA PRO A 119 33.55 6.14 -1.76
C PRO A 119 33.48 5.88 -0.26
N SER A 120 32.26 5.88 0.25
CA SER A 120 32.04 5.64 1.66
C SER A 120 30.75 4.83 1.86
N SER A 121 30.91 3.52 1.90
CA SER A 121 29.77 2.63 2.09
C SER A 121 30.26 1.21 2.36
N GLY A 122 29.66 0.59 3.37
CA GLY A 122 30.03 -0.76 3.74
C GLY A 122 29.64 -1.05 5.19
N GLY A 1 -3.24 34.14 -5.36
CA GLY A 1 -2.06 33.32 -5.12
C GLY A 1 -1.82 32.35 -6.27
N SER A 2 -0.60 31.82 -6.31
CA SER A 2 -0.23 30.88 -7.36
C SER A 2 0.45 29.65 -6.74
N SER A 3 1.54 29.92 -6.03
CA SER A 3 2.29 28.86 -5.39
C SER A 3 2.25 29.03 -3.87
N GLY A 4 2.67 27.99 -3.18
CA GLY A 4 2.69 28.01 -1.72
C GLY A 4 3.80 28.94 -1.21
N SER A 5 4.95 28.35 -0.95
CA SER A 5 6.08 29.11 -0.46
C SER A 5 7.38 28.34 -0.70
N SER A 6 7.45 27.14 -0.15
CA SER A 6 8.62 26.30 -0.31
C SER A 6 9.86 27.03 0.21
N GLY A 7 10.18 26.76 1.46
CA GLY A 7 11.34 27.37 2.09
C GLY A 7 12.51 26.38 2.19
N ALA A 8 12.75 25.91 3.39
CA ALA A 8 13.82 24.96 3.63
C ALA A 8 13.24 23.57 3.82
N GLY A 9 14.12 22.58 3.81
CA GLY A 9 13.70 21.20 3.99
C GLY A 9 13.62 20.48 2.64
N GLN A 10 14.19 19.29 2.61
CA GLN A 10 14.20 18.49 1.39
C GLN A 10 13.02 17.51 1.39
N VAL A 11 11.99 17.89 2.14
CA VAL A 11 10.80 17.06 2.23
C VAL A 11 10.50 16.45 0.87
N VAL A 12 9.96 15.23 0.90
CA VAL A 12 9.62 14.53 -0.32
C VAL A 12 8.12 14.24 -0.35
N HIS A 13 7.63 13.93 -1.53
CA HIS A 13 6.22 13.64 -1.71
C HIS A 13 6.04 12.14 -1.98
N THR A 14 4.79 11.70 -1.87
CA THR A 14 4.46 10.30 -2.10
C THR A 14 3.25 10.19 -3.03
N GLU A 15 3.33 9.23 -3.93
CA GLU A 15 2.26 8.99 -4.89
C GLU A 15 1.51 7.70 -4.54
N THR A 16 0.59 7.33 -5.42
CA THR A 16 -0.19 6.13 -5.21
C THR A 16 -0.33 5.36 -6.53
N THR A 17 -0.42 4.04 -6.40
CA THR A 17 -0.56 3.18 -7.57
C THR A 17 -1.84 2.35 -7.46
N GLU A 18 -2.30 1.90 -8.63
CA GLU A 18 -3.51 1.09 -8.68
C GLU A 18 -3.17 -0.35 -9.06
N VAL A 19 -3.44 -1.25 -8.13
CA VAL A 19 -3.17 -2.66 -8.35
C VAL A 19 -4.48 -3.39 -8.69
N VAL A 20 -4.40 -4.25 -9.69
CA VAL A 20 -5.57 -5.00 -10.11
C VAL A 20 -5.25 -6.50 -10.03
N LEU A 21 -5.95 -7.17 -9.13
CA LEU A 21 -5.75 -8.60 -8.95
C LEU A 21 -7.04 -9.34 -9.33
N THR A 22 -6.86 -10.41 -10.09
CA THR A 22 -7.99 -11.21 -10.53
C THR A 22 -8.16 -12.43 -9.63
N ALA A 23 -9.22 -12.40 -8.83
CA ALA A 23 -9.51 -13.49 -7.92
C ALA A 23 -9.29 -14.82 -8.65
N ASP A 24 -8.13 -15.42 -8.39
CA ASP A 24 -7.78 -16.68 -9.01
C ASP A 24 -8.92 -17.68 -8.79
N PRO A 25 -8.81 -18.85 -9.48
CA PRO A 25 -9.82 -19.88 -9.37
C PRO A 25 -9.70 -20.62 -8.03
N VAL A 26 -8.59 -20.41 -7.37
CA VAL A 26 -8.34 -21.05 -6.09
C VAL A 26 -7.87 -19.99 -5.09
N THR A 27 -6.73 -19.39 -5.40
CA THR A 27 -6.16 -18.37 -4.53
C THR A 27 -6.58 -16.98 -5.01
N GLY A 28 -7.86 -16.69 -4.86
CA GLY A 28 -8.39 -15.41 -5.27
C GLY A 28 -7.30 -14.34 -5.31
N PHE A 29 -7.12 -13.68 -4.18
CA PHE A 29 -6.11 -12.64 -4.08
C PHE A 29 -5.01 -13.04 -3.08
N GLY A 30 -5.37 -13.97 -2.20
CA GLY A 30 -4.44 -14.43 -1.20
C GLY A 30 -3.62 -13.28 -0.62
N ILE A 31 -4.30 -12.42 0.12
CA ILE A 31 -3.64 -11.27 0.73
C ILE A 31 -4.00 -11.20 2.22
N GLN A 32 -3.05 -10.74 3.00
CA GLN A 32 -3.25 -10.63 4.44
C GLN A 32 -2.88 -9.22 4.91
N LEU A 33 -3.63 -8.74 5.91
CA LEU A 33 -3.38 -7.43 6.46
C LEU A 33 -2.98 -7.57 7.93
N GLN A 34 -2.43 -6.48 8.45
CA GLN A 34 -2.00 -6.46 9.84
C GLN A 34 -2.78 -5.41 10.63
N GLY A 35 -2.74 -5.56 11.95
CA GLY A 35 -3.44 -4.64 12.83
C GLY A 35 -2.81 -4.61 14.22
N SER A 36 -3.61 -4.21 15.20
CA SER A 36 -3.13 -4.13 16.57
C SER A 36 -4.28 -4.44 17.53
N VAL A 37 -3.91 -4.91 18.72
CA VAL A 37 -4.88 -5.24 19.73
C VAL A 37 -5.86 -4.08 19.90
N PHE A 38 -5.30 -2.91 20.21
CA PHE A 38 -6.10 -1.72 20.41
C PHE A 38 -5.36 -0.48 19.90
N ALA A 39 -6.07 0.64 19.93
CA ALA A 39 -5.49 1.90 19.49
C ALA A 39 -6.50 3.03 19.71
N THR A 40 -6.26 4.15 19.05
CA THR A 40 -7.13 5.29 19.16
C THR A 40 -8.55 4.94 18.69
N GLU A 41 -8.69 4.86 17.37
CA GLU A 41 -9.98 4.53 16.79
C GLU A 41 -9.93 3.14 16.14
N THR A 42 -9.23 3.07 15.03
CA THR A 42 -9.09 1.80 14.31
C THR A 42 -7.68 1.25 14.48
N LEU A 43 -7.05 0.97 13.33
CA LEU A 43 -5.70 0.43 13.34
C LEU A 43 -4.70 1.58 13.45
N SER A 44 -5.23 2.77 13.76
CA SER A 44 -4.40 3.95 13.90
C SER A 44 -3.27 3.92 12.87
N SER A 45 -3.59 3.36 11.70
CA SER A 45 -2.61 3.26 10.63
C SER A 45 -3.17 2.40 9.49
N PRO A 46 -2.47 2.47 8.32
CA PRO A 46 -2.89 1.70 7.16
C PRO A 46 -2.54 0.23 7.33
N PRO A 47 -3.45 -0.64 6.80
CA PRO A 47 -3.25 -2.08 6.87
C PRO A 47 -2.17 -2.54 5.89
N LEU A 48 -0.96 -2.68 6.40
CA LEU A 48 0.16 -3.10 5.58
C LEU A 48 0.06 -4.61 5.33
N ILE A 49 0.04 -4.97 4.05
CA ILE A 49 -0.06 -6.38 3.68
C ILE A 49 0.83 -7.21 4.60
N SER A 50 0.18 -7.94 5.49
CA SER A 50 0.90 -8.78 6.43
C SER A 50 1.64 -9.89 5.68
N TYR A 51 0.88 -10.62 4.87
CA TYR A 51 1.44 -11.70 4.09
C TYR A 51 0.80 -11.79 2.71
N ILE A 52 1.50 -12.46 1.80
CA ILE A 52 1.01 -12.61 0.44
C ILE A 52 1.09 -14.08 0.04
N GLU A 53 -0.07 -14.69 -0.12
CA GLU A 53 -0.15 -16.09 -0.50
C GLU A 53 0.73 -16.35 -1.72
N ALA A 54 1.25 -17.56 -1.78
CA ALA A 54 2.11 -17.95 -2.89
C ALA A 54 1.23 -18.43 -4.05
N ASP A 55 1.83 -18.45 -5.23
CA ASP A 55 1.13 -18.88 -6.43
C ASP A 55 -0.17 -18.09 -6.57
N SER A 56 -0.20 -16.94 -5.92
CA SER A 56 -1.36 -16.08 -5.96
C SER A 56 -1.12 -14.92 -6.92
N PRO A 57 -2.24 -14.23 -7.29
CA PRO A 57 -2.17 -13.10 -8.20
C PRO A 57 -1.58 -11.87 -7.50
N ALA A 58 -1.73 -11.84 -6.19
CA ALA A 58 -1.23 -10.73 -5.39
C ALA A 58 0.30 -10.77 -5.40
N GLU A 59 0.83 -11.98 -5.54
CA GLU A 59 2.28 -12.16 -5.56
C GLU A 59 2.79 -12.22 -7.00
N ARG A 60 1.96 -12.79 -7.86
CA ARG A 60 2.32 -12.92 -9.26
C ARG A 60 2.95 -11.62 -9.77
N CYS A 61 2.17 -10.55 -9.66
CA CYS A 61 2.64 -9.25 -10.10
C CYS A 61 3.88 -8.88 -9.30
N GLY A 62 3.80 -9.14 -8.00
CA GLY A 62 4.91 -8.84 -7.11
C GLY A 62 4.86 -7.38 -6.65
N VAL A 63 4.07 -6.59 -7.35
CA VAL A 63 3.93 -5.18 -7.03
C VAL A 63 3.61 -5.04 -5.54
N LEU A 64 2.73 -5.92 -5.07
CA LEU A 64 2.34 -5.89 -3.66
C LEU A 64 3.44 -6.52 -2.82
N GLN A 65 4.17 -5.64 -2.12
CA GLN A 65 5.26 -6.09 -1.27
C GLN A 65 4.76 -6.32 0.16
N ILE A 66 5.33 -7.32 0.80
CA ILE A 66 4.96 -7.64 2.17
C ILE A 66 5.05 -6.38 3.03
N GLY A 67 3.89 -5.87 3.41
CA GLY A 67 3.82 -4.67 4.23
C GLY A 67 3.55 -3.43 3.37
N ASP A 68 2.84 -3.66 2.27
CA ASP A 68 2.52 -2.57 1.36
C ASP A 68 1.78 -1.48 2.14
N ARG A 69 1.37 -0.44 1.40
CA ARG A 69 0.66 0.68 2.00
C ARG A 69 -0.72 0.81 1.38
N VAL A 70 -1.58 -0.16 1.66
CA VAL A 70 -2.93 -0.15 1.14
C VAL A 70 -3.70 1.04 1.73
N MET A 71 -3.73 2.12 0.97
CA MET A 71 -4.42 3.33 1.40
C MET A 71 -5.93 3.12 1.40
N ALA A 72 -6.39 2.30 0.45
CA ALA A 72 -7.81 2.01 0.33
C ALA A 72 -7.99 0.59 -0.22
N ILE A 73 -9.22 0.28 -0.58
CA ILE A 73 -9.54 -1.03 -1.12
C ILE A 73 -10.80 -0.93 -1.98
N ASN A 74 -10.60 -0.83 -3.28
CA ASN A 74 -11.69 -0.73 -4.22
C ASN A 74 -12.31 0.67 -4.12
N GLY A 75 -11.59 1.55 -3.44
CA GLY A 75 -12.05 2.92 -3.28
C GLY A 75 -12.49 3.18 -1.84
N ILE A 76 -12.44 2.12 -1.04
CA ILE A 76 -12.83 2.23 0.36
C ILE A 76 -11.64 2.74 1.18
N PRO A 77 -11.93 3.76 2.03
CA PRO A 77 -10.90 4.35 2.87
C PRO A 77 -10.56 3.42 4.04
N THR A 78 -9.39 2.80 3.94
CA THR A 78 -8.92 1.90 4.98
C THR A 78 -8.29 2.68 6.12
N GLU A 79 -9.09 3.54 6.74
CA GLU A 79 -8.62 4.35 7.85
C GLU A 79 -9.79 4.73 8.75
N ASP A 80 -10.66 3.76 8.98
CA ASP A 80 -11.82 3.97 9.83
C ASP A 80 -12.50 2.63 10.12
N SER A 81 -12.66 1.85 9.06
CA SER A 81 -13.29 0.55 9.18
C SER A 81 -12.45 -0.36 10.09
N THR A 82 -12.86 -1.61 10.16
CA THR A 82 -12.17 -2.58 10.99
C THR A 82 -11.37 -3.56 10.12
N PHE A 83 -10.43 -4.23 10.75
CA PHE A 83 -9.60 -5.20 10.04
C PHE A 83 -10.45 -6.24 9.33
N GLU A 84 -11.68 -6.38 9.80
CA GLU A 84 -12.61 -7.33 9.22
C GLU A 84 -13.16 -6.80 7.90
N GLU A 85 -13.44 -5.50 7.89
CA GLU A 85 -13.96 -4.86 6.70
C GLU A 85 -13.02 -5.07 5.51
N ALA A 86 -11.84 -4.48 5.62
CA ALA A 86 -10.85 -4.60 4.57
C ALA A 86 -10.85 -6.04 4.04
N ASN A 87 -10.94 -6.98 4.97
CA ASN A 87 -10.95 -8.39 4.61
C ASN A 87 -12.18 -8.68 3.75
N GLN A 88 -13.33 -8.32 4.28
CA GLN A 88 -14.58 -8.55 3.57
C GLN A 88 -14.50 -7.99 2.15
N LEU A 89 -13.92 -6.79 2.06
CA LEU A 89 -13.76 -6.14 0.78
C LEU A 89 -13.20 -7.14 -0.24
N LEU A 90 -12.24 -7.92 0.21
CA LEU A 90 -11.62 -8.92 -0.64
C LEU A 90 -12.64 -10.01 -0.98
N ARG A 91 -13.35 -10.44 0.05
CA ARG A 91 -14.36 -11.47 -0.12
C ARG A 91 -15.42 -11.02 -1.12
N ASP A 92 -15.62 -9.71 -1.17
CA ASP A 92 -16.60 -9.12 -2.08
C ASP A 92 -16.00 -9.06 -3.49
N SER A 93 -14.86 -8.38 -3.58
CA SER A 93 -14.18 -8.23 -4.86
C SER A 93 -14.21 -9.55 -5.62
N SER A 94 -14.15 -10.64 -4.86
CA SER A 94 -14.15 -11.97 -5.44
C SER A 94 -15.30 -12.09 -6.45
N ILE A 95 -16.40 -11.42 -6.14
CA ILE A 95 -17.56 -11.45 -7.00
C ILE A 95 -17.15 -11.04 -8.42
N THR A 96 -16.73 -9.79 -8.53
CA THR A 96 -16.31 -9.25 -9.82
C THR A 96 -14.99 -9.90 -10.26
N SER A 97 -14.40 -10.64 -9.33
CA SER A 97 -13.14 -11.31 -9.60
C SER A 97 -12.05 -10.27 -9.89
N LYS A 98 -12.19 -9.12 -9.25
CA LYS A 98 -11.23 -8.05 -9.44
C LYS A 98 -11.24 -7.14 -8.21
N VAL A 99 -10.07 -6.62 -7.87
CA VAL A 99 -9.94 -5.75 -6.73
C VAL A 99 -8.93 -4.62 -7.06
N THR A 100 -9.19 -3.46 -6.48
CA THR A 100 -8.33 -2.31 -6.70
C THR A 100 -7.68 -1.87 -5.39
N LEU A 101 -6.45 -2.32 -5.20
CA LEU A 101 -5.70 -1.98 -4.00
C LEU A 101 -4.88 -0.71 -4.25
N GLU A 102 -5.17 0.30 -3.45
CA GLU A 102 -4.47 1.57 -3.57
C GLU A 102 -3.25 1.60 -2.66
N ILE A 103 -2.08 1.67 -3.27
CA ILE A 103 -0.84 1.71 -2.53
C ILE A 103 -0.22 3.10 -2.63
N GLU A 104 0.77 3.33 -1.79
CA GLU A 104 1.45 4.62 -1.77
C GLU A 104 2.95 4.43 -1.56
N PHE A 105 3.73 5.02 -2.46
CA PHE A 105 5.17 4.92 -2.38
C PHE A 105 5.82 6.31 -2.36
N ASP A 106 7.14 6.31 -2.30
CA ASP A 106 7.89 7.56 -2.28
C ASP A 106 8.26 7.95 -3.71
N VAL A 107 8.41 9.24 -3.92
CA VAL A 107 8.76 9.76 -5.23
C VAL A 107 9.96 10.70 -5.10
N ALA A 108 10.74 10.76 -6.17
CA ALA A 108 11.92 11.61 -6.19
C ALA A 108 11.50 13.06 -6.44
N GLU A 109 12.21 13.97 -5.79
CA GLU A 109 11.92 15.39 -5.92
C GLU A 109 13.01 16.07 -6.74
N SER A 110 12.73 17.31 -7.14
CA SER A 110 13.69 18.08 -7.92
C SER A 110 14.56 18.92 -6.98
N VAL A 111 15.74 18.39 -6.71
CA VAL A 111 16.69 19.08 -5.84
C VAL A 111 18.03 18.34 -5.88
N ILE A 112 19.10 19.13 -5.92
CA ILE A 112 20.44 18.57 -5.96
C ILE A 112 20.88 18.22 -4.54
N PRO A 113 21.32 16.94 -4.38
CA PRO A 113 21.77 16.46 -3.09
C PRO A 113 23.15 17.01 -2.75
N SER A 114 23.95 17.18 -3.79
CA SER A 114 25.30 17.70 -3.61
C SER A 114 26.07 16.85 -2.61
N SER A 115 26.75 15.85 -3.13
CA SER A 115 27.53 14.95 -2.30
C SER A 115 28.99 14.92 -2.77
N GLY A 116 29.85 14.39 -1.91
CA GLY A 116 31.26 14.30 -2.23
C GLY A 116 31.78 12.88 -1.99
N SER A 117 33.10 12.74 -2.09
CA SER A 117 33.74 11.45 -1.89
C SER A 117 35.12 11.64 -1.28
N GLY A 118 35.37 10.90 -0.20
CA GLY A 118 36.65 10.98 0.48
C GLY A 118 37.54 9.79 0.11
N PRO A 119 38.88 10.02 0.23
CA PRO A 119 39.84 8.97 -0.08
C PRO A 119 39.89 7.92 1.02
N SER A 120 40.61 6.84 0.74
CA SER A 120 40.74 5.76 1.69
C SER A 120 41.74 4.72 1.18
N SER A 121 42.98 4.88 1.59
CA SER A 121 44.04 3.97 1.17
C SER A 121 44.26 2.90 2.24
N GLY A 122 44.85 1.80 1.82
CA GLY A 122 45.12 0.70 2.73
C GLY A 122 43.83 -0.01 3.13
N GLY A 1 -8.53 14.41 16.26
CA GLY A 1 -7.85 14.75 15.02
C GLY A 1 -6.64 13.84 14.80
N SER A 2 -5.89 14.15 13.75
CA SER A 2 -4.70 13.37 13.43
C SER A 2 -3.63 14.28 12.82
N SER A 3 -2.66 14.63 13.64
CA SER A 3 -1.58 15.50 13.20
C SER A 3 -0.34 14.66 12.85
N GLY A 4 -0.01 14.65 11.57
CA GLY A 4 1.15 13.90 11.11
C GLY A 4 1.99 14.74 10.15
N SER A 5 2.49 15.85 10.66
CA SER A 5 3.31 16.74 9.86
C SER A 5 4.78 16.60 10.28
N SER A 6 5.48 15.74 9.57
CA SER A 6 6.89 15.51 9.86
C SER A 6 7.76 16.18 8.79
N GLY A 7 8.28 17.34 9.14
CA GLY A 7 9.13 18.09 8.23
C GLY A 7 8.99 19.58 8.45
N ALA A 8 8.97 20.32 7.34
CA ALA A 8 8.83 21.76 7.40
C ALA A 8 8.36 22.29 6.05
N GLY A 9 9.17 22.04 5.03
CA GLY A 9 8.85 22.46 3.68
C GLY A 9 9.43 21.50 2.64
N GLN A 10 10.75 21.36 2.68
CA GLN A 10 11.42 20.49 1.75
C GLN A 10 11.17 19.02 2.12
N VAL A 11 10.75 18.25 1.12
CA VAL A 11 10.46 16.84 1.33
C VAL A 11 10.28 16.16 -0.03
N VAL A 12 10.22 14.84 0.01
CA VAL A 12 10.05 14.05 -1.20
C VAL A 12 8.56 13.88 -1.48
N HIS A 13 8.26 13.50 -2.72
CA HIS A 13 6.88 13.29 -3.12
C HIS A 13 6.56 11.80 -3.08
N THR A 14 5.26 11.51 -3.15
CA THR A 14 4.80 10.12 -3.12
C THR A 14 3.87 9.85 -4.30
N GLU A 15 3.79 8.58 -4.67
CA GLU A 15 2.93 8.17 -5.77
C GLU A 15 2.02 7.01 -5.34
N THR A 16 0.85 6.97 -5.95
CA THR A 16 -0.12 5.93 -5.65
C THR A 16 -0.22 4.94 -6.81
N THR A 17 -0.42 3.68 -6.45
CA THR A 17 -0.54 2.62 -7.44
C THR A 17 -1.78 1.78 -7.18
N GLU A 18 -2.43 1.36 -8.26
CA GLU A 18 -3.62 0.56 -8.16
C GLU A 18 -3.30 -0.90 -8.51
N VAL A 19 -3.54 -1.78 -7.55
CA VAL A 19 -3.29 -3.19 -7.74
C VAL A 19 -4.59 -3.88 -8.17
N VAL A 20 -4.47 -4.68 -9.23
CA VAL A 20 -5.61 -5.40 -9.75
C VAL A 20 -5.29 -6.89 -9.81
N LEU A 21 -5.80 -7.60 -8.82
CA LEU A 21 -5.56 -9.04 -8.74
C LEU A 21 -6.82 -9.78 -9.21
N THR A 22 -6.64 -10.58 -10.24
CA THR A 22 -7.75 -11.35 -10.79
C THR A 22 -7.99 -12.61 -9.96
N ALA A 23 -9.04 -12.56 -9.15
CA ALA A 23 -9.39 -13.69 -8.31
C ALA A 23 -9.06 -14.99 -9.04
N ASP A 24 -7.90 -15.54 -8.71
CA ASP A 24 -7.46 -16.79 -9.33
C ASP A 24 -8.46 -17.89 -9.00
N PRO A 25 -8.35 -19.02 -9.76
CA PRO A 25 -9.23 -20.16 -9.55
C PRO A 25 -8.83 -20.93 -8.29
N VAL A 26 -7.85 -20.38 -7.58
CA VAL A 26 -7.37 -21.01 -6.36
C VAL A 26 -6.99 -19.93 -5.35
N THR A 27 -6.05 -19.09 -5.76
CA THR A 27 -5.58 -18.01 -4.90
C THR A 27 -6.13 -16.66 -5.40
N GLY A 28 -7.43 -16.49 -5.22
CA GLY A 28 -8.09 -15.27 -5.64
C GLY A 28 -7.08 -14.14 -5.80
N PHE A 29 -6.90 -13.39 -4.72
CA PHE A 29 -5.96 -12.27 -4.73
C PHE A 29 -4.71 -12.61 -3.92
N GLY A 30 -4.85 -13.58 -3.03
CA GLY A 30 -3.72 -14.00 -2.20
C GLY A 30 -3.10 -12.81 -1.48
N ILE A 31 -3.85 -12.26 -0.55
CA ILE A 31 -3.38 -11.12 0.21
C ILE A 31 -3.93 -11.20 1.65
N GLN A 32 -3.09 -10.81 2.58
CA GLN A 32 -3.47 -10.84 3.98
C GLN A 32 -3.33 -9.45 4.60
N LEU A 33 -4.29 -9.11 5.46
CA LEU A 33 -4.28 -7.82 6.12
C LEU A 33 -3.86 -8.00 7.58
N GLN A 34 -3.56 -6.87 8.21
CA GLN A 34 -3.14 -6.89 9.60
C GLN A 34 -3.79 -5.74 10.37
N GLY A 35 -3.63 -5.79 11.69
CA GLY A 35 -4.21 -4.76 12.55
C GLY A 35 -3.91 -5.05 14.02
N SER A 36 -4.83 -4.61 14.87
CA SER A 36 -4.69 -4.82 16.30
C SER A 36 -6.01 -5.27 16.90
N VAL A 37 -5.92 -5.94 18.04
CA VAL A 37 -7.10 -6.43 18.72
C VAL A 37 -7.97 -5.25 19.16
N PHE A 38 -7.35 -4.35 19.91
CA PHE A 38 -8.04 -3.18 20.40
C PHE A 38 -7.23 -1.91 20.11
N ALA A 39 -7.88 -0.77 20.35
CA ALA A 39 -7.23 0.52 20.14
C ALA A 39 -8.26 1.63 20.29
N THR A 40 -7.82 2.85 20.01
CA THR A 40 -8.69 4.00 20.11
C THR A 40 -10.09 3.66 19.62
N GLU A 41 -10.24 3.63 18.30
CA GLU A 41 -11.52 3.33 17.69
C GLU A 41 -11.39 2.11 16.77
N THR A 42 -10.64 2.32 15.69
CA THR A 42 -10.42 1.25 14.73
C THR A 42 -9.06 0.59 14.95
N LEU A 43 -8.33 0.41 13.87
CA LEU A 43 -7.02 -0.20 13.93
C LEU A 43 -5.97 0.88 14.20
N SER A 44 -6.46 2.05 14.56
CA SER A 44 -5.57 3.17 14.85
C SER A 44 -4.40 3.19 13.86
N SER A 45 -4.69 2.73 12.66
CA SER A 45 -3.67 2.68 11.61
C SER A 45 -4.24 2.01 10.36
N PRO A 46 -3.51 2.21 9.23
CA PRO A 46 -3.92 1.63 7.96
C PRO A 46 -3.64 0.12 7.93
N PRO A 47 -4.53 -0.61 7.19
CA PRO A 47 -4.40 -2.05 7.08
C PRO A 47 -3.25 -2.41 6.13
N LEU A 48 -2.12 -2.79 6.73
CA LEU A 48 -0.96 -3.15 5.94
C LEU A 48 -1.12 -4.59 5.45
N ILE A 49 -0.25 -4.96 4.51
CA ILE A 49 -0.29 -6.31 3.96
C ILE A 49 0.41 -7.27 4.91
N SER A 50 -0.40 -8.04 5.63
CA SER A 50 0.13 -9.00 6.57
C SER A 50 1.03 -10.00 5.85
N TYR A 51 0.45 -10.64 4.84
CA TYR A 51 1.19 -11.62 4.06
C TYR A 51 0.68 -11.66 2.62
N ILE A 52 1.56 -12.12 1.73
CA ILE A 52 1.21 -12.23 0.32
C ILE A 52 1.42 -13.67 -0.14
N GLU A 53 0.31 -14.33 -0.38
CA GLU A 53 0.36 -15.72 -0.83
C GLU A 53 1.26 -15.85 -2.06
N ALA A 54 1.73 -17.06 -2.28
CA ALA A 54 2.60 -17.33 -3.41
C ALA A 54 1.77 -17.86 -4.59
N ASP A 55 2.36 -17.79 -5.76
CA ASP A 55 1.68 -18.25 -6.97
C ASP A 55 0.35 -17.52 -7.11
N SER A 56 0.25 -16.39 -6.42
CA SER A 56 -0.96 -15.60 -6.46
C SER A 56 -0.77 -14.41 -7.41
N PRO A 57 -1.92 -13.74 -7.74
CA PRO A 57 -1.88 -12.59 -8.62
C PRO A 57 -1.32 -11.36 -7.91
N ALA A 58 -1.47 -11.36 -6.59
CA ALA A 58 -0.98 -10.25 -5.79
C ALA A 58 0.54 -10.27 -5.78
N GLU A 59 1.09 -11.45 -6.02
CA GLU A 59 2.54 -11.61 -6.04
C GLU A 59 3.06 -11.55 -7.47
N ARG A 60 2.22 -12.00 -8.39
CA ARG A 60 2.59 -12.01 -9.79
C ARG A 60 2.99 -10.61 -10.25
N CYS A 61 2.08 -9.67 -10.05
CA CYS A 61 2.33 -8.29 -10.42
C CYS A 61 3.59 -7.82 -9.69
N GLY A 62 3.79 -8.35 -8.50
CA GLY A 62 4.94 -7.99 -7.70
C GLY A 62 5.02 -6.48 -7.49
N VAL A 63 3.86 -5.88 -7.25
CA VAL A 63 3.79 -4.44 -7.04
C VAL A 63 3.42 -4.17 -5.58
N LEU A 64 3.18 -5.24 -4.85
CA LEU A 64 2.82 -5.13 -3.45
C LEU A 64 3.98 -5.60 -2.58
N GLN A 65 3.99 -5.12 -1.35
CA GLN A 65 5.05 -5.48 -0.41
C GLN A 65 4.45 -5.85 0.94
N ILE A 66 5.14 -6.75 1.63
CA ILE A 66 4.69 -7.20 2.94
C ILE A 66 4.73 -6.03 3.92
N GLY A 67 3.54 -5.63 4.37
CA GLY A 67 3.42 -4.54 5.30
C GLY A 67 3.32 -3.20 4.57
N ASP A 68 2.82 -3.27 3.34
CA ASP A 68 2.65 -2.08 2.52
C ASP A 68 1.75 -1.09 3.25
N ARG A 69 1.36 -0.06 2.53
CA ARG A 69 0.50 0.97 3.09
C ARG A 69 -0.68 1.25 2.16
N VAL A 70 -1.79 0.59 2.43
CA VAL A 70 -2.99 0.76 1.63
C VAL A 70 -3.78 1.96 2.15
N MET A 71 -3.94 2.95 1.29
CA MET A 71 -4.68 4.15 1.66
C MET A 71 -6.17 3.95 1.44
N ALA A 72 -6.51 2.94 0.67
CA ALA A 72 -7.90 2.63 0.37
C ALA A 72 -7.98 1.26 -0.31
N ILE A 73 -9.18 0.69 -0.26
CA ILE A 73 -9.41 -0.61 -0.88
C ILE A 73 -10.64 -0.53 -1.78
N ASN A 74 -10.38 -0.35 -3.06
CA ASN A 74 -11.47 -0.26 -4.03
C ASN A 74 -12.20 1.07 -3.84
N GLY A 75 -11.49 2.03 -3.27
CA GLY A 75 -12.07 3.34 -3.03
C GLY A 75 -12.52 3.48 -1.57
N ILE A 76 -12.54 2.35 -0.88
CA ILE A 76 -12.94 2.33 0.52
C ILE A 76 -11.87 3.03 1.36
N PRO A 77 -12.35 3.98 2.21
CA PRO A 77 -11.45 4.73 3.07
C PRO A 77 -10.98 3.87 4.24
N THR A 78 -9.85 3.22 4.04
CA THR A 78 -9.27 2.35 5.06
C THR A 78 -8.82 3.19 6.25
N GLU A 79 -9.80 3.65 7.02
CA GLU A 79 -9.52 4.46 8.20
C GLU A 79 -10.80 4.80 8.94
N ASP A 80 -11.72 3.84 8.93
CA ASP A 80 -13.00 4.01 9.59
C ASP A 80 -13.79 2.71 9.52
N SER A 81 -13.05 1.60 9.63
CA SER A 81 -13.68 0.29 9.58
C SER A 81 -12.97 -0.65 10.55
N THR A 82 -13.22 -1.94 10.38
CA THR A 82 -12.63 -2.95 11.23
C THR A 82 -11.82 -3.95 10.39
N PHE A 83 -10.81 -4.53 11.03
CA PHE A 83 -9.96 -5.50 10.36
C PHE A 83 -10.76 -6.36 9.40
N GLU A 84 -11.96 -6.73 9.84
CA GLU A 84 -12.84 -7.56 9.03
C GLU A 84 -13.21 -6.83 7.73
N GLU A 85 -13.74 -5.63 7.89
CA GLU A 85 -14.14 -4.82 6.76
C GLU A 85 -13.14 -4.99 5.61
N ALA A 86 -11.96 -4.43 5.80
CA ALA A 86 -10.91 -4.51 4.80
C ALA A 86 -10.86 -5.94 4.24
N ASN A 87 -10.90 -6.90 5.17
CA ASN A 87 -10.85 -8.30 4.79
C ASN A 87 -12.03 -8.62 3.86
N GLN A 88 -13.22 -8.23 4.32
CA GLN A 88 -14.43 -8.47 3.55
C GLN A 88 -14.28 -7.88 2.14
N LEU A 89 -13.80 -6.65 2.09
CA LEU A 89 -13.61 -5.97 0.82
C LEU A 89 -13.04 -6.96 -0.20
N LEU A 90 -12.03 -7.71 0.26
CA LEU A 90 -11.39 -8.69 -0.61
C LEU A 90 -12.42 -9.73 -1.05
N ARG A 91 -12.82 -10.56 -0.11
CA ARG A 91 -13.80 -11.61 -0.38
C ARG A 91 -14.86 -11.09 -1.36
N ASP A 92 -15.33 -9.88 -1.09
CA ASP A 92 -16.34 -9.27 -1.94
C ASP A 92 -15.78 -9.11 -3.35
N SER A 93 -14.66 -8.41 -3.44
CA SER A 93 -14.02 -8.19 -4.73
C SER A 93 -14.04 -9.48 -5.56
N SER A 94 -13.69 -10.57 -4.89
CA SER A 94 -13.66 -11.86 -5.56
C SER A 94 -14.85 -12.00 -6.50
N ILE A 95 -15.93 -11.32 -6.14
CA ILE A 95 -17.13 -11.35 -6.95
C ILE A 95 -16.79 -10.99 -8.39
N THR A 96 -16.47 -9.73 -8.59
CA THR A 96 -16.11 -9.24 -9.91
C THR A 96 -14.81 -9.89 -10.40
N SER A 97 -14.17 -10.59 -9.47
CA SER A 97 -12.92 -11.26 -9.78
C SER A 97 -11.81 -10.22 -10.00
N LYS A 98 -11.98 -9.08 -9.37
CA LYS A 98 -11.01 -8.00 -9.49
C LYS A 98 -11.02 -7.17 -8.20
N VAL A 99 -9.84 -7.04 -7.61
CA VAL A 99 -9.70 -6.27 -6.39
C VAL A 99 -8.83 -5.05 -6.66
N THR A 100 -9.19 -3.95 -6.01
CA THR A 100 -8.45 -2.71 -6.15
C THR A 100 -7.89 -2.25 -4.81
N LEU A 101 -6.57 -2.12 -4.77
CA LEU A 101 -5.89 -1.69 -3.56
C LEU A 101 -5.10 -0.41 -3.85
N GLU A 102 -5.37 0.61 -3.05
CA GLU A 102 -4.69 1.88 -3.21
C GLU A 102 -3.46 1.95 -2.31
N ILE A 103 -2.30 1.89 -2.94
CA ILE A 103 -1.04 1.94 -2.21
C ILE A 103 -0.36 3.29 -2.46
N GLU A 104 0.61 3.59 -1.61
CA GLU A 104 1.35 4.84 -1.72
C GLU A 104 2.82 4.62 -1.39
N PHE A 105 3.67 5.02 -2.33
CA PHE A 105 5.10 4.87 -2.14
C PHE A 105 5.82 6.21 -2.35
N ASP A 106 7.13 6.18 -2.14
CA ASP A 106 7.94 7.37 -2.31
C ASP A 106 8.75 7.28 -3.60
N VAL A 107 9.15 8.43 -4.10
CA VAL A 107 9.93 8.49 -5.33
C VAL A 107 11.29 9.12 -5.03
N ALA A 108 12.30 8.63 -5.74
CA ALA A 108 13.65 9.14 -5.58
C ALA A 108 13.77 10.50 -6.26
N GLU A 109 14.54 11.37 -5.62
CA GLU A 109 14.75 12.71 -6.16
C GLU A 109 15.88 12.70 -7.19
N SER A 110 15.65 13.42 -8.28
CA SER A 110 16.64 13.51 -9.34
C SER A 110 17.94 14.11 -8.80
N VAL A 111 18.87 13.22 -8.47
CA VAL A 111 20.15 13.65 -7.94
C VAL A 111 21.28 12.98 -8.74
N ILE A 112 22.43 13.64 -8.75
CA ILE A 112 23.58 13.12 -9.45
C ILE A 112 23.85 11.68 -9.01
N PRO A 113 24.20 10.83 -10.01
CA PRO A 113 24.49 9.43 -9.73
C PRO A 113 25.86 9.27 -9.08
N SER A 114 26.04 8.14 -8.41
CA SER A 114 27.29 7.85 -7.74
C SER A 114 27.81 6.47 -8.16
N SER A 115 28.34 6.41 -9.36
CA SER A 115 28.87 5.17 -9.89
C SER A 115 29.64 4.42 -8.80
N GLY A 116 29.77 3.12 -8.98
CA GLY A 116 30.47 2.29 -8.01
C GLY A 116 29.60 1.11 -7.56
N SER A 117 30.04 0.47 -6.50
CA SER A 117 29.32 -0.67 -5.95
C SER A 117 27.83 -0.33 -5.85
N GLY A 118 27.03 -1.13 -6.54
CA GLY A 118 25.59 -0.93 -6.53
C GLY A 118 24.95 -1.53 -5.28
N PRO A 119 23.68 -1.99 -5.43
CA PRO A 119 22.96 -2.58 -4.32
C PRO A 119 23.47 -4.00 -4.05
N SER A 120 23.58 -4.30 -2.76
CA SER A 120 24.05 -5.62 -2.34
C SER A 120 23.08 -6.21 -1.31
N SER A 121 22.87 -7.52 -1.44
CA SER A 121 21.98 -8.21 -0.53
C SER A 121 22.43 -9.66 -0.36
N GLY A 122 22.48 -10.37 -1.48
CA GLY A 122 22.90 -11.76 -1.47
C GLY A 122 22.57 -12.44 -2.80
N GLY A 1 15.69 47.96 -1.15
CA GLY A 1 16.33 46.71 -1.58
C GLY A 1 15.33 45.55 -1.54
N SER A 2 15.40 44.72 -2.58
CA SER A 2 14.53 43.58 -2.68
C SER A 2 14.97 42.48 -1.70
N SER A 3 13.98 41.84 -1.10
CA SER A 3 14.25 40.78 -0.15
C SER A 3 13.96 39.42 -0.78
N GLY A 4 15.03 38.69 -1.06
CA GLY A 4 14.91 37.37 -1.66
C GLY A 4 16.19 36.56 -1.50
N SER A 5 16.08 35.27 -1.74
CA SER A 5 17.22 34.38 -1.62
C SER A 5 17.02 33.14 -2.49
N SER A 6 18.06 32.81 -3.24
CA SER A 6 18.00 31.65 -4.12
C SER A 6 18.01 30.36 -3.29
N GLY A 7 16.95 29.59 -3.45
CA GLY A 7 16.82 28.34 -2.73
C GLY A 7 15.48 28.27 -1.98
N ALA A 8 14.70 27.27 -2.32
CA ALA A 8 13.40 27.08 -1.68
C ALA A 8 13.43 25.80 -0.84
N GLY A 9 13.64 24.69 -1.52
CA GLY A 9 13.69 23.39 -0.86
C GLY A 9 12.38 22.64 -1.03
N GLN A 10 12.25 21.98 -2.18
CA GLN A 10 11.05 21.21 -2.47
C GLN A 10 11.15 19.82 -1.85
N VAL A 11 10.18 19.53 -1.00
CA VAL A 11 10.13 18.24 -0.32
C VAL A 11 9.63 17.18 -1.31
N VAL A 12 9.78 15.92 -0.91
CA VAL A 12 9.34 14.82 -1.74
C VAL A 12 7.82 14.67 -1.63
N HIS A 13 7.25 13.93 -2.57
CA HIS A 13 5.82 13.72 -2.60
C HIS A 13 5.53 12.21 -2.65
N THR A 14 4.27 11.89 -2.40
CA THR A 14 3.85 10.49 -2.40
C THR A 14 2.78 10.26 -3.47
N GLU A 15 2.96 9.20 -4.23
CA GLU A 15 2.00 8.86 -5.28
C GLU A 15 1.37 7.49 -5.01
N THR A 16 0.10 7.39 -5.33
CA THR A 16 -0.64 6.15 -5.13
C THR A 16 -0.76 5.38 -6.44
N THR A 17 -0.55 4.08 -6.34
CA THR A 17 -0.63 3.22 -7.51
C THR A 17 -1.82 2.27 -7.40
N GLU A 18 -2.48 2.05 -8.53
CA GLU A 18 -3.64 1.18 -8.57
C GLU A 18 -3.23 -0.22 -9.02
N VAL A 19 -3.60 -1.20 -8.20
CA VAL A 19 -3.27 -2.59 -8.50
C VAL A 19 -4.56 -3.35 -8.79
N VAL A 20 -4.60 -3.96 -9.98
CA VAL A 20 -5.77 -4.73 -10.37
C VAL A 20 -5.45 -6.23 -10.28
N LEU A 21 -6.16 -6.90 -9.39
CA LEU A 21 -5.96 -8.32 -9.19
C LEU A 21 -7.24 -9.07 -9.56
N THR A 22 -7.06 -10.21 -10.22
CA THR A 22 -8.19 -11.02 -10.63
C THR A 22 -8.36 -12.21 -9.69
N ALA A 23 -9.40 -12.15 -8.88
CA ALA A 23 -9.69 -13.20 -7.93
C ALA A 23 -9.53 -14.56 -8.62
N ASP A 24 -8.36 -15.16 -8.41
CA ASP A 24 -8.08 -16.46 -9.01
C ASP A 24 -9.17 -17.45 -8.63
N PRO A 25 -9.20 -18.58 -9.37
CA PRO A 25 -10.19 -19.62 -9.12
C PRO A 25 -9.84 -20.42 -7.85
N VAL A 26 -8.62 -20.21 -7.37
CA VAL A 26 -8.16 -20.89 -6.18
C VAL A 26 -7.71 -19.85 -5.15
N THR A 27 -6.75 -19.02 -5.57
CA THR A 27 -6.23 -18.00 -4.69
C THR A 27 -6.69 -16.61 -5.16
N GLY A 28 -7.97 -16.35 -4.93
CA GLY A 28 -8.55 -15.07 -5.32
C GLY A 28 -7.47 -13.99 -5.45
N PHE A 29 -7.17 -13.35 -4.32
CA PHE A 29 -6.17 -12.31 -4.30
C PHE A 29 -4.97 -12.72 -3.44
N GLY A 30 -5.22 -13.68 -2.56
CA GLY A 30 -4.17 -14.18 -1.68
C GLY A 30 -3.46 -13.02 -0.97
N ILE A 31 -4.24 -12.25 -0.23
CA ILE A 31 -3.72 -11.12 0.50
C ILE A 31 -4.14 -11.22 1.98
N GLN A 32 -3.23 -10.82 2.85
CA GLN A 32 -3.51 -10.86 4.28
C GLN A 32 -3.23 -9.49 4.90
N LEU A 33 -4.23 -9.00 5.63
CA LEU A 33 -4.10 -7.71 6.28
C LEU A 33 -3.60 -7.91 7.71
N GLN A 34 -3.02 -6.85 8.26
CA GLN A 34 -2.50 -6.90 9.62
C GLN A 34 -3.40 -6.12 10.56
N GLY A 35 -3.90 -6.81 11.57
CA GLY A 35 -4.79 -6.19 12.56
C GLY A 35 -4.14 -6.20 13.94
N SER A 36 -5.00 -6.13 14.96
CA SER A 36 -4.54 -6.13 16.33
C SER A 36 -5.65 -6.62 17.26
N VAL A 37 -5.23 -7.07 18.43
CA VAL A 37 -6.19 -7.58 19.42
C VAL A 37 -6.81 -6.39 20.16
N PHE A 38 -5.98 -5.39 20.41
CA PHE A 38 -6.44 -4.19 21.11
C PHE A 38 -6.68 -3.04 20.14
N ALA A 39 -7.72 -2.28 20.43
CA ALA A 39 -8.07 -1.14 19.59
C ALA A 39 -9.20 -0.35 20.26
N THR A 40 -9.56 0.75 19.61
CA THR A 40 -10.62 1.60 20.13
C THR A 40 -11.90 1.41 19.33
N GLU A 41 -11.95 2.06 18.18
CA GLU A 41 -13.10 1.98 17.30
C GLU A 41 -12.72 1.32 15.98
N THR A 42 -11.49 1.57 15.56
CA THR A 42 -10.99 1.01 14.32
C THR A 42 -9.68 0.27 14.56
N LEU A 43 -8.72 0.53 13.68
CA LEU A 43 -7.41 -0.10 13.79
C LEU A 43 -6.35 0.97 14.05
N SER A 44 -6.83 2.19 14.24
CA SER A 44 -5.92 3.31 14.49
C SER A 44 -4.67 3.18 13.63
N SER A 45 -4.85 2.60 12.45
CA SER A 45 -3.75 2.41 11.54
C SER A 45 -4.23 1.69 10.27
N PRO A 46 -3.50 1.94 9.16
CA PRO A 46 -3.84 1.33 7.88
C PRO A 46 -3.45 -0.15 7.85
N PRO A 47 -4.26 -0.95 7.10
CA PRO A 47 -4.01 -2.37 6.98
C PRO A 47 -2.82 -2.65 6.07
N LEU A 48 -1.70 -3.00 6.69
CA LEU A 48 -0.49 -3.29 5.94
C LEU A 48 -0.50 -4.75 5.52
N ILE A 49 -0.11 -4.98 4.27
CA ILE A 49 -0.07 -6.33 3.73
C ILE A 49 0.70 -7.24 4.69
N SER A 50 -0.06 -7.89 5.56
CA SER A 50 0.53 -8.79 6.54
C SER A 50 1.29 -9.91 5.83
N TYR A 51 0.56 -10.64 5.00
CA TYR A 51 1.14 -11.74 4.26
C TYR A 51 0.53 -11.85 2.86
N ILE A 52 1.33 -12.36 1.93
CA ILE A 52 0.88 -12.52 0.56
C ILE A 52 0.93 -14.00 0.18
N GLU A 53 -0.25 -14.59 0.05
CA GLU A 53 -0.35 -15.99 -0.31
C GLU A 53 0.51 -16.29 -1.54
N ALA A 54 0.89 -17.55 -1.67
CA ALA A 54 1.72 -17.98 -2.79
C ALA A 54 0.81 -18.35 -3.96
N ASP A 55 1.44 -18.53 -5.11
CA ASP A 55 0.70 -18.88 -6.32
C ASP A 55 -0.54 -18.01 -6.44
N SER A 56 -0.45 -16.81 -5.84
CA SER A 56 -1.55 -15.88 -5.87
C SER A 56 -1.23 -14.73 -6.84
N PRO A 57 -2.32 -14.00 -7.24
CA PRO A 57 -2.17 -12.89 -8.16
C PRO A 57 -1.55 -11.68 -7.45
N ALA A 58 -1.63 -11.70 -6.13
CA ALA A 58 -1.09 -10.61 -5.33
C ALA A 58 0.43 -10.75 -5.24
N GLU A 59 0.89 -11.98 -5.42
CA GLU A 59 2.31 -12.26 -5.38
C GLU A 59 2.93 -12.19 -6.77
N ARG A 60 2.06 -12.34 -7.77
CA ARG A 60 2.50 -12.29 -9.15
C ARG A 60 2.97 -10.88 -9.52
N CYS A 61 2.16 -9.90 -9.12
CA CYS A 61 2.47 -8.52 -9.39
C CYS A 61 3.85 -8.21 -8.79
N GLY A 62 4.06 -8.71 -7.58
CA GLY A 62 5.32 -8.48 -6.89
C GLY A 62 5.32 -7.14 -6.17
N VAL A 63 4.93 -6.11 -6.91
CA VAL A 63 4.89 -4.76 -6.36
C VAL A 63 4.31 -4.81 -4.95
N LEU A 64 3.46 -5.81 -4.73
CA LEU A 64 2.83 -5.98 -3.43
C LEU A 64 3.84 -6.59 -2.46
N GLN A 65 4.43 -5.71 -1.65
CA GLN A 65 5.42 -6.15 -0.67
C GLN A 65 4.76 -6.34 0.69
N ILE A 66 5.41 -7.15 1.52
CA ILE A 66 4.89 -7.43 2.85
C ILE A 66 5.01 -6.17 3.71
N GLY A 67 3.88 -5.77 4.26
CA GLY A 67 3.83 -4.58 5.11
C GLY A 67 3.87 -3.31 4.26
N ASP A 68 2.92 -3.23 3.35
CA ASP A 68 2.83 -2.06 2.47
C ASP A 68 1.81 -1.07 3.05
N ARG A 69 1.63 0.02 2.33
CA ARG A 69 0.69 1.04 2.75
C ARG A 69 -0.45 1.18 1.75
N VAL A 70 -1.49 0.39 1.97
CA VAL A 70 -2.65 0.40 1.10
C VAL A 70 -3.62 1.48 1.57
N MET A 71 -3.87 2.43 0.68
CA MET A 71 -4.78 3.52 0.99
C MET A 71 -6.24 3.13 0.73
N ALA A 72 -6.40 2.19 -0.20
CA ALA A 72 -7.73 1.71 -0.55
C ALA A 72 -7.65 0.23 -0.91
N ILE A 73 -8.80 -0.42 -0.85
CA ILE A 73 -8.88 -1.84 -1.16
C ILE A 73 -9.88 -2.06 -2.29
N ASN A 74 -10.45 -0.95 -2.75
CA ASN A 74 -11.42 -1.01 -3.84
C ASN A 74 -12.13 0.34 -3.95
N GLY A 75 -11.35 1.40 -3.84
CA GLY A 75 -11.89 2.75 -3.92
C GLY A 75 -12.10 3.34 -2.53
N ILE A 76 -12.58 2.49 -1.62
CA ILE A 76 -12.83 2.92 -0.25
C ILE A 76 -11.50 3.29 0.42
N PRO A 77 -11.52 4.43 1.15
CA PRO A 77 -10.33 4.90 1.83
C PRO A 77 -10.06 4.07 3.08
N THR A 78 -9.25 3.04 2.91
CA THR A 78 -8.90 2.16 4.00
C THR A 78 -8.38 2.97 5.19
N GLU A 79 -9.30 3.27 6.10
CA GLU A 79 -8.96 4.04 7.28
C GLU A 79 -10.15 4.13 8.23
N ASP A 80 -10.93 3.05 8.26
CA ASP A 80 -12.10 3.00 9.11
C ASP A 80 -12.64 1.56 9.13
N SER A 81 -13.66 1.36 9.95
CA SER A 81 -14.26 0.05 10.08
C SER A 81 -13.41 -0.85 10.98
N THR A 82 -13.49 -2.15 10.71
CA THR A 82 -12.73 -3.11 11.48
C THR A 82 -11.74 -3.85 10.58
N PHE A 83 -10.70 -4.40 11.21
CA PHE A 83 -9.68 -5.12 10.47
C PHE A 83 -10.31 -6.19 9.57
N GLU A 84 -11.46 -6.68 10.00
CA GLU A 84 -12.18 -7.69 9.24
C GLU A 84 -12.74 -7.09 7.94
N GLU A 85 -13.13 -5.83 8.04
CA GLU A 85 -13.69 -5.14 6.89
C GLU A 85 -12.76 -5.30 5.68
N ALA A 86 -11.57 -4.74 5.80
CA ALA A 86 -10.59 -4.81 4.74
C ALA A 86 -10.56 -6.23 4.17
N ASN A 87 -10.63 -7.19 5.06
CA ASN A 87 -10.61 -8.60 4.67
C ASN A 87 -11.93 -8.92 3.95
N GLN A 88 -13.01 -8.42 4.51
CA GLN A 88 -14.33 -8.65 3.94
C GLN A 88 -14.41 -8.06 2.54
N LEU A 89 -13.67 -6.97 2.36
CA LEU A 89 -13.65 -6.29 1.06
C LEU A 89 -13.23 -7.28 -0.03
N LEU A 90 -12.25 -8.11 0.32
CA LEU A 90 -11.76 -9.10 -0.62
C LEU A 90 -12.87 -10.10 -0.94
N ARG A 91 -13.42 -10.68 0.12
CA ARG A 91 -14.49 -11.65 -0.04
C ARG A 91 -15.61 -11.07 -0.91
N ASP A 92 -15.64 -9.74 -0.98
CA ASP A 92 -16.65 -9.05 -1.76
C ASP A 92 -16.12 -8.82 -3.17
N SER A 93 -14.92 -8.25 -3.23
CA SER A 93 -14.29 -7.97 -4.51
C SER A 93 -14.39 -9.20 -5.42
N SER A 94 -14.47 -10.36 -4.79
CA SER A 94 -14.56 -11.61 -5.54
C SER A 94 -15.77 -11.57 -6.46
N ILE A 95 -16.70 -10.69 -6.14
CA ILE A 95 -17.91 -10.55 -6.94
C ILE A 95 -17.53 -10.19 -8.38
N THR A 96 -16.95 -9.00 -8.52
CA THR A 96 -16.53 -8.54 -9.84
C THR A 96 -15.27 -9.27 -10.28
N SER A 97 -14.72 -10.05 -9.36
CA SER A 97 -13.51 -10.81 -9.66
C SER A 97 -12.34 -9.86 -9.89
N LYS A 98 -12.48 -8.65 -9.35
CA LYS A 98 -11.44 -7.65 -9.49
C LYS A 98 -11.41 -6.77 -8.24
N VAL A 99 -10.20 -6.39 -7.85
CA VAL A 99 -10.03 -5.56 -6.67
C VAL A 99 -9.05 -4.42 -7.00
N THR A 100 -9.29 -3.29 -6.37
CA THR A 100 -8.44 -2.12 -6.58
C THR A 100 -7.67 -1.78 -5.30
N LEU A 101 -6.41 -2.18 -5.28
CA LEU A 101 -5.57 -1.93 -4.13
C LEU A 101 -4.68 -0.70 -4.41
N GLU A 102 -4.91 0.34 -3.63
CA GLU A 102 -4.15 1.57 -3.78
C GLU A 102 -2.97 1.58 -2.80
N ILE A 103 -1.77 1.43 -3.35
CA ILE A 103 -0.57 1.43 -2.55
C ILE A 103 0.07 2.82 -2.59
N GLU A 104 0.97 3.05 -1.65
CA GLU A 104 1.65 4.33 -1.57
C GLU A 104 3.16 4.12 -1.38
N PHE A 105 3.93 5.04 -1.95
CA PHE A 105 5.37 4.96 -1.87
C PHE A 105 6.00 6.35 -1.80
N ASP A 106 7.32 6.37 -1.73
CA ASP A 106 8.04 7.63 -1.68
C ASP A 106 8.71 7.90 -3.02
N VAL A 107 8.25 8.96 -3.68
CA VAL A 107 8.78 9.34 -4.97
C VAL A 107 10.22 9.86 -4.80
N ALA A 108 10.98 9.77 -5.86
CA ALA A 108 12.36 10.23 -5.84
C ALA A 108 12.39 11.73 -6.12
N GLU A 109 13.29 12.41 -5.42
CA GLU A 109 13.44 13.85 -5.59
C GLU A 109 14.12 14.17 -6.91
N SER A 110 14.09 15.45 -7.27
CA SER A 110 14.71 15.90 -8.50
C SER A 110 16.22 15.74 -8.42
N VAL A 111 16.73 14.73 -9.10
CA VAL A 111 18.16 14.46 -9.12
C VAL A 111 18.61 14.08 -7.70
N ILE A 112 19.27 12.95 -7.61
CA ILE A 112 19.76 12.46 -6.33
C ILE A 112 20.75 13.49 -5.75
N PRO A 113 20.33 14.10 -4.61
CA PRO A 113 21.16 15.09 -3.95
C PRO A 113 22.32 14.44 -3.21
N SER A 114 23.39 14.20 -3.95
CA SER A 114 24.57 13.57 -3.37
C SER A 114 25.80 14.45 -3.63
N SER A 115 26.09 14.66 -4.90
CA SER A 115 27.23 15.46 -5.29
C SER A 115 28.53 14.78 -4.86
N GLY A 116 29.24 14.25 -5.85
CA GLY A 116 30.49 13.57 -5.60
C GLY A 116 31.00 12.86 -6.85
N SER A 117 32.31 12.59 -6.85
CA SER A 117 32.92 11.92 -7.98
C SER A 117 32.20 10.61 -8.28
N GLY A 118 32.18 9.74 -7.28
CA GLY A 118 31.51 8.45 -7.43
C GLY A 118 32.39 7.48 -8.21
N PRO A 119 33.13 6.62 -7.45
CA PRO A 119 34.00 5.63 -8.06
C PRO A 119 33.20 4.46 -8.64
N SER A 120 33.85 3.74 -9.53
CA SER A 120 33.20 2.60 -10.17
C SER A 120 33.55 1.31 -9.41
N SER A 121 34.85 1.04 -9.34
CA SER A 121 35.33 -0.16 -8.66
C SER A 121 34.48 -1.36 -9.07
N GLY A 122 34.94 -2.05 -10.11
CA GLY A 122 34.24 -3.22 -10.61
C GLY A 122 34.26 -3.27 -12.13
N GLY A 1 5.75 42.41 -9.66
CA GLY A 1 4.39 42.87 -9.42
C GLY A 1 3.50 41.73 -8.93
N SER A 2 3.30 40.75 -9.80
CA SER A 2 2.47 39.61 -9.47
C SER A 2 2.71 38.47 -10.47
N SER A 3 2.56 37.25 -9.98
CA SER A 3 2.76 36.09 -10.82
C SER A 3 4.22 35.98 -11.25
N GLY A 4 4.66 34.75 -11.45
CA GLY A 4 6.04 34.50 -11.86
C GLY A 4 6.24 33.03 -12.23
N SER A 5 7.48 32.60 -12.09
CA SER A 5 7.83 31.22 -12.41
C SER A 5 7.34 30.29 -11.30
N SER A 6 7.38 28.99 -11.58
CA SER A 6 6.94 28.00 -10.62
C SER A 6 8.15 27.25 -10.06
N GLY A 7 7.89 26.47 -9.02
CA GLY A 7 8.95 25.69 -8.39
C GLY A 7 8.63 24.20 -8.41
N ALA A 8 9.27 23.46 -7.52
CA ALA A 8 9.06 22.03 -7.43
C ALA A 8 8.19 21.72 -6.23
N GLY A 9 8.60 22.24 -5.08
CA GLY A 9 7.87 22.03 -3.84
C GLY A 9 8.73 21.29 -2.81
N GLN A 10 8.96 21.97 -1.71
CA GLN A 10 9.77 21.40 -0.64
C GLN A 10 9.25 20.00 -0.29
N VAL A 11 9.92 19.40 0.69
CA VAL A 11 9.55 18.06 1.14
C VAL A 11 9.43 17.14 -0.09
N VAL A 12 9.24 15.87 0.20
CA VAL A 12 9.11 14.88 -0.85
C VAL A 12 7.63 14.59 -1.11
N HIS A 13 7.35 14.01 -2.26
CA HIS A 13 5.99 13.69 -2.64
C HIS A 13 5.80 12.16 -2.62
N THR A 14 4.54 11.76 -2.59
CA THR A 14 4.21 10.35 -2.56
C THR A 14 3.25 10.00 -3.71
N GLU A 15 3.48 8.83 -4.29
CA GLU A 15 2.64 8.38 -5.39
C GLU A 15 1.81 7.17 -4.97
N THR A 16 0.71 6.97 -5.68
CA THR A 16 -0.17 5.85 -5.38
C THR A 16 -0.29 4.93 -6.59
N THR A 17 -0.29 3.63 -6.31
CA THR A 17 -0.39 2.64 -7.36
C THR A 17 -1.72 1.90 -7.27
N GLU A 18 -2.08 1.24 -8.36
CA GLU A 18 -3.33 0.50 -8.42
C GLU A 18 -3.06 -0.96 -8.80
N VAL A 19 -3.29 -1.84 -7.84
CA VAL A 19 -3.07 -3.26 -8.05
C VAL A 19 -4.40 -3.92 -8.45
N VAL A 20 -4.33 -4.71 -9.52
CA VAL A 20 -5.51 -5.39 -10.02
C VAL A 20 -5.26 -6.90 -10.00
N LEU A 21 -5.78 -7.54 -8.96
CA LEU A 21 -5.61 -8.99 -8.81
C LEU A 21 -6.88 -9.68 -9.31
N THR A 22 -6.70 -10.55 -10.29
CA THR A 22 -7.81 -11.29 -10.86
C THR A 22 -8.11 -12.53 -10.01
N ALA A 23 -9.16 -12.41 -9.20
CA ALA A 23 -9.56 -13.52 -8.34
C ALA A 23 -9.34 -14.84 -9.07
N ASP A 24 -8.21 -15.46 -8.79
CA ASP A 24 -7.87 -16.73 -9.42
C ASP A 24 -8.87 -17.79 -8.96
N PRO A 25 -8.93 -18.89 -9.76
CA PRO A 25 -9.83 -20.00 -9.45
C PRO A 25 -9.32 -20.82 -8.28
N VAL A 26 -8.17 -20.40 -7.75
CA VAL A 26 -7.57 -21.09 -6.62
C VAL A 26 -7.24 -20.07 -5.53
N THR A 27 -6.38 -19.12 -5.88
CA THR A 27 -5.98 -18.09 -4.93
C THR A 27 -6.43 -16.72 -5.43
N GLY A 28 -7.72 -16.46 -5.27
CA GLY A 28 -8.29 -15.19 -5.69
C GLY A 28 -7.20 -14.12 -5.81
N PHE A 29 -6.99 -13.41 -4.71
CA PHE A 29 -6.00 -12.35 -4.68
C PHE A 29 -4.83 -12.73 -3.77
N GLY A 30 -5.09 -13.68 -2.88
CA GLY A 30 -4.07 -14.14 -1.95
C GLY A 30 -3.41 -12.97 -1.25
N ILE A 31 -4.20 -12.27 -0.45
CA ILE A 31 -3.71 -11.12 0.29
C ILE A 31 -4.26 -11.16 1.72
N GLN A 32 -3.44 -10.67 2.65
CA GLN A 32 -3.84 -10.65 4.04
C GLN A 32 -3.51 -9.29 4.66
N LEU A 33 -4.45 -8.77 5.43
CA LEU A 33 -4.27 -7.49 6.08
C LEU A 33 -3.85 -7.72 7.53
N GLN A 34 -3.17 -6.73 8.08
CA GLN A 34 -2.70 -6.81 9.45
C GLN A 34 -3.46 -5.82 10.34
N GLY A 35 -3.70 -6.24 11.57
CA GLY A 35 -4.42 -5.40 12.51
C GLY A 35 -4.85 -6.21 13.74
N SER A 36 -5.87 -5.72 14.42
CA SER A 36 -6.38 -6.38 15.61
C SER A 36 -7.90 -6.35 15.61
N VAL A 37 -8.47 -6.88 16.69
CA VAL A 37 -9.92 -6.91 16.83
C VAL A 37 -10.36 -5.79 17.76
N PHE A 38 -9.52 -5.49 18.75
CA PHE A 38 -9.82 -4.45 19.70
C PHE A 38 -9.11 -3.15 19.32
N ALA A 39 -9.84 -2.05 19.49
CA ALA A 39 -9.30 -0.74 19.17
C ALA A 39 -10.30 0.34 19.60
N THR A 40 -9.92 1.59 19.36
CA THR A 40 -10.78 2.71 19.72
C THR A 40 -11.81 2.96 18.63
N GLU A 41 -11.41 3.73 17.63
CA GLU A 41 -12.28 4.06 16.52
C GLU A 41 -12.03 3.10 15.36
N THR A 42 -10.79 3.08 14.90
CA THR A 42 -10.41 2.22 13.80
C THR A 42 -9.20 1.37 14.18
N LEU A 43 -8.27 1.25 13.24
CA LEU A 43 -7.07 0.47 13.47
C LEU A 43 -5.95 1.39 13.96
N SER A 44 -6.34 2.62 14.27
CA SER A 44 -5.38 3.61 14.76
C SER A 44 -4.13 3.60 13.88
N SER A 45 -4.36 3.37 12.59
CA SER A 45 -3.26 3.33 11.63
C SER A 45 -3.71 2.63 10.34
N PRO A 46 -2.93 2.89 9.26
CA PRO A 46 -3.24 2.30 7.96
C PRO A 46 -2.86 0.81 7.94
N PRO A 47 -3.65 0.03 7.16
CA PRO A 47 -3.41 -1.40 7.04
C PRO A 47 -2.20 -1.68 6.15
N LEU A 48 -1.62 -2.85 6.33
CA LEU A 48 -0.45 -3.25 5.54
C LEU A 48 -0.57 -4.72 5.17
N ILE A 49 -0.24 -5.01 3.92
CA ILE A 49 -0.30 -6.37 3.42
C ILE A 49 0.47 -7.29 4.37
N SER A 50 -0.26 -7.87 5.32
CA SER A 50 0.34 -8.76 6.29
C SER A 50 1.10 -9.88 5.57
N TYR A 51 0.36 -10.62 4.75
CA TYR A 51 0.96 -11.72 3.99
C TYR A 51 0.42 -11.74 2.56
N ILE A 52 1.20 -12.37 1.69
CA ILE A 52 0.82 -12.48 0.29
C ILE A 52 0.90 -13.94 -0.15
N GLU A 53 -0.27 -14.53 -0.33
CA GLU A 53 -0.35 -15.92 -0.74
C GLU A 53 0.54 -16.16 -1.97
N ALA A 54 1.02 -17.39 -2.08
CA ALA A 54 1.86 -17.77 -3.19
C ALA A 54 1.00 -18.18 -4.38
N ASP A 55 1.63 -18.26 -5.54
CA ASP A 55 0.94 -18.64 -6.75
C ASP A 55 -0.34 -17.81 -6.88
N SER A 56 -0.28 -16.60 -6.35
CA SER A 56 -1.42 -15.70 -6.39
C SER A 56 -1.13 -14.52 -7.33
N PRO A 57 -2.21 -13.81 -7.71
CA PRO A 57 -2.08 -12.67 -8.61
C PRO A 57 -1.50 -11.46 -7.87
N ALA A 58 -1.60 -11.52 -6.55
CA ALA A 58 -1.09 -10.43 -5.72
C ALA A 58 0.44 -10.49 -5.70
N GLU A 59 0.95 -11.68 -5.93
CA GLU A 59 2.40 -11.89 -5.95
C GLU A 59 2.92 -11.84 -7.39
N ARG A 60 2.04 -12.15 -8.32
CA ARG A 60 2.41 -12.15 -9.72
C ARG A 60 2.82 -10.76 -10.17
N CYS A 61 2.10 -9.77 -9.64
CA CYS A 61 2.39 -8.38 -9.98
C CYS A 61 3.85 -8.08 -9.59
N GLY A 62 4.22 -8.58 -8.42
CA GLY A 62 5.57 -8.37 -7.92
C GLY A 62 5.75 -6.95 -7.39
N VAL A 63 4.64 -6.22 -7.34
CA VAL A 63 4.66 -4.85 -6.86
C VAL A 63 4.11 -4.82 -5.43
N LEU A 64 3.44 -5.90 -5.06
CA LEU A 64 2.86 -6.00 -3.74
C LEU A 64 3.88 -6.64 -2.79
N GLN A 65 4.46 -5.80 -1.94
CA GLN A 65 5.45 -6.26 -0.99
C GLN A 65 4.82 -6.43 0.39
N ILE A 66 5.33 -7.39 1.15
CA ILE A 66 4.83 -7.65 2.49
C ILE A 66 4.96 -6.38 3.33
N GLY A 67 3.82 -5.83 3.70
CA GLY A 67 3.80 -4.62 4.50
C GLY A 67 3.49 -3.39 3.65
N ASP A 68 2.78 -3.63 2.56
CA ASP A 68 2.41 -2.56 1.65
C ASP A 68 1.70 -1.46 2.44
N ARG A 69 1.19 -0.48 1.69
CA ARG A 69 0.50 0.64 2.30
C ARG A 69 -0.90 0.79 1.69
N VAL A 70 -1.69 -0.25 1.85
CA VAL A 70 -3.05 -0.25 1.32
C VAL A 70 -3.83 0.92 1.93
N MET A 71 -3.72 2.07 1.27
CA MET A 71 -4.40 3.27 1.74
C MET A 71 -5.91 3.11 1.63
N ALA A 72 -6.33 2.39 0.60
CA ALA A 72 -7.75 2.15 0.37
C ALA A 72 -7.94 0.78 -0.27
N ILE A 73 -9.19 0.45 -0.53
CA ILE A 73 -9.52 -0.83 -1.14
C ILE A 73 -10.78 -0.67 -2.01
N ASN A 74 -10.55 -0.61 -3.31
CA ASN A 74 -11.65 -0.45 -4.26
C ASN A 74 -12.17 0.99 -4.19
N GLY A 75 -11.40 1.84 -3.52
CA GLY A 75 -11.77 3.23 -3.38
C GLY A 75 -12.25 3.54 -1.96
N ILE A 76 -12.42 2.47 -1.19
CA ILE A 76 -12.87 2.62 0.19
C ILE A 76 -11.67 3.01 1.07
N PRO A 77 -11.90 4.04 1.92
CA PRO A 77 -10.86 4.52 2.80
C PRO A 77 -10.66 3.56 3.98
N THR A 78 -9.61 2.75 3.87
CA THR A 78 -9.31 1.78 4.90
C THR A 78 -8.98 2.50 6.22
N GLU A 79 -10.04 2.91 6.90
CA GLU A 79 -9.88 3.61 8.17
C GLU A 79 -11.24 3.81 8.84
N ASP A 80 -12.24 4.06 8.00
CA ASP A 80 -13.59 4.27 8.50
C ASP A 80 -14.30 2.92 8.62
N SER A 81 -13.56 1.93 9.11
CA SER A 81 -14.11 0.61 9.28
C SER A 81 -13.22 -0.21 10.21
N THR A 82 -13.52 -1.50 10.30
CA THR A 82 -12.76 -2.40 11.15
C THR A 82 -11.77 -3.21 10.31
N PHE A 83 -10.70 -3.63 10.97
CA PHE A 83 -9.67 -4.42 10.31
C PHE A 83 -10.29 -5.56 9.51
N GLU A 84 -11.39 -6.08 10.04
CA GLU A 84 -12.09 -7.18 9.39
C GLU A 84 -12.70 -6.70 8.06
N GLU A 85 -13.24 -5.50 8.09
CA GLU A 85 -13.87 -4.92 6.91
C GLU A 85 -12.99 -5.18 5.68
N ALA A 86 -11.79 -4.62 5.72
CA ALA A 86 -10.85 -4.77 4.63
C ALA A 86 -10.88 -6.22 4.13
N ASN A 87 -10.53 -7.13 5.04
CA ASN A 87 -10.51 -8.54 4.71
C ASN A 87 -11.80 -8.90 3.98
N GLN A 88 -12.88 -8.28 4.40
CA GLN A 88 -14.18 -8.53 3.79
C GLN A 88 -14.24 -7.91 2.40
N LEU A 89 -13.59 -6.77 2.26
CA LEU A 89 -13.57 -6.08 0.98
C LEU A 89 -12.96 -7.00 -0.08
N LEU A 90 -12.20 -7.98 0.39
CA LEU A 90 -11.56 -8.93 -0.50
C LEU A 90 -12.58 -10.00 -0.92
N ARG A 91 -13.23 -10.57 0.09
CA ARG A 91 -14.22 -11.60 -0.16
C ARG A 91 -15.34 -11.06 -1.06
N ASP A 92 -15.38 -9.74 -1.18
CA ASP A 92 -16.38 -9.08 -2.00
C ASP A 92 -15.85 -8.94 -3.42
N SER A 93 -14.67 -8.32 -3.52
CA SER A 93 -14.04 -8.11 -4.81
C SER A 93 -14.04 -9.42 -5.61
N SER A 94 -13.83 -10.52 -4.90
CA SER A 94 -13.81 -11.82 -5.54
C SER A 94 -14.96 -11.94 -6.53
N ILE A 95 -16.06 -11.27 -6.21
CA ILE A 95 -17.23 -11.29 -7.07
C ILE A 95 -16.84 -10.87 -8.48
N THR A 96 -16.40 -9.62 -8.60
CA THR A 96 -16.00 -9.08 -9.88
C THR A 96 -14.68 -9.73 -10.34
N SER A 97 -14.12 -10.53 -9.45
CA SER A 97 -12.87 -11.21 -9.74
C SER A 97 -11.77 -10.19 -10.05
N LYS A 98 -11.88 -9.04 -9.38
CA LYS A 98 -10.91 -7.98 -9.57
C LYS A 98 -10.90 -7.07 -8.34
N VAL A 99 -9.74 -6.96 -7.73
CA VAL A 99 -9.59 -6.13 -6.55
C VAL A 99 -8.67 -4.95 -6.87
N THR A 100 -8.95 -3.83 -6.23
CA THR A 100 -8.16 -2.63 -6.44
C THR A 100 -7.56 -2.15 -5.11
N LEU A 101 -6.27 -2.41 -4.94
CA LEU A 101 -5.57 -2.00 -3.74
C LEU A 101 -4.82 -0.70 -3.99
N GLU A 102 -5.19 0.32 -3.25
CA GLU A 102 -4.55 1.62 -3.39
C GLU A 102 -3.38 1.75 -2.41
N ILE A 103 -2.18 1.69 -2.98
CA ILE A 103 -0.97 1.79 -2.17
C ILE A 103 -0.39 3.20 -2.31
N GLU A 104 0.55 3.51 -1.43
CA GLU A 104 1.19 4.81 -1.44
C GLU A 104 2.68 4.68 -1.13
N PHE A 105 3.50 5.16 -2.06
CA PHE A 105 4.94 5.09 -1.89
C PHE A 105 5.56 6.48 -1.99
N ASP A 106 6.87 6.52 -1.81
CA ASP A 106 7.59 7.79 -1.88
C ASP A 106 8.36 7.85 -3.20
N VAL A 107 8.72 9.07 -3.58
CA VAL A 107 9.46 9.29 -4.81
C VAL A 107 10.76 10.03 -4.50
N ALA A 108 11.78 9.71 -5.27
CA ALA A 108 13.08 10.33 -5.09
C ALA A 108 13.04 11.76 -5.65
N GLU A 109 13.78 12.63 -5.00
CA GLU A 109 13.84 14.03 -5.42
C GLU A 109 15.29 14.41 -5.77
N SER A 110 15.41 15.58 -6.38
CA SER A 110 16.72 16.08 -6.78
C SER A 110 17.11 17.28 -5.92
N VAL A 111 18.13 17.08 -5.10
CA VAL A 111 18.60 18.13 -4.21
C VAL A 111 19.95 17.72 -3.63
N ILE A 112 20.79 18.72 -3.40
CA ILE A 112 22.11 18.48 -2.84
C ILE A 112 22.26 19.28 -1.54
N PRO A 113 22.95 18.65 -0.55
CA PRO A 113 23.16 19.29 0.74
C PRO A 113 24.25 20.37 0.62
N SER A 114 24.46 21.06 1.74
CA SER A 114 25.46 22.11 1.79
C SER A 114 26.41 21.88 2.97
N SER A 115 27.61 22.43 2.83
CA SER A 115 28.61 22.28 3.87
C SER A 115 28.63 23.53 4.76
N GLY A 116 28.54 23.29 6.06
CA GLY A 116 28.53 24.38 7.02
C GLY A 116 29.96 24.82 7.35
N SER A 117 30.13 25.33 8.56
CA SER A 117 31.42 25.78 9.02
C SER A 117 32.36 24.59 9.23
N GLY A 118 33.54 24.69 8.63
CA GLY A 118 34.52 23.63 8.75
C GLY A 118 35.66 23.83 7.74
N PRO A 119 36.50 22.77 7.61
CA PRO A 119 37.63 22.82 6.69
C PRO A 119 37.16 22.68 5.24
N SER A 120 36.28 23.59 4.85
CA SER A 120 35.74 23.57 3.50
C SER A 120 35.66 25.00 2.96
N SER A 121 36.35 25.22 1.85
CA SER A 121 36.36 26.54 1.22
C SER A 121 36.78 27.60 2.25
N GLY A 122 38.08 27.83 2.32
CA GLY A 122 38.61 28.81 3.25
C GLY A 122 40.10 29.02 3.03
N GLY A 1 11.58 14.37 15.12
CA GLY A 1 12.47 14.75 14.03
C GLY A 1 12.51 16.27 13.87
N SER A 2 11.50 16.80 13.19
CA SER A 2 11.42 18.22 12.95
C SER A 2 10.09 18.57 12.28
N SER A 3 9.76 19.85 12.29
CA SER A 3 8.53 20.32 11.68
C SER A 3 8.82 20.92 10.31
N GLY A 4 9.66 21.94 10.31
CA GLY A 4 10.02 22.61 9.07
C GLY A 4 9.99 24.13 9.23
N SER A 5 11.17 24.69 9.51
CA SER A 5 11.29 26.12 9.69
C SER A 5 11.60 26.80 8.36
N SER A 6 10.54 27.09 7.61
CA SER A 6 10.68 27.74 6.32
C SER A 6 9.31 28.08 5.75
N GLY A 7 9.32 28.93 4.74
CA GLY A 7 8.09 29.34 4.08
C GLY A 7 7.64 28.31 3.04
N ALA A 8 8.53 28.07 2.08
CA ALA A 8 8.25 27.13 1.02
C ALA A 8 8.21 25.72 1.60
N GLY A 9 9.40 25.24 1.98
CA GLY A 9 9.51 23.90 2.55
C GLY A 9 9.81 22.87 1.47
N GLN A 10 11.06 22.43 1.45
CA GLN A 10 11.49 21.44 0.47
C GLN A 10 11.38 20.03 1.06
N VAL A 11 10.74 19.16 0.30
CA VAL A 11 10.54 17.78 0.73
C VAL A 11 10.18 16.92 -0.48
N VAL A 12 10.17 15.62 -0.26
CA VAL A 12 9.83 14.68 -1.32
C VAL A 12 8.31 14.52 -1.38
N HIS A 13 7.87 13.98 -2.51
CA HIS A 13 6.44 13.77 -2.73
C HIS A 13 6.16 12.27 -2.77
N THR A 14 4.87 11.95 -2.66
CA THR A 14 4.44 10.55 -2.69
C THR A 14 3.28 10.37 -3.66
N GLU A 15 3.36 9.32 -4.45
CA GLU A 15 2.33 9.01 -5.42
C GLU A 15 1.67 7.68 -5.10
N THR A 16 0.39 7.59 -5.43
CA THR A 16 -0.38 6.38 -5.18
C THR A 16 -0.54 5.58 -6.47
N THR A 17 -0.50 4.26 -6.32
CA THR A 17 -0.65 3.37 -7.46
C THR A 17 -1.89 2.50 -7.31
N GLU A 18 -2.55 2.27 -8.43
CA GLU A 18 -3.76 1.45 -8.43
C GLU A 18 -3.49 0.11 -9.11
N VAL A 19 -3.58 -0.95 -8.32
CA VAL A 19 -3.35 -2.29 -8.82
C VAL A 19 -4.70 -3.00 -9.00
N VAL A 20 -4.72 -3.93 -9.95
CA VAL A 20 -5.93 -4.68 -10.23
C VAL A 20 -5.61 -6.18 -10.17
N LEU A 21 -6.04 -6.80 -9.07
CA LEU A 21 -5.80 -8.21 -8.88
C LEU A 21 -7.08 -8.99 -9.20
N THR A 22 -6.95 -9.94 -10.11
CA THR A 22 -8.09 -10.75 -10.51
C THR A 22 -8.15 -12.03 -9.68
N ALA A 23 -9.12 -12.07 -8.77
CA ALA A 23 -9.30 -13.22 -7.91
C ALA A 23 -9.01 -14.50 -8.72
N ASP A 24 -7.84 -15.06 -8.46
CA ASP A 24 -7.43 -16.29 -9.15
C ASP A 24 -8.62 -17.26 -9.19
N PRO A 25 -8.50 -18.26 -10.11
CA PRO A 25 -9.55 -19.26 -10.26
C PRO A 25 -9.52 -20.26 -9.10
N VAL A 26 -8.74 -19.93 -8.09
CA VAL A 26 -8.62 -20.79 -6.92
C VAL A 26 -8.56 -19.92 -5.67
N THR A 27 -7.36 -19.43 -5.38
CA THR A 27 -7.15 -18.59 -4.21
C THR A 27 -7.95 -17.30 -4.34
N GLY A 28 -7.47 -16.43 -5.22
CA GLY A 28 -8.13 -15.15 -5.45
C GLY A 28 -7.11 -14.02 -5.53
N PHE A 29 -6.90 -13.37 -4.40
CA PHE A 29 -5.96 -12.26 -4.33
C PHE A 29 -4.73 -12.63 -3.49
N GLY A 30 -4.93 -13.60 -2.61
CA GLY A 30 -3.86 -14.06 -1.74
C GLY A 30 -3.17 -12.88 -1.05
N ILE A 31 -3.89 -12.27 -0.12
CA ILE A 31 -3.37 -11.14 0.61
C ILE A 31 -3.88 -11.19 2.05
N GLN A 32 -3.00 -10.79 2.98
CA GLN A 32 -3.35 -10.79 4.39
C GLN A 32 -3.10 -9.40 4.98
N LEU A 33 -3.95 -9.04 5.93
CA LEU A 33 -3.82 -7.75 6.59
C LEU A 33 -3.31 -7.96 8.02
N GLN A 34 -2.73 -6.90 8.55
CA GLN A 34 -2.19 -6.95 9.91
C GLN A 34 -2.97 -6.00 10.82
N GLY A 35 -2.67 -6.11 12.11
CA GLY A 35 -3.33 -5.26 13.10
C GLY A 35 -2.31 -4.45 13.89
N SER A 36 -2.83 -3.51 14.67
CA SER A 36 -1.98 -2.66 15.48
C SER A 36 -2.31 -2.83 16.96
N VAL A 37 -1.31 -3.28 17.71
CA VAL A 37 -1.49 -3.50 19.14
C VAL A 37 -2.15 -2.26 19.77
N PHE A 38 -1.54 -1.11 19.50
CA PHE A 38 -2.06 0.14 20.02
C PHE A 38 -2.80 0.93 18.92
N ALA A 39 -3.74 1.75 19.38
CA ALA A 39 -4.52 2.57 18.46
C ALA A 39 -5.44 3.48 19.26
N THR A 40 -6.45 4.00 18.58
CA THR A 40 -7.41 4.89 19.20
C THR A 40 -8.84 4.44 18.90
N GLU A 41 -9.24 4.62 17.66
CA GLU A 41 -10.57 4.23 17.22
C GLU A 41 -10.51 3.01 16.31
N THR A 42 -9.50 3.02 15.43
CA THR A 42 -9.31 1.92 14.50
C THR A 42 -7.92 1.33 14.66
N LEU A 43 -7.29 1.09 13.52
CA LEU A 43 -5.94 0.53 13.51
C LEU A 43 -4.92 1.66 13.52
N SER A 44 -5.39 2.84 13.88
CA SER A 44 -4.54 4.01 13.94
C SER A 44 -3.54 4.00 12.77
N SER A 45 -3.99 3.42 11.66
CA SER A 45 -3.16 3.33 10.48
C SER A 45 -3.79 2.38 9.46
N PRO A 46 -3.23 2.40 8.23
CA PRO A 46 -3.72 1.54 7.16
C PRO A 46 -3.29 0.08 7.38
N PRO A 47 -4.10 -0.84 6.82
CA PRO A 47 -3.81 -2.27 6.94
C PRO A 47 -2.65 -2.66 6.02
N LEU A 48 -1.54 -3.01 6.66
CA LEU A 48 -0.35 -3.42 5.91
C LEU A 48 -0.47 -4.89 5.55
N ILE A 49 -0.02 -5.21 4.35
CA ILE A 49 -0.06 -6.58 3.86
C ILE A 49 0.77 -7.47 4.79
N SER A 50 0.06 -8.24 5.61
CA SER A 50 0.73 -9.13 6.54
C SER A 50 1.47 -10.23 5.77
N TYR A 51 0.71 -10.93 4.94
CA TYR A 51 1.28 -12.00 4.15
C TYR A 51 0.66 -12.05 2.75
N ILE A 52 1.44 -12.54 1.80
CA ILE A 52 0.98 -12.64 0.43
C ILE A 52 0.95 -14.11 0.00
N GLU A 53 -0.26 -14.64 -0.12
CA GLU A 53 -0.43 -16.03 -0.51
C GLU A 53 0.41 -16.33 -1.77
N ALA A 54 0.84 -17.58 -1.85
CA ALA A 54 1.65 -18.01 -2.98
C ALA A 54 0.72 -18.34 -4.16
N ASP A 55 1.35 -18.57 -5.30
CA ASP A 55 0.61 -18.90 -6.51
C ASP A 55 -0.61 -17.98 -6.61
N SER A 56 -0.47 -16.80 -6.05
CA SER A 56 -1.55 -15.82 -6.06
C SER A 56 -1.18 -14.66 -6.99
N PRO A 57 -2.22 -13.88 -7.36
CA PRO A 57 -2.03 -12.74 -8.24
C PRO A 57 -1.36 -11.57 -7.50
N ALA A 58 -1.43 -11.65 -6.18
CA ALA A 58 -0.85 -10.62 -5.34
C ALA A 58 0.68 -10.77 -5.34
N GLU A 59 1.12 -12.01 -5.39
CA GLU A 59 2.54 -12.31 -5.40
C GLU A 59 3.10 -12.20 -6.82
N ARG A 60 2.20 -12.33 -7.77
CA ARG A 60 2.58 -12.24 -9.18
C ARG A 60 3.01 -10.81 -9.53
N CYS A 61 2.18 -9.87 -9.11
CA CYS A 61 2.46 -8.46 -9.37
C CYS A 61 3.83 -8.13 -8.80
N GLY A 62 4.08 -8.65 -7.61
CA GLY A 62 5.34 -8.41 -6.94
C GLY A 62 5.34 -7.06 -6.21
N VAL A 63 4.94 -6.04 -6.95
CA VAL A 63 4.88 -4.70 -6.40
C VAL A 63 4.34 -4.77 -4.96
N LEU A 64 3.46 -5.74 -4.74
CA LEU A 64 2.87 -5.91 -3.43
C LEU A 64 3.91 -6.52 -2.48
N GLN A 65 4.42 -5.66 -1.59
CA GLN A 65 5.41 -6.10 -0.64
C GLN A 65 4.79 -6.23 0.76
N ILE A 66 5.26 -7.21 1.50
CA ILE A 66 4.76 -7.45 2.84
C ILE A 66 4.97 -6.20 3.69
N GLY A 67 3.89 -5.72 4.27
CA GLY A 67 3.93 -4.54 5.11
C GLY A 67 3.73 -3.26 4.27
N ASP A 68 2.97 -3.41 3.19
CA ASP A 68 2.71 -2.29 2.31
C ASP A 68 1.75 -1.32 3.00
N ARG A 69 1.45 -0.24 2.31
CA ARG A 69 0.56 0.77 2.84
C ARG A 69 -0.62 1.00 1.89
N VAL A 70 -1.54 0.05 1.91
CA VAL A 70 -2.72 0.13 1.06
C VAL A 70 -3.66 1.20 1.59
N MET A 71 -3.84 2.24 0.79
CA MET A 71 -4.72 3.33 1.18
C MET A 71 -6.17 3.02 0.83
N ALA A 72 -6.34 2.09 -0.10
CA ALA A 72 -7.67 1.69 -0.53
C ALA A 72 -7.62 0.27 -1.07
N ILE A 73 -8.77 -0.40 -0.99
CA ILE A 73 -8.86 -1.78 -1.46
C ILE A 73 -9.92 -1.85 -2.57
N ASN A 74 -10.53 -0.71 -2.84
CA ASN A 74 -11.55 -0.63 -3.87
C ASN A 74 -12.27 0.72 -3.78
N GLY A 75 -11.48 1.75 -3.56
CA GLY A 75 -12.02 3.10 -3.45
C GLY A 75 -12.31 3.45 -2.00
N ILE A 76 -12.73 2.45 -1.25
CA ILE A 76 -13.05 2.64 0.16
C ILE A 76 -11.78 3.06 0.90
N PRO A 77 -11.96 4.03 1.85
CA PRO A 77 -10.85 4.53 2.63
C PRO A 77 -10.45 3.51 3.71
N THR A 78 -9.48 2.68 3.36
CA THR A 78 -9.00 1.67 4.28
C THR A 78 -8.26 2.32 5.45
N GLU A 79 -9.04 2.93 6.33
CA GLU A 79 -8.48 3.60 7.49
C GLU A 79 -9.59 4.20 8.35
N ASP A 80 -10.45 3.33 8.84
CA ASP A 80 -11.56 3.75 9.68
C ASP A 80 -12.36 2.53 10.13
N SER A 81 -12.52 1.59 9.21
CA SER A 81 -13.25 0.37 9.51
C SER A 81 -12.37 -0.59 10.30
N THR A 82 -12.86 -1.81 10.44
CA THR A 82 -12.12 -2.84 11.17
C THR A 82 -11.54 -3.87 10.20
N PHE A 83 -10.44 -4.48 10.63
CA PHE A 83 -9.77 -5.48 9.81
C PHE A 83 -10.79 -6.35 9.07
N GLU A 84 -11.91 -6.60 9.74
CA GLU A 84 -12.96 -7.41 9.17
C GLU A 84 -13.49 -6.77 7.88
N GLU A 85 -13.81 -5.49 8.00
CA GLU A 85 -14.32 -4.74 6.85
C GLU A 85 -13.45 -4.98 5.62
N ALA A 86 -12.18 -4.61 5.75
CA ALA A 86 -11.23 -4.78 4.66
C ALA A 86 -11.23 -6.24 4.22
N ASN A 87 -11.01 -7.12 5.18
CA ASN A 87 -10.98 -8.55 4.90
C ASN A 87 -12.21 -8.91 4.07
N GLN A 88 -13.33 -8.30 4.41
CA GLN A 88 -14.58 -8.56 3.72
C GLN A 88 -14.47 -8.09 2.26
N LEU A 89 -13.90 -6.91 2.09
CA LEU A 89 -13.74 -6.34 0.76
C LEU A 89 -13.26 -7.43 -0.20
N LEU A 90 -12.30 -8.21 0.27
CA LEU A 90 -11.75 -9.28 -0.54
C LEU A 90 -12.79 -10.38 -0.69
N ARG A 91 -13.51 -10.64 0.40
CA ARG A 91 -14.54 -11.66 0.40
C ARG A 91 -15.64 -11.31 -0.60
N ASP A 92 -15.87 -10.02 -0.73
CA ASP A 92 -16.88 -9.54 -1.66
C ASP A 92 -16.27 -9.38 -3.05
N SER A 93 -15.10 -8.77 -3.09
CA SER A 93 -14.40 -8.56 -4.34
C SER A 93 -14.47 -9.82 -5.20
N SER A 94 -14.37 -10.96 -4.53
CA SER A 94 -14.42 -12.23 -5.21
C SER A 94 -15.55 -12.23 -6.25
N ILE A 95 -16.59 -11.47 -5.94
CA ILE A 95 -17.73 -11.37 -6.83
C ILE A 95 -17.27 -10.84 -8.20
N THR A 96 -16.86 -9.58 -8.18
CA THR A 96 -16.39 -8.94 -9.41
C THR A 96 -15.02 -9.50 -9.81
N SER A 97 -14.49 -10.34 -8.95
CA SER A 97 -13.19 -10.95 -9.20
C SER A 97 -12.17 -9.88 -9.59
N LYS A 98 -12.35 -8.70 -8.99
CA LYS A 98 -11.46 -7.59 -9.26
C LYS A 98 -11.41 -6.67 -8.04
N VAL A 99 -10.19 -6.30 -7.66
CA VAL A 99 -9.99 -5.44 -6.50
C VAL A 99 -8.98 -4.35 -6.86
N THR A 100 -9.14 -3.20 -6.22
CA THR A 100 -8.26 -2.08 -6.46
C THR A 100 -7.48 -1.72 -5.19
N LEU A 101 -6.20 -2.08 -5.20
CA LEU A 101 -5.35 -1.81 -4.07
C LEU A 101 -4.52 -0.54 -4.33
N GLU A 102 -4.80 0.48 -3.51
CA GLU A 102 -4.10 1.75 -3.65
C GLU A 102 -2.88 1.79 -2.73
N ILE A 103 -1.71 1.66 -3.34
CA ILE A 103 -0.47 1.68 -2.58
C ILE A 103 0.18 3.06 -2.72
N GLU A 104 1.04 3.37 -1.76
CA GLU A 104 1.73 4.65 -1.75
C GLU A 104 3.22 4.44 -1.47
N PHE A 105 4.04 5.00 -2.34
CA PHE A 105 5.48 4.89 -2.21
C PHE A 105 6.15 6.26 -2.29
N ASP A 106 7.47 6.25 -2.16
CA ASP A 106 8.23 7.48 -2.22
C ASP A 106 8.79 7.67 -3.64
N VAL A 107 8.81 8.92 -4.08
CA VAL A 107 9.30 9.24 -5.40
C VAL A 107 10.61 10.03 -5.28
N ALA A 108 11.50 9.80 -6.23
CA ALA A 108 12.78 10.49 -6.24
C ALA A 108 12.58 11.94 -6.68
N GLU A 109 13.39 12.82 -6.11
CA GLU A 109 13.31 14.22 -6.44
C GLU A 109 14.63 14.72 -7.02
N SER A 110 14.59 15.92 -7.59
CA SER A 110 15.78 16.50 -8.20
C SER A 110 16.68 17.09 -7.10
N VAL A 111 17.74 16.36 -6.80
CA VAL A 111 18.68 16.79 -5.78
C VAL A 111 20.07 16.21 -6.10
N ILE A 112 21.07 17.06 -5.98
CA ILE A 112 22.45 16.65 -6.24
C ILE A 112 22.79 15.46 -5.35
N PRO A 113 22.93 14.28 -6.00
CA PRO A 113 23.26 13.07 -5.28
C PRO A 113 24.75 13.05 -4.88
N SER A 114 25.14 11.97 -4.22
CA SER A 114 26.51 11.82 -3.78
C SER A 114 26.70 10.48 -3.07
N SER A 115 25.86 10.25 -2.07
CA SER A 115 25.92 9.01 -1.32
C SER A 115 26.19 7.84 -2.26
N GLY A 116 27.20 7.06 -1.91
CA GLY A 116 27.57 5.90 -2.72
C GLY A 116 28.25 4.83 -1.87
N SER A 117 28.60 3.73 -2.51
CA SER A 117 29.26 2.63 -1.83
C SER A 117 30.00 1.76 -2.84
N GLY A 118 30.88 0.92 -2.31
CA GLY A 118 31.67 0.02 -3.16
C GLY A 118 30.77 -0.69 -4.17
N PRO A 119 30.86 -0.22 -5.44
CA PRO A 119 30.06 -0.80 -6.51
C PRO A 119 30.63 -2.15 -6.94
N SER A 120 29.84 -3.19 -6.71
CA SER A 120 30.25 -4.54 -7.07
C SER A 120 29.07 -5.31 -7.64
N SER A 121 29.39 -6.37 -8.38
CA SER A 121 28.37 -7.20 -8.99
C SER A 121 29.01 -8.37 -9.74
N GLY A 122 28.22 -9.42 -9.93
CA GLY A 122 28.71 -10.59 -10.64
C GLY A 122 29.39 -11.56 -9.67
N GLY A 1 0.59 32.45 -17.13
CA GLY A 1 1.31 33.43 -16.34
C GLY A 1 0.46 33.92 -15.16
N SER A 2 0.79 33.39 -13.99
CA SER A 2 0.07 33.75 -12.78
C SER A 2 0.76 33.16 -11.56
N SER A 3 0.50 33.77 -10.41
CA SER A 3 1.10 33.31 -9.16
C SER A 3 2.62 33.43 -9.24
N GLY A 4 3.26 33.27 -8.08
CA GLY A 4 4.70 33.35 -8.00
C GLY A 4 5.31 31.99 -7.68
N SER A 5 6.10 31.96 -6.62
CA SER A 5 6.76 30.73 -6.21
C SER A 5 7.35 30.89 -4.81
N SER A 6 7.79 29.77 -4.25
CA SER A 6 8.37 29.78 -2.92
C SER A 6 9.20 28.52 -2.71
N GLY A 7 9.95 28.51 -1.61
CA GLY A 7 10.79 27.37 -1.29
C GLY A 7 11.02 27.27 0.22
N ALA A 8 10.83 26.07 0.75
CA ALA A 8 11.02 25.84 2.17
C ALA A 8 10.79 24.36 2.47
N GLY A 9 11.64 23.83 3.34
CA GLY A 9 11.54 22.42 3.71
C GLY A 9 11.67 21.52 2.49
N GLN A 10 12.79 20.80 2.45
CA GLN A 10 13.05 19.89 1.34
C GLN A 10 12.68 18.46 1.72
N VAL A 11 11.84 17.85 0.90
CA VAL A 11 11.41 16.49 1.14
C VAL A 11 10.87 15.89 -0.16
N VAL A 12 10.66 14.58 -0.13
CA VAL A 12 10.16 13.88 -1.30
C VAL A 12 8.64 13.73 -1.18
N HIS A 13 8.01 13.43 -2.31
CA HIS A 13 6.58 13.26 -2.35
C HIS A 13 6.24 11.78 -2.55
N THR A 14 4.98 11.45 -2.31
CA THR A 14 4.52 10.08 -2.47
C THR A 14 3.41 10.01 -3.51
N GLU A 15 3.33 8.86 -4.17
CA GLU A 15 2.32 8.65 -5.19
C GLU A 15 1.42 7.47 -4.80
N THR A 16 0.48 7.16 -5.70
CA THR A 16 -0.44 6.06 -5.46
C THR A 16 -0.55 5.18 -6.70
N THR A 17 -0.60 3.88 -6.47
CA THR A 17 -0.70 2.92 -7.56
C THR A 17 -1.91 2.01 -7.36
N GLU A 18 -2.58 1.72 -8.46
CA GLU A 18 -3.75 0.86 -8.42
C GLU A 18 -3.36 -0.59 -8.73
N VAL A 19 -3.64 -1.46 -7.77
CA VAL A 19 -3.33 -2.87 -7.94
C VAL A 19 -4.59 -3.63 -8.35
N VAL A 20 -4.54 -4.20 -9.54
CA VAL A 20 -5.66 -4.95 -10.07
C VAL A 20 -5.35 -6.45 -10.00
N LEU A 21 -5.97 -7.10 -9.03
CA LEU A 21 -5.78 -8.53 -8.84
C LEU A 21 -7.04 -9.27 -9.28
N THR A 22 -6.82 -10.38 -9.98
CA THR A 22 -7.92 -11.19 -10.46
C THR A 22 -8.12 -12.41 -9.55
N ALA A 23 -9.20 -12.38 -8.79
CA ALA A 23 -9.51 -13.47 -7.89
C ALA A 23 -9.20 -14.80 -8.57
N ASP A 24 -8.02 -15.33 -8.25
CA ASP A 24 -7.60 -16.59 -8.83
C ASP A 24 -8.68 -17.64 -8.61
N PRO A 25 -8.49 -18.82 -9.27
CA PRO A 25 -9.45 -19.90 -9.15
C PRO A 25 -9.31 -20.61 -7.79
N VAL A 26 -8.22 -20.31 -7.11
CA VAL A 26 -7.95 -20.89 -5.82
C VAL A 26 -7.58 -19.79 -4.83
N THR A 27 -6.48 -19.12 -5.13
CA THR A 27 -6.00 -18.04 -4.27
C THR A 27 -6.47 -16.68 -4.82
N GLY A 28 -7.77 -16.46 -4.70
CA GLY A 28 -8.35 -15.21 -5.17
C GLY A 28 -7.30 -14.11 -5.25
N PHE A 29 -6.97 -13.55 -4.10
CA PHE A 29 -5.98 -12.49 -4.03
C PHE A 29 -4.77 -12.93 -3.22
N GLY A 30 -5.02 -13.83 -2.29
CA GLY A 30 -3.95 -14.34 -1.43
C GLY A 30 -3.23 -13.19 -0.71
N ILE A 31 -4.01 -12.45 0.07
CA ILE A 31 -3.47 -11.34 0.82
C ILE A 31 -3.98 -11.39 2.26
N GLN A 32 -3.11 -11.00 3.17
CA GLN A 32 -3.46 -10.99 4.58
C GLN A 32 -3.22 -9.62 5.19
N LEU A 33 -4.23 -9.12 5.91
CA LEU A 33 -4.13 -7.82 6.55
C LEU A 33 -3.62 -8.00 7.98
N GLN A 34 -3.01 -6.93 8.49
CA GLN A 34 -2.49 -6.96 9.84
C GLN A 34 -3.28 -6.02 10.74
N GLY A 35 -3.40 -6.42 12.00
CA GLY A 35 -4.13 -5.61 12.97
C GLY A 35 -3.21 -5.12 14.09
N SER A 36 -3.82 -4.81 15.21
CA SER A 36 -3.07 -4.32 16.37
C SER A 36 -3.86 -4.56 17.65
N VAL A 37 -3.19 -4.36 18.77
CA VAL A 37 -3.81 -4.54 20.07
C VAL A 37 -4.22 -3.18 20.63
N PHE A 38 -3.37 -2.19 20.39
CA PHE A 38 -3.63 -0.85 20.87
C PHE A 38 -4.29 0.00 19.77
N ALA A 39 -5.31 0.74 20.17
CA ALA A 39 -6.03 1.59 19.25
C ALA A 39 -7.07 2.42 20.02
N THR A 40 -7.99 3.00 19.26
CA THR A 40 -9.03 3.81 19.86
C THR A 40 -10.40 3.39 19.33
N GLU A 41 -10.63 3.69 18.06
CA GLU A 41 -11.89 3.36 17.43
C GLU A 41 -11.69 2.19 16.46
N THR A 42 -10.58 2.23 15.74
CA THR A 42 -10.27 1.18 14.78
C THR A 42 -8.90 0.56 15.09
N LEU A 43 -8.11 0.40 14.05
CA LEU A 43 -6.79 -0.18 14.19
C LEU A 43 -5.76 0.95 14.37
N SER A 44 -6.28 2.15 14.62
CA SER A 44 -5.42 3.30 14.80
C SER A 44 -4.27 3.27 13.80
N SER A 45 -4.54 2.69 12.64
CA SER A 45 -3.54 2.58 11.60
C SER A 45 -4.13 1.88 10.37
N PRO A 46 -3.45 2.09 9.21
CA PRO A 46 -3.89 1.49 7.97
C PRO A 46 -3.58 -0.01 7.93
N PRO A 47 -4.42 -0.75 7.17
CA PRO A 47 -4.23 -2.19 7.05
C PRO A 47 -3.05 -2.51 6.13
N LEU A 48 -1.91 -2.79 6.75
CA LEU A 48 -0.71 -3.11 6.00
C LEU A 48 -0.75 -4.59 5.59
N ILE A 49 -0.21 -4.86 4.41
CA ILE A 49 -0.18 -6.21 3.89
C ILE A 49 0.60 -7.11 4.85
N SER A 50 -0.13 -7.77 5.74
CA SER A 50 0.49 -8.65 6.71
C SER A 50 1.35 -9.70 6.00
N TYR A 51 0.74 -10.37 5.04
CA TYR A 51 1.44 -11.40 4.28
C TYR A 51 0.90 -11.48 2.85
N ILE A 52 1.74 -12.00 1.97
CA ILE A 52 1.36 -12.15 0.58
C ILE A 52 1.39 -13.63 0.19
N GLU A 53 0.21 -14.21 0.09
CA GLU A 53 0.08 -15.62 -0.27
C GLU A 53 0.92 -15.92 -1.51
N ALA A 54 1.35 -17.17 -1.59
CA ALA A 54 2.16 -17.60 -2.73
C ALA A 54 1.25 -18.18 -3.80
N ASP A 55 1.79 -18.25 -5.02
CA ASP A 55 1.03 -18.77 -6.14
C ASP A 55 -0.24 -17.95 -6.33
N SER A 56 -0.24 -16.77 -5.73
CA SER A 56 -1.38 -15.88 -5.81
C SER A 56 -1.08 -14.74 -6.78
N PRO A 57 -2.16 -13.96 -7.12
CA PRO A 57 -2.01 -12.84 -8.03
C PRO A 57 -1.33 -11.66 -7.34
N ALA A 58 -1.34 -11.69 -6.03
CA ALA A 58 -0.72 -10.63 -5.24
C ALA A 58 0.80 -10.74 -5.35
N GLU A 59 1.25 -11.95 -5.68
CA GLU A 59 2.68 -12.20 -5.82
C GLU A 59 3.11 -12.00 -7.28
N ARG A 60 2.18 -12.27 -8.19
CA ARG A 60 2.46 -12.13 -9.60
C ARG A 60 3.01 -10.74 -9.89
N CYS A 61 2.17 -9.74 -9.67
CA CYS A 61 2.56 -8.36 -9.90
C CYS A 61 3.77 -8.05 -9.04
N GLY A 62 3.89 -8.80 -7.96
CA GLY A 62 5.00 -8.61 -7.03
C GLY A 62 5.34 -7.13 -6.88
N VAL A 63 4.32 -6.35 -6.56
CA VAL A 63 4.50 -4.92 -6.37
C VAL A 63 4.10 -4.54 -4.94
N LEU A 64 3.57 -5.52 -4.23
CA LEU A 64 3.15 -5.30 -2.86
C LEU A 64 4.25 -5.78 -1.91
N GLN A 65 4.49 -4.98 -0.88
CA GLN A 65 5.50 -5.30 0.10
C GLN A 65 4.85 -5.65 1.45
N ILE A 66 5.44 -6.64 2.11
CA ILE A 66 4.92 -7.08 3.40
C ILE A 66 4.84 -5.88 4.33
N GLY A 67 3.61 -5.44 4.58
CA GLY A 67 3.39 -4.30 5.45
C GLY A 67 3.26 -3.01 4.65
N ASP A 68 2.64 -3.13 3.49
CA ASP A 68 2.45 -1.98 2.61
C ASP A 68 1.68 -0.88 3.38
N ARG A 69 1.09 0.02 2.62
CA ARG A 69 0.32 1.11 3.19
C ARG A 69 -0.95 1.34 2.40
N VAL A 70 -1.73 0.26 2.26
CA VAL A 70 -2.98 0.33 1.53
C VAL A 70 -3.69 1.64 1.88
N MET A 71 -3.75 2.53 0.89
CA MET A 71 -4.40 3.82 1.08
C MET A 71 -5.92 3.68 0.95
N ALA A 72 -6.33 2.62 0.28
CA ALA A 72 -7.75 2.37 0.08
C ALA A 72 -7.94 1.03 -0.62
N ILE A 73 -9.14 0.51 -0.52
CA ILE A 73 -9.47 -0.77 -1.14
C ILE A 73 -10.70 -0.61 -2.03
N ASN A 74 -10.45 -0.57 -3.34
CA ASN A 74 -11.53 -0.43 -4.30
C ASN A 74 -12.15 0.97 -4.15
N GLY A 75 -11.42 1.84 -3.47
CA GLY A 75 -11.88 3.19 -3.25
C GLY A 75 -12.19 3.44 -1.78
N ILE A 76 -12.42 2.34 -1.07
CA ILE A 76 -12.73 2.42 0.35
C ILE A 76 -11.54 3.03 1.10
N PRO A 77 -11.84 4.05 1.94
CA PRO A 77 -10.81 4.72 2.71
C PRO A 77 -10.35 3.85 3.88
N THR A 78 -9.29 3.10 3.64
CA THR A 78 -8.74 2.22 4.65
C THR A 78 -8.25 3.04 5.85
N GLU A 79 -9.19 3.45 6.67
CA GLU A 79 -8.87 4.24 7.85
C GLU A 79 -10.14 4.54 8.66
N ASP A 80 -11.01 3.54 8.71
CA ASP A 80 -12.26 3.68 9.45
C ASP A 80 -13.07 2.40 9.31
N SER A 81 -12.47 1.30 9.75
CA SER A 81 -13.13 0.01 9.69
C SER A 81 -12.40 -0.99 10.60
N THR A 82 -12.74 -2.26 10.42
CA THR A 82 -12.13 -3.31 11.22
C THR A 82 -11.34 -4.26 10.33
N PHE A 83 -10.31 -4.85 10.91
CA PHE A 83 -9.46 -5.77 10.19
C PHE A 83 -10.30 -6.72 9.33
N GLU A 84 -11.53 -6.93 9.76
CA GLU A 84 -12.44 -7.80 9.04
C GLU A 84 -12.98 -7.10 7.78
N GLU A 85 -13.49 -5.89 8.00
CA GLU A 85 -14.03 -5.12 6.90
C GLU A 85 -13.16 -5.27 5.65
N ALA A 86 -11.94 -4.77 5.74
CA ALA A 86 -11.01 -4.85 4.63
C ALA A 86 -11.06 -6.26 4.04
N ASN A 87 -10.71 -7.23 4.87
CA ASN A 87 -10.71 -8.62 4.44
C ASN A 87 -11.99 -8.90 3.64
N GLN A 88 -13.09 -8.35 4.14
CA GLN A 88 -14.38 -8.54 3.50
C GLN A 88 -14.39 -7.85 2.12
N LEU A 89 -13.86 -6.64 2.11
CA LEU A 89 -13.80 -5.86 0.88
C LEU A 89 -13.20 -6.73 -0.23
N LEU A 90 -12.24 -7.57 0.17
CA LEU A 90 -11.58 -8.45 -0.78
C LEU A 90 -12.56 -9.54 -1.24
N ARG A 91 -13.05 -10.28 -0.26
CA ARG A 91 -14.00 -11.35 -0.54
C ARG A 91 -15.08 -10.86 -1.50
N ASP A 92 -15.65 -9.71 -1.18
CA ASP A 92 -16.69 -9.13 -2.00
C ASP A 92 -16.16 -8.91 -3.42
N SER A 93 -15.12 -8.10 -3.50
CA SER A 93 -14.51 -7.79 -4.78
C SER A 93 -14.34 -9.07 -5.60
N SER A 94 -14.01 -10.15 -4.89
CA SER A 94 -13.83 -11.44 -5.54
C SER A 94 -14.99 -11.71 -6.50
N ILE A 95 -16.11 -11.08 -6.22
CA ILE A 95 -17.30 -11.25 -7.04
C ILE A 95 -16.94 -10.91 -8.50
N THR A 96 -16.53 -9.68 -8.70
CA THR A 96 -16.17 -9.22 -10.03
C THR A 96 -14.81 -9.80 -10.44
N SER A 97 -14.23 -10.56 -9.53
CA SER A 97 -12.93 -11.17 -9.77
C SER A 97 -11.89 -10.10 -10.07
N LYS A 98 -12.07 -8.95 -9.43
CA LYS A 98 -11.15 -7.84 -9.62
C LYS A 98 -11.23 -6.91 -8.41
N VAL A 99 -10.06 -6.53 -7.92
CA VAL A 99 -9.98 -5.65 -6.77
C VAL A 99 -8.93 -4.56 -7.03
N THR A 100 -9.20 -3.37 -6.51
CA THR A 100 -8.30 -2.25 -6.69
C THR A 100 -7.72 -1.81 -5.34
N LEU A 101 -6.52 -2.30 -5.06
CA LEU A 101 -5.85 -1.96 -3.81
C LEU A 101 -4.97 -0.74 -4.03
N GLU A 102 -5.31 0.34 -3.33
CA GLU A 102 -4.56 1.57 -3.44
C GLU A 102 -3.33 1.53 -2.52
N ILE A 103 -2.16 1.64 -3.13
CA ILE A 103 -0.92 1.61 -2.38
C ILE A 103 -0.23 2.98 -2.49
N GLU A 104 0.72 3.20 -1.59
CA GLU A 104 1.46 4.45 -1.57
C GLU A 104 2.95 4.18 -1.48
N PHE A 105 3.69 4.79 -2.42
CA PHE A 105 5.13 4.63 -2.47
C PHE A 105 5.83 5.98 -2.63
N ASP A 106 7.14 5.93 -2.63
CA ASP A 106 7.94 7.14 -2.77
C ASP A 106 8.26 7.35 -4.25
N VAL A 107 8.55 8.60 -4.59
CA VAL A 107 8.87 8.96 -5.96
C VAL A 107 10.21 9.70 -5.98
N ALA A 108 10.98 9.44 -7.04
CA ALA A 108 12.27 10.09 -7.19
C ALA A 108 12.08 11.60 -7.36
N GLU A 109 12.84 12.34 -6.59
CA GLU A 109 12.77 13.79 -6.64
C GLU A 109 14.07 14.38 -7.19
N SER A 110 14.02 15.67 -7.50
CA SER A 110 15.18 16.36 -8.03
C SER A 110 15.93 17.07 -6.91
N VAL A 111 16.98 16.43 -6.44
CA VAL A 111 17.79 16.99 -5.36
C VAL A 111 19.17 16.32 -5.36
N ILE A 112 20.19 17.16 -5.34
CA ILE A 112 21.55 16.67 -5.33
C ILE A 112 21.76 15.73 -4.15
N PRO A 113 22.50 14.61 -4.41
CA PRO A 113 22.76 13.64 -3.37
C PRO A 113 23.81 14.15 -2.39
N SER A 114 24.15 13.30 -1.43
CA SER A 114 25.14 13.65 -0.42
C SER A 114 26.47 12.95 -0.73
N SER A 115 27.51 13.40 -0.05
CA SER A 115 28.83 12.84 -0.23
C SER A 115 29.39 12.35 1.11
N GLY A 116 29.49 11.04 1.24
CA GLY A 116 30.01 10.44 2.46
C GLY A 116 29.19 9.21 2.86
N SER A 117 29.30 8.18 2.05
CA SER A 117 28.58 6.95 2.30
C SER A 117 29.34 5.76 1.71
N GLY A 118 29.80 4.89 2.59
CA GLY A 118 30.55 3.72 2.18
C GLY A 118 30.02 2.45 2.87
N PRO A 119 28.82 2.02 2.42
CA PRO A 119 28.20 0.83 2.99
C PRO A 119 28.87 -0.44 2.49
N SER A 120 28.52 -1.55 3.13
CA SER A 120 29.10 -2.84 2.75
C SER A 120 28.40 -3.96 3.52
N SER A 121 27.36 -4.50 2.90
CA SER A 121 26.60 -5.58 3.51
C SER A 121 26.17 -5.17 4.92
N GLY A 122 24.95 -4.67 5.01
CA GLY A 122 24.39 -4.25 6.29
C GLY A 122 23.29 -3.21 6.10
N GLY A 1 -6.15 38.09 -7.76
CA GLY A 1 -4.89 37.37 -7.96
C GLY A 1 -4.44 37.44 -9.42
N SER A 2 -3.28 36.87 -9.68
CA SER A 2 -2.73 36.86 -11.01
C SER A 2 -2.98 35.50 -11.68
N SER A 3 -3.11 35.55 -13.00
CA SER A 3 -3.35 34.34 -13.77
C SER A 3 -2.04 33.77 -14.31
N GLY A 4 -2.01 32.47 -14.49
CA GLY A 4 -0.82 31.80 -15.00
C GLY A 4 0.22 31.63 -13.90
N SER A 5 0.26 30.43 -13.34
CA SER A 5 1.20 30.12 -12.28
C SER A 5 2.05 28.90 -12.67
N SER A 6 3.18 28.77 -12.00
CA SER A 6 4.08 27.66 -12.26
C SER A 6 3.71 26.46 -11.38
N GLY A 7 4.28 25.32 -11.73
CA GLY A 7 4.01 24.10 -10.99
C GLY A 7 5.28 23.59 -10.29
N ALA A 8 5.19 23.46 -8.98
CA ALA A 8 6.31 22.98 -8.20
C ALA A 8 5.81 22.47 -6.84
N GLY A 9 6.70 21.80 -6.13
CA GLY A 9 6.36 21.26 -4.82
C GLY A 9 7.62 20.77 -4.09
N GLN A 10 8.12 21.63 -3.23
CA GLN A 10 9.32 21.30 -2.46
C GLN A 10 9.17 19.93 -1.82
N VAL A 11 10.23 19.50 -1.16
CA VAL A 11 10.24 18.21 -0.50
C VAL A 11 9.75 17.14 -1.48
N VAL A 12 9.86 15.89 -1.04
CA VAL A 12 9.44 14.78 -1.87
C VAL A 12 7.92 14.65 -1.83
N HIS A 13 7.38 13.91 -2.79
CA HIS A 13 5.95 13.71 -2.87
C HIS A 13 5.63 12.22 -2.85
N THR A 14 4.37 11.91 -2.63
CA THR A 14 3.92 10.53 -2.59
C THR A 14 2.91 10.25 -3.69
N GLU A 15 3.10 9.12 -4.36
CA GLU A 15 2.22 8.73 -5.44
C GLU A 15 1.52 7.41 -5.11
N THR A 16 0.29 7.30 -5.56
CA THR A 16 -0.50 6.09 -5.31
C THR A 16 -0.56 5.24 -6.58
N THR A 17 -0.45 3.93 -6.38
CA THR A 17 -0.49 3.00 -7.49
C THR A 17 -1.73 2.12 -7.40
N GLU A 18 -2.26 1.76 -8.56
CA GLU A 18 -3.45 0.91 -8.62
C GLU A 18 -3.07 -0.50 -9.06
N VAL A 19 -3.42 -1.46 -8.21
CA VAL A 19 -3.13 -2.85 -8.50
C VAL A 19 -4.43 -3.60 -8.75
N VAL A 20 -4.63 -3.95 -10.02
CA VAL A 20 -5.83 -4.66 -10.42
C VAL A 20 -5.57 -6.16 -10.34
N LEU A 21 -6.14 -6.78 -9.32
CA LEU A 21 -5.98 -8.21 -9.11
C LEU A 21 -7.28 -8.93 -9.48
N THR A 22 -7.12 -10.01 -10.24
CA THR A 22 -8.27 -10.79 -10.66
C THR A 22 -8.44 -12.03 -9.78
N ALA A 23 -9.49 -12.00 -8.97
CA ALA A 23 -9.77 -13.11 -8.08
C ALA A 23 -9.57 -14.43 -8.83
N ASP A 24 -8.39 -15.01 -8.62
CA ASP A 24 -8.06 -16.27 -9.26
C ASP A 24 -9.18 -17.26 -9.05
N PRO A 25 -9.09 -18.42 -9.76
CA PRO A 25 -10.09 -19.45 -9.66
C PRO A 25 -9.96 -20.23 -8.34
N VAL A 26 -8.81 -20.04 -7.72
CA VAL A 26 -8.54 -20.71 -6.45
C VAL A 26 -8.07 -19.68 -5.42
N THR A 27 -6.94 -19.06 -5.73
CA THR A 27 -6.37 -18.05 -4.85
C THR A 27 -6.79 -16.65 -5.29
N GLY A 28 -8.07 -16.36 -5.12
CA GLY A 28 -8.61 -15.07 -5.52
C GLY A 28 -7.49 -14.01 -5.57
N PHE A 29 -7.27 -13.37 -4.45
CA PHE A 29 -6.25 -12.33 -4.36
C PHE A 29 -5.09 -12.79 -3.45
N GLY A 30 -5.42 -13.71 -2.56
CA GLY A 30 -4.42 -14.23 -1.64
C GLY A 30 -3.65 -13.09 -0.96
N ILE A 31 -4.38 -12.34 -0.13
CA ILE A 31 -3.79 -11.23 0.58
C ILE A 31 -4.22 -11.28 2.05
N GLN A 32 -3.31 -10.87 2.92
CA GLN A 32 -3.59 -10.86 4.34
C GLN A 32 -3.27 -9.49 4.94
N LEU A 33 -4.20 -9.01 5.75
CA LEU A 33 -4.04 -7.71 6.39
C LEU A 33 -3.58 -7.91 7.84
N GLN A 34 -3.11 -6.83 8.44
CA GLN A 34 -2.65 -6.88 9.82
C GLN A 34 -3.45 -5.89 10.68
N GLY A 35 -3.78 -6.33 11.88
CA GLY A 35 -4.54 -5.50 12.81
C GLY A 35 -3.74 -5.22 14.08
N SER A 36 -4.46 -5.09 15.18
CA SER A 36 -3.83 -4.83 16.46
C SER A 36 -4.72 -5.34 17.59
N VAL A 37 -4.13 -5.40 18.78
CA VAL A 37 -4.86 -5.87 19.95
C VAL A 37 -5.73 -4.73 20.49
N PHE A 38 -5.32 -3.52 20.19
CA PHE A 38 -6.06 -2.34 20.64
C PHE A 38 -6.47 -1.46 19.46
N ALA A 39 -7.13 -0.37 19.78
CA ALA A 39 -7.59 0.56 18.76
C ALA A 39 -8.56 1.57 19.38
N THR A 40 -9.05 2.46 18.54
CA THR A 40 -9.99 3.48 19.00
C THR A 40 -11.26 3.46 18.14
N GLU A 41 -11.11 3.93 16.91
CA GLU A 41 -12.24 3.97 15.99
C GLU A 41 -11.99 3.01 14.83
N THR A 42 -10.73 2.81 14.51
CA THR A 42 -10.35 1.92 13.43
C THR A 42 -9.00 1.27 13.71
N LEU A 43 -8.14 1.28 12.70
CA LEU A 43 -6.82 0.70 12.84
C LEU A 43 -5.78 1.81 12.97
N SER A 44 -6.28 3.04 13.09
CA SER A 44 -5.41 4.19 13.22
C SER A 44 -4.18 4.02 12.34
N SER A 45 -4.38 3.39 11.20
CA SER A 45 -3.30 3.15 10.25
C SER A 45 -3.76 2.22 9.14
N PRO A 46 -2.90 2.10 8.10
CA PRO A 46 -3.21 1.24 6.97
C PRO A 46 -3.02 -0.24 7.33
N PRO A 47 -3.85 -1.10 6.69
CA PRO A 47 -3.80 -2.53 6.93
C PRO A 47 -2.57 -3.15 6.25
N LEU A 48 -1.41 -2.89 6.84
CA LEU A 48 -0.17 -3.42 6.29
C LEU A 48 -0.41 -4.83 5.78
N ILE A 49 0.18 -5.12 4.63
CA ILE A 49 0.04 -6.44 4.03
C ILE A 49 0.72 -7.48 4.92
N SER A 50 -0.07 -8.09 5.78
CA SER A 50 0.44 -9.10 6.68
C SER A 50 1.20 -10.16 5.90
N TYR A 51 0.51 -10.79 4.97
CA TYR A 51 1.11 -11.83 4.15
C TYR A 51 0.50 -11.84 2.75
N ILE A 52 1.26 -12.41 1.82
CA ILE A 52 0.80 -12.50 0.44
C ILE A 52 0.80 -13.97 0.00
N GLU A 53 -0.40 -14.50 -0.18
CA GLU A 53 -0.55 -15.88 -0.59
C GLU A 53 0.30 -16.16 -1.83
N ALA A 54 0.75 -17.40 -1.93
CA ALA A 54 1.56 -17.80 -3.07
C ALA A 54 0.65 -18.20 -4.23
N ASP A 55 1.28 -18.39 -5.39
CA ASP A 55 0.55 -18.77 -6.58
C ASP A 55 -0.71 -17.91 -6.69
N SER A 56 -0.61 -16.71 -6.15
CA SER A 56 -1.73 -15.78 -6.18
C SER A 56 -1.41 -14.61 -7.12
N PRO A 57 -2.48 -13.85 -7.48
CA PRO A 57 -2.32 -12.70 -8.36
C PRO A 57 -1.69 -11.53 -7.62
N ALA A 58 -1.77 -11.59 -6.30
CA ALA A 58 -1.22 -10.53 -5.47
C ALA A 58 0.31 -10.62 -5.50
N GLU A 59 0.81 -11.84 -5.40
CA GLU A 59 2.25 -12.07 -5.41
C GLU A 59 2.79 -11.93 -6.83
N ARG A 60 1.93 -12.21 -7.79
CA ARG A 60 2.31 -12.12 -9.19
C ARG A 60 2.74 -10.69 -9.54
N CYS A 61 1.92 -9.74 -9.09
CA CYS A 61 2.20 -8.34 -9.35
C CYS A 61 3.59 -8.02 -8.78
N GLY A 62 3.83 -8.54 -7.58
CA GLY A 62 5.11 -8.31 -6.92
C GLY A 62 5.13 -6.95 -6.21
N VAL A 63 4.71 -5.94 -6.94
CA VAL A 63 4.66 -4.59 -6.39
C VAL A 63 4.14 -4.65 -4.95
N LEU A 64 3.29 -5.63 -4.70
CA LEU A 64 2.71 -5.81 -3.38
C LEU A 64 3.76 -6.39 -2.44
N GLN A 65 4.24 -5.55 -1.54
CA GLN A 65 5.26 -5.97 -0.58
C GLN A 65 4.62 -6.23 0.78
N ILE A 66 5.27 -7.09 1.56
CA ILE A 66 4.77 -7.43 2.88
C ILE A 66 4.93 -6.22 3.80
N GLY A 67 3.80 -5.75 4.31
CA GLY A 67 3.79 -4.60 5.20
C GLY A 67 3.76 -3.30 4.41
N ASP A 68 2.99 -3.31 3.33
CA ASP A 68 2.87 -2.14 2.48
C ASP A 68 1.82 -1.19 3.10
N ARG A 69 1.58 -0.10 2.38
CA ARG A 69 0.62 0.89 2.84
C ARG A 69 -0.50 1.05 1.80
N VAL A 70 -1.60 0.38 2.06
CA VAL A 70 -2.75 0.45 1.17
C VAL A 70 -3.74 1.49 1.69
N MET A 71 -4.04 2.46 0.83
CA MET A 71 -4.97 3.51 1.19
C MET A 71 -6.41 3.10 0.89
N ALA A 72 -6.55 2.15 -0.02
CA ALA A 72 -7.86 1.66 -0.40
C ALA A 72 -7.74 0.21 -0.88
N ILE A 73 -8.85 -0.50 -0.79
CA ILE A 73 -8.88 -1.90 -1.20
C ILE A 73 -9.90 -2.06 -2.34
N ASN A 74 -10.50 -0.94 -2.72
CA ASN A 74 -11.49 -0.95 -3.79
C ASN A 74 -12.19 0.40 -3.84
N GLY A 75 -11.38 1.45 -3.72
CA GLY A 75 -11.91 2.81 -3.76
C GLY A 75 -12.28 3.29 -2.35
N ILE A 76 -12.73 2.34 -1.55
CA ILE A 76 -13.13 2.65 -0.18
C ILE A 76 -11.89 3.08 0.62
N PRO A 77 -12.08 4.11 1.48
CA PRO A 77 -10.99 4.61 2.30
C PRO A 77 -10.70 3.66 3.45
N THR A 78 -9.67 2.84 3.26
CA THR A 78 -9.27 1.89 4.28
C THR A 78 -8.90 2.61 5.57
N GLU A 79 -9.93 2.89 6.37
CA GLU A 79 -9.73 3.56 7.64
C GLU A 79 -11.07 3.77 8.35
N ASP A 80 -12.07 4.10 7.55
CA ASP A 80 -13.41 4.33 8.08
C ASP A 80 -13.98 3.01 8.61
N SER A 81 -13.47 1.93 8.04
CA SER A 81 -13.92 0.60 8.44
C SER A 81 -12.95 0.00 9.46
N THR A 82 -13.07 -1.31 9.64
CA THR A 82 -12.21 -2.01 10.58
C THR A 82 -11.31 -3.00 9.83
N PHE A 83 -10.29 -3.47 10.54
CA PHE A 83 -9.35 -4.41 9.96
C PHE A 83 -10.08 -5.61 9.36
N GLU A 84 -11.25 -5.89 9.91
CA GLU A 84 -12.06 -7.01 9.44
C GLU A 84 -12.63 -6.69 8.05
N GLU A 85 -13.16 -5.48 7.92
CA GLU A 85 -13.74 -5.05 6.66
C GLU A 85 -12.77 -5.32 5.51
N ALA A 86 -11.56 -4.81 5.67
CA ALA A 86 -10.53 -4.99 4.66
C ALA A 86 -10.60 -6.41 4.11
N ASN A 87 -10.43 -7.37 5.01
CA ASN A 87 -10.47 -8.78 4.63
C ASN A 87 -11.77 -9.06 3.88
N GLN A 88 -12.86 -8.52 4.42
CA GLN A 88 -14.17 -8.71 3.81
C GLN A 88 -14.19 -8.12 2.40
N LEU A 89 -13.64 -6.92 2.28
CA LEU A 89 -13.59 -6.25 0.99
C LEU A 89 -13.20 -7.27 -0.09
N LEU A 90 -12.12 -7.99 0.17
CA LEU A 90 -11.64 -8.98 -0.77
C LEU A 90 -12.74 -10.01 -1.03
N ARG A 91 -13.14 -10.70 0.03
CA ARG A 91 -14.18 -11.70 -0.06
C ARG A 91 -15.29 -11.23 -1.01
N ASP A 92 -15.59 -9.94 -0.91
CA ASP A 92 -16.62 -9.35 -1.74
C ASP A 92 -16.06 -9.09 -3.14
N SER A 93 -14.90 -8.45 -3.17
CA SER A 93 -14.25 -8.13 -4.42
C SER A 93 -14.25 -9.36 -5.34
N SER A 94 -14.30 -10.53 -4.71
CA SER A 94 -14.31 -11.78 -5.44
C SER A 94 -15.45 -11.77 -6.46
N ILE A 95 -16.58 -11.23 -6.04
CA ILE A 95 -17.74 -11.15 -6.90
C ILE A 95 -17.33 -10.68 -8.29
N THR A 96 -17.01 -9.40 -8.38
CA THR A 96 -16.59 -8.82 -9.64
C THR A 96 -15.29 -9.46 -10.12
N SER A 97 -14.63 -10.16 -9.20
CA SER A 97 -13.39 -10.83 -9.51
C SER A 97 -12.30 -9.79 -9.82
N LYS A 98 -12.44 -8.64 -9.19
CA LYS A 98 -11.48 -7.56 -9.38
C LYS A 98 -11.44 -6.69 -8.13
N VAL A 99 -10.24 -6.23 -7.81
CA VAL A 99 -10.06 -5.38 -6.63
C VAL A 99 -9.07 -4.26 -6.97
N THR A 100 -9.25 -3.14 -6.30
CA THR A 100 -8.37 -1.99 -6.51
C THR A 100 -7.60 -1.65 -5.24
N LEU A 101 -6.37 -2.14 -5.19
CA LEU A 101 -5.51 -1.90 -4.04
C LEU A 101 -4.68 -0.64 -4.28
N GLU A 102 -5.00 0.39 -3.52
CA GLU A 102 -4.29 1.65 -3.64
C GLU A 102 -3.10 1.69 -2.67
N ILE A 103 -1.91 1.51 -3.22
CA ILE A 103 -0.71 1.52 -2.42
C ILE A 103 -0.03 2.90 -2.54
N GLU A 104 0.83 3.17 -1.58
CA GLU A 104 1.54 4.44 -1.56
C GLU A 104 3.02 4.21 -1.26
N PHE A 105 3.86 5.05 -1.88
CA PHE A 105 5.29 4.96 -1.69
C PHE A 105 5.93 6.34 -1.67
N ASP A 106 7.25 6.34 -1.52
CA ASP A 106 8.00 7.59 -1.48
C ASP A 106 8.74 7.77 -2.80
N VAL A 107 8.36 8.82 -3.52
CA VAL A 107 8.99 9.11 -4.80
C VAL A 107 10.42 9.60 -4.56
N ALA A 108 11.25 9.42 -5.57
CA ALA A 108 12.64 9.83 -5.50
C ALA A 108 12.76 11.30 -5.93
N GLU A 109 13.79 11.95 -5.41
CA GLU A 109 14.03 13.35 -5.73
C GLU A 109 15.35 13.51 -6.48
N SER A 110 15.46 14.62 -7.20
CA SER A 110 16.66 14.89 -7.96
C SER A 110 17.79 15.33 -7.02
N VAL A 111 18.72 14.42 -6.80
CA VAL A 111 19.85 14.70 -5.93
C VAL A 111 20.96 15.38 -6.74
N ILE A 112 21.62 16.33 -6.09
CA ILE A 112 22.70 17.06 -6.74
C ILE A 112 23.75 16.07 -7.24
N PRO A 113 24.21 16.31 -8.50
CA PRO A 113 25.21 15.45 -9.10
C PRO A 113 26.59 15.71 -8.51
N SER A 114 27.08 14.73 -7.76
CA SER A 114 28.38 14.83 -7.12
C SER A 114 28.77 13.50 -6.50
N SER A 115 29.31 12.62 -7.33
CA SER A 115 29.74 11.31 -6.87
C SER A 115 30.41 10.54 -8.01
N GLY A 116 31.70 10.31 -7.84
CA GLY A 116 32.47 9.59 -8.84
C GLY A 116 31.70 8.37 -9.36
N SER A 117 31.59 8.30 -10.68
CA SER A 117 30.88 7.20 -11.32
C SER A 117 31.44 5.86 -10.83
N GLY A 118 30.55 4.89 -10.71
CA GLY A 118 30.94 3.57 -10.26
C GLY A 118 30.00 3.07 -9.16
N PRO A 119 28.89 2.41 -9.60
CA PRO A 119 27.91 1.88 -8.67
C PRO A 119 28.44 0.62 -7.98
N SER A 120 29.06 -0.23 -8.78
CA SER A 120 29.62 -1.48 -8.27
C SER A 120 28.65 -2.11 -7.26
N SER A 121 27.64 -2.78 -7.81
CA SER A 121 26.65 -3.43 -6.96
C SER A 121 26.87 -4.94 -6.95
N GLY A 122 27.24 -5.45 -5.79
CA GLY A 122 27.48 -6.88 -5.64
C GLY A 122 28.57 -7.35 -6.61
#